data_4ZZC
#
_entry.id   4ZZC
#
_cell.length_a   180.000
_cell.length_b   132.820
_cell.length_c   159.150
_cell.angle_alpha   90.00
_cell.angle_beta   101.88
_cell.angle_gamma   90.00
#
_symmetry.space_group_name_H-M   'C 1 2 1'
#
loop_
_entity.id
_entity.type
_entity.pdbx_description
1 polymer 'Proton-gated ion channel'
2 non-polymer 'ACETATE ION'
3 non-polymer 'DIUNDECYL PHOSPHATIDYL CHOLINE'
4 non-polymer 'CHLORIDE ION'
5 non-polymer 'SODIUM ION'
6 non-polymer DODECYL-BETA-D-MALTOSIDE
7 non-polymer XENON
8 water water
#
_entity_poly.entity_id   1
_entity_poly.type   'polypeptide(L)'
_entity_poly.pdbx_seq_one_letter_code
;GQDMVSPPPPIADEPLTVNTGIYLIECYSLDDKAETFKVNAFLSLSWKDRRLAFDPVRSGVRVKTYEPEAIWIPEIRFVN
VENARDADVVDISVSPDGTVQYLERFSARVLSPLDFRRYPFDSQTLHIYLIVRSVDTRNIVLAVDLEKVGKNDDVFLTGW
DIESFTAVVKPANFALEDRLESKLDYQLRISRQYFSYIPNIILPMLFILFISWTAFWSTSYEANVTLVVSTLIAHIAFNI
LVETNLPKTPYMTYTGAIIFMIYLFYFVAVIEVTVQHYLKVESQPARAASITRASRIAFPVVFLLANIILAFLFFGF
;
_entity_poly.pdbx_strand_id   A,B,C,D,E
#
# COMPACT_ATOMS: atom_id res chain seq x y z
N VAL A 5 -7.76 41.15 -12.79
CA VAL A 5 -6.50 41.70 -12.27
C VAL A 5 -5.34 41.50 -13.25
N SER A 6 -4.43 42.48 -13.28
CA SER A 6 -3.25 42.50 -14.15
C SER A 6 -1.97 42.66 -13.31
N PRO A 7 -0.74 42.39 -13.82
CA PRO A 7 0.45 42.57 -12.97
C PRO A 7 0.88 44.02 -12.79
N PRO A 8 1.73 44.37 -11.78
CA PRO A 8 2.16 45.77 -11.63
C PRO A 8 2.91 46.28 -12.85
N PRO A 9 2.67 47.54 -13.27
CA PRO A 9 3.37 48.05 -14.45
C PRO A 9 4.79 48.50 -14.13
N PRO A 10 5.75 48.36 -15.08
CA PRO A 10 7.13 48.79 -14.79
C PRO A 10 7.33 50.30 -14.84
N ILE A 11 8.07 50.85 -13.87
CA ILE A 11 8.40 52.28 -13.86
C ILE A 11 9.27 52.63 -15.07
N ALA A 12 10.22 51.73 -15.42
CA ALA A 12 11.11 51.86 -16.55
C ALA A 12 10.86 50.71 -17.55
N ASP A 13 11.64 49.61 -17.38
CA ASP A 13 11.55 48.41 -18.20
C ASP A 13 12.04 47.21 -17.40
N GLU A 14 12.34 47.46 -16.10
CA GLU A 14 12.84 46.52 -15.11
C GLU A 14 11.90 45.33 -14.86
N PRO A 15 12.42 44.11 -14.60
CA PRO A 15 11.52 43.00 -14.28
C PRO A 15 11.05 43.10 -12.83
N LEU A 16 9.89 42.48 -12.54
CA LEU A 16 9.30 42.46 -11.20
C LEU A 16 10.04 41.42 -10.32
N THR A 17 10.61 41.88 -9.20
CA THR A 17 11.33 41.03 -8.26
C THR A 17 10.39 40.52 -7.15
N VAL A 18 10.15 39.22 -7.16
CA VAL A 18 9.32 38.58 -6.14
C VAL A 18 10.26 37.93 -5.14
N ASN A 19 10.25 38.48 -3.92
CA ASN A 19 11.06 38.01 -2.80
C ASN A 19 10.41 36.83 -2.12
N THR A 20 11.17 35.73 -2.07
CA THR A 20 10.71 34.46 -1.55
C THR A 20 11.39 34.06 -0.24
N GLY A 21 10.73 33.13 0.44
CA GLY A 21 11.16 32.53 1.70
C GLY A 21 10.41 31.25 1.98
N ILE A 22 11.11 30.23 2.49
CA ILE A 22 10.51 28.96 2.86
C ILE A 22 10.93 28.67 4.29
N TYR A 23 9.96 28.48 5.19
CA TYR A 23 10.23 28.14 6.57
C TYR A 23 9.63 26.78 6.83
N LEU A 24 10.50 25.74 6.92
CA LEU A 24 10.10 24.33 7.12
C LEU A 24 9.49 24.11 8.48
N ILE A 25 8.23 23.64 8.49
CA ILE A 25 7.47 23.35 9.70
C ILE A 25 7.62 21.88 10.05
N GLU A 26 7.44 20.98 9.04
CA GLU A 26 7.55 19.52 9.20
C GLU A 26 8.25 18.87 8.02
N CYS A 27 9.12 17.92 8.33
CA CYS A 27 9.79 17.10 7.35
C CYS A 27 9.51 15.69 7.69
N TYR A 28 9.04 14.93 6.70
CA TYR A 28 8.65 13.54 6.91
C TYR A 28 8.71 12.72 5.62
N SER A 29 8.46 11.42 5.76
CA SER A 29 8.34 10.41 4.72
C SER A 29 9.39 10.51 3.60
N LEU A 30 10.69 10.28 3.95
CA LEU A 30 11.73 10.22 2.94
C LEU A 30 11.77 8.77 2.40
N ASP A 31 11.15 8.58 1.23
CA ASP A 31 11.06 7.30 0.54
C ASP A 31 12.32 7.14 -0.30
N ASP A 32 13.13 6.14 0.02
CA ASP A 32 14.38 5.90 -0.70
C ASP A 32 14.18 5.36 -2.09
N LYS A 33 13.27 4.37 -2.23
CA LYS A 33 12.94 3.76 -3.51
C LYS A 33 12.28 4.80 -4.43
N ALA A 34 11.32 5.58 -3.88
CA ALA A 34 10.62 6.61 -4.65
C ALA A 34 11.44 7.87 -4.87
N GLU A 35 12.48 8.12 -4.04
CA GLU A 35 13.32 9.32 -4.07
C GLU A 35 12.45 10.57 -3.85
N THR A 36 11.50 10.46 -2.90
CA THR A 36 10.57 11.53 -2.51
C THR A 36 10.65 11.80 -1.00
N PHE A 37 10.13 12.96 -0.60
CA PHE A 37 9.99 13.40 0.77
C PHE A 37 8.80 14.34 0.84
N LYS A 38 8.10 14.28 1.96
CA LYS A 38 6.93 15.10 2.15
C LYS A 38 7.36 16.27 3.03
N VAL A 39 6.79 17.46 2.76
CA VAL A 39 7.14 18.67 3.48
C VAL A 39 5.92 19.52 3.82
N ASN A 40 5.91 20.09 5.03
CA ASN A 40 4.88 21.04 5.49
C ASN A 40 5.67 22.29 5.84
N ALA A 41 5.39 23.40 5.13
CA ALA A 41 6.15 24.61 5.31
C ALA A 41 5.38 25.88 5.01
N PHE A 42 5.98 27.02 5.38
CA PHE A 42 5.45 28.34 5.11
C PHE A 42 6.16 28.84 3.88
N LEU A 43 5.40 29.45 2.99
CA LEU A 43 5.95 30.11 1.81
C LEU A 43 5.53 31.55 1.96
N SER A 44 6.51 32.44 1.82
CA SER A 44 6.32 33.87 1.89
C SER A 44 6.70 34.50 0.55
N LEU A 45 5.87 35.44 0.07
CA LEU A 45 6.12 36.16 -1.17
C LEU A 45 5.97 37.66 -0.97
N SER A 46 6.90 38.46 -1.54
CA SER A 46 6.87 39.91 -1.41
C SER A 46 7.29 40.61 -2.69
N TRP A 47 6.47 41.57 -3.13
CA TRP A 47 6.69 42.35 -4.34
C TRP A 47 6.08 43.71 -4.17
N LYS A 48 6.54 44.68 -4.98
CA LYS A 48 6.02 46.05 -4.93
C LYS A 48 4.95 46.25 -6.01
N ASP A 49 3.77 46.67 -5.59
CA ASP A 49 2.65 47.00 -6.47
C ASP A 49 2.16 48.41 -6.15
N ARG A 50 2.66 49.40 -6.92
CA ARG A 50 2.36 50.83 -6.81
C ARG A 50 0.87 51.16 -6.80
N ARG A 51 0.07 50.46 -7.62
CA ARG A 51 -1.39 50.57 -7.74
C ARG A 51 -2.11 50.36 -6.40
N LEU A 52 -1.45 49.64 -5.47
CA LEU A 52 -1.94 49.33 -4.12
C LEU A 52 -1.42 50.31 -3.06
N ALA A 53 -0.45 51.19 -3.42
CA ALA A 53 0.11 52.19 -2.50
C ALA A 53 -0.99 53.13 -1.98
N PHE A 54 -0.80 53.64 -0.75
CA PHE A 54 -1.76 54.49 -0.05
C PHE A 54 -1.08 55.44 0.94
N ASP A 55 -1.80 56.50 1.37
CA ASP A 55 -1.31 57.47 2.36
C ASP A 55 -1.79 57.04 3.76
N PRO A 56 -0.88 56.89 4.76
CA PRO A 56 -1.32 56.44 6.09
C PRO A 56 -2.22 57.41 6.85
N VAL A 57 -2.01 58.73 6.65
CA VAL A 57 -2.75 59.83 7.29
C VAL A 57 -4.24 59.81 6.85
N ARG A 58 -4.49 59.86 5.52
CA ARG A 58 -5.80 59.83 4.89
C ARG A 58 -6.58 58.55 5.19
N SER A 59 -5.96 57.38 4.95
CA SER A 59 -6.56 56.07 5.15
C SER A 59 -6.80 55.73 6.62
N GLY A 60 -5.96 56.26 7.51
CA GLY A 60 -6.04 56.02 8.94
C GLY A 60 -5.49 54.69 9.38
N VAL A 61 -4.89 53.92 8.44
CA VAL A 61 -4.26 52.61 8.66
C VAL A 61 -2.83 52.54 8.10
N ARG A 62 -1.92 51.87 8.82
CA ARG A 62 -0.52 51.74 8.39
C ARG A 62 -0.29 50.48 7.55
N VAL A 63 -1.29 49.58 7.55
CA VAL A 63 -1.31 48.30 6.83
C VAL A 63 -2.71 48.00 6.31
N LYS A 64 -2.80 47.40 5.11
CA LYS A 64 -4.07 47.03 4.49
C LYS A 64 -4.07 45.54 4.17
N THR A 65 -5.09 44.82 4.67
CA THR A 65 -5.27 43.39 4.47
C THR A 65 -6.26 43.13 3.33
N TYR A 66 -5.89 42.23 2.41
CA TYR A 66 -6.74 41.85 1.27
C TYR A 66 -6.93 40.33 1.21
N GLU A 67 -7.89 39.91 0.37
CA GLU A 67 -8.22 38.52 0.05
C GLU A 67 -7.45 38.20 -1.25
N PRO A 68 -6.95 36.95 -1.42
CA PRO A 68 -6.18 36.62 -2.63
C PRO A 68 -6.80 37.03 -3.97
N GLU A 69 -8.14 36.86 -4.08
CA GLU A 69 -8.94 37.20 -5.25
C GLU A 69 -8.97 38.70 -5.54
N ALA A 70 -8.93 39.53 -4.48
CA ALA A 70 -8.98 40.99 -4.55
C ALA A 70 -7.80 41.65 -5.27
N ILE A 71 -6.57 41.15 -5.03
CA ILE A 71 -5.35 41.74 -5.60
C ILE A 71 -4.58 40.79 -6.52
N TRP A 72 -3.62 41.34 -7.30
CA TRP A 72 -2.78 40.56 -8.20
C TRP A 72 -1.72 39.80 -7.41
N ILE A 73 -1.66 38.47 -7.61
CA ILE A 73 -0.71 37.58 -6.94
C ILE A 73 0.07 36.76 -7.98
N PRO A 74 1.43 36.76 -7.89
CA PRO A 74 2.23 36.01 -8.86
C PRO A 74 2.05 34.51 -8.77
N GLU A 75 1.88 33.87 -9.94
CA GLU A 75 1.69 32.43 -10.07
C GLU A 75 3.01 31.68 -9.83
N ILE A 76 3.29 31.39 -8.55
CA ILE A 76 4.50 30.69 -8.11
C ILE A 76 4.23 29.21 -8.03
N ARG A 77 5.11 28.42 -8.64
CA ARG A 77 4.97 26.97 -8.63
C ARG A 77 6.25 26.29 -8.16
N PHE A 78 6.15 24.99 -7.86
CA PHE A 78 7.30 24.17 -7.51
C PHE A 78 7.56 23.31 -8.70
N VAL A 79 8.82 23.17 -9.06
CA VAL A 79 9.17 22.38 -10.23
C VAL A 79 9.00 20.88 -9.94
N ASN A 80 9.77 20.39 -8.94
CA ASN A 80 9.90 18.99 -8.57
C ASN A 80 8.84 18.48 -7.57
N VAL A 81 7.56 18.75 -7.84
CA VAL A 81 6.47 18.23 -7.03
C VAL A 81 5.68 17.18 -7.80
N GLU A 82 5.11 16.19 -7.09
CA GLU A 82 4.31 15.13 -7.71
C GLU A 82 3.00 15.74 -8.24
N ASN A 83 2.21 16.35 -7.34
CA ASN A 83 0.99 17.07 -7.69
C ASN A 83 1.14 18.51 -7.18
N ALA A 84 0.20 19.40 -7.53
CA ALA A 84 0.22 20.80 -7.09
C ALA A 84 0.08 20.85 -5.56
N ARG A 85 0.91 21.71 -4.92
CA ARG A 85 0.95 21.92 -3.47
C ARG A 85 -0.42 22.23 -2.87
N ASP A 86 -0.73 21.59 -1.73
CA ASP A 86 -1.93 21.82 -0.96
C ASP A 86 -1.58 23.08 -0.19
N ALA A 87 -2.16 24.22 -0.60
CA ALA A 87 -1.85 25.51 0.00
C ALA A 87 -3.05 26.22 0.56
N ASP A 88 -2.82 26.91 1.69
CA ASP A 88 -3.82 27.71 2.38
C ASP A 88 -3.19 29.04 2.74
N VAL A 89 -3.72 30.12 2.15
CA VAL A 89 -3.21 31.47 2.37
C VAL A 89 -3.43 31.85 3.83
N VAL A 90 -2.33 32.28 4.49
CA VAL A 90 -2.30 32.68 5.89
C VAL A 90 -2.59 34.19 5.99
N ASP A 91 -1.82 35.02 5.28
CA ASP A 91 -1.98 36.47 5.31
C ASP A 91 -1.40 37.20 4.09
N ILE A 92 -2.07 38.31 3.72
CA ILE A 92 -1.69 39.24 2.65
C ILE A 92 -1.76 40.64 3.29
N SER A 93 -0.68 41.42 3.17
CA SER A 93 -0.59 42.75 3.78
C SER A 93 0.12 43.75 2.87
N VAL A 94 -0.47 44.95 2.75
CA VAL A 94 0.09 46.01 1.92
C VAL A 94 0.65 47.11 2.80
N SER A 95 1.89 47.50 2.54
CA SER A 95 2.55 48.59 3.25
C SER A 95 2.16 49.90 2.50
N PRO A 96 2.31 51.11 3.11
CA PRO A 96 1.87 52.33 2.41
C PRO A 96 2.48 52.54 1.02
N ASP A 97 3.74 52.10 0.81
CA ASP A 97 4.42 52.22 -0.49
C ASP A 97 3.98 51.15 -1.52
N GLY A 98 3.08 50.27 -1.11
CA GLY A 98 2.54 49.23 -1.98
C GLY A 98 3.30 47.94 -1.96
N THR A 99 4.16 47.71 -0.94
CA THR A 99 4.92 46.45 -0.84
C THR A 99 4.04 45.36 -0.23
N VAL A 100 3.60 44.45 -1.11
CA VAL A 100 2.76 43.32 -0.75
C VAL A 100 3.59 42.27 -0.01
N GLN A 101 3.06 41.78 1.12
CA GLN A 101 3.64 40.73 1.94
C GLN A 101 2.60 39.65 2.07
N TYR A 102 2.79 38.59 1.26
CA TYR A 102 1.98 37.38 1.15
C TYR A 102 2.65 36.26 1.93
N LEU A 103 1.82 35.41 2.56
CA LEU A 103 2.21 34.21 3.30
C LEU A 103 1.15 33.12 3.15
N GLU A 104 1.61 31.89 2.90
CA GLU A 104 0.77 30.69 2.75
C GLU A 104 1.45 29.53 3.43
N ARG A 105 0.65 28.56 3.89
CA ARG A 105 1.19 27.34 4.45
C ARG A 105 0.90 26.22 3.46
N PHE A 106 1.91 25.42 3.13
CA PHE A 106 1.73 24.36 2.16
C PHE A 106 2.28 23.04 2.62
N SER A 107 1.88 21.99 1.90
CA SER A 107 2.34 20.63 2.06
C SER A 107 2.56 20.12 0.63
N ALA A 108 3.68 19.42 0.41
CA ALA A 108 4.01 18.87 -0.90
C ALA A 108 4.83 17.60 -0.80
N ARG A 109 4.69 16.72 -1.81
CA ARG A 109 5.54 15.51 -1.93
C ARG A 109 6.50 15.90 -3.04
N VAL A 110 7.76 16.11 -2.64
CA VAL A 110 8.84 16.58 -3.48
C VAL A 110 9.68 15.43 -4.04
N LEU A 111 10.03 15.48 -5.34
CA LEU A 111 10.89 14.52 -6.01
C LEU A 111 12.30 15.06 -6.01
N SER A 112 13.22 14.39 -5.33
CA SER A 112 14.62 14.80 -5.39
C SER A 112 15.45 13.53 -5.52
N PRO A 113 16.24 13.40 -6.61
CA PRO A 113 17.09 12.21 -6.74
C PRO A 113 18.11 12.07 -5.61
N LEU A 114 18.42 10.81 -5.27
CA LEU A 114 19.33 10.47 -4.19
C LEU A 114 20.52 9.69 -4.70
N ASP A 115 21.72 9.91 -4.10
CA ASP A 115 22.95 9.24 -4.49
C ASP A 115 23.31 8.15 -3.47
N PHE A 116 22.99 6.89 -3.83
CA PHE A 116 23.17 5.74 -2.95
C PHE A 116 24.58 5.12 -2.94
N ARG A 117 25.54 5.70 -3.71
CA ARG A 117 26.92 5.22 -3.82
C ARG A 117 27.59 4.92 -2.47
N ARG A 118 27.39 5.77 -1.45
CA ARG A 118 28.00 5.54 -0.13
C ARG A 118 27.04 4.96 0.94
N TYR A 119 25.84 4.47 0.53
CA TYR A 119 24.84 3.87 1.42
C TYR A 119 25.41 2.71 2.32
N PRO A 120 25.04 2.61 3.63
CA PRO A 120 24.15 3.50 4.38
C PRO A 120 24.86 4.69 5.04
N PHE A 121 26.09 5.03 4.57
CA PHE A 121 26.92 6.13 5.11
C PHE A 121 26.88 7.34 4.19
N ASP A 122 25.78 7.51 3.47
CA ASP A 122 25.58 8.58 2.49
C ASP A 122 24.91 9.80 3.09
N SER A 123 25.16 10.95 2.45
CA SER A 123 24.56 12.24 2.76
C SER A 123 23.88 12.71 1.49
N GLN A 124 22.75 13.40 1.66
CA GLN A 124 21.97 13.89 0.54
C GLN A 124 21.77 15.40 0.60
N THR A 125 21.34 15.97 -0.52
CA THR A 125 20.96 17.38 -0.66
C THR A 125 19.59 17.38 -1.33
N LEU A 126 18.56 17.58 -0.52
CA LEU A 126 17.21 17.62 -1.05
C LEU A 126 16.98 19.00 -1.63
N HIS A 127 16.20 19.07 -2.72
CA HIS A 127 15.93 20.32 -3.40
C HIS A 127 14.45 20.65 -3.48
N ILE A 128 14.14 21.95 -3.42
CA ILE A 128 12.82 22.51 -3.62
C ILE A 128 13.03 23.65 -4.63
N TYR A 129 12.54 23.43 -5.84
CA TYR A 129 12.67 24.42 -6.88
C TYR A 129 11.44 25.25 -7.00
N LEU A 130 11.58 26.55 -6.71
CA LEU A 130 10.54 27.55 -6.84
C LEU A 130 10.66 28.14 -8.23
N ILE A 131 9.53 28.27 -8.93
CA ILE A 131 9.56 28.81 -10.29
C ILE A 131 8.41 29.79 -10.54
N VAL A 132 8.69 30.81 -11.39
CA VAL A 132 7.70 31.80 -11.85
C VAL A 132 7.82 32.00 -13.38
N ARG A 133 6.69 31.96 -14.09
CA ARG A 133 6.69 32.19 -15.52
C ARG A 133 6.32 33.63 -15.79
N SER A 134 7.07 34.31 -16.65
CA SER A 134 6.76 35.70 -16.98
C SER A 134 5.52 35.80 -17.87
N VAL A 135 4.83 36.94 -17.76
CA VAL A 135 3.61 37.27 -18.50
C VAL A 135 3.95 38.20 -19.68
N ASP A 136 3.11 38.17 -20.74
CA ASP A 136 3.34 38.96 -21.96
C ASP A 136 3.62 40.44 -21.70
N THR A 137 3.00 41.00 -20.66
CA THR A 137 3.16 42.40 -20.27
C THR A 137 4.51 42.62 -19.55
N ARG A 138 4.85 41.82 -18.51
CA ARG A 138 6.13 42.06 -17.86
C ARG A 138 6.83 40.77 -17.34
N ASN A 139 8.18 40.85 -17.27
CA ASN A 139 9.10 39.80 -16.81
C ASN A 139 9.17 39.73 -15.30
N ILE A 140 9.09 38.51 -14.76
CA ILE A 140 9.13 38.24 -13.32
C ILE A 140 10.35 37.38 -12.97
N VAL A 141 11.15 37.92 -12.03
CA VAL A 141 12.39 37.38 -11.51
C VAL A 141 12.24 37.10 -10.01
N LEU A 142 12.71 35.92 -9.55
CA LEU A 142 12.66 35.52 -8.15
C LEU A 142 13.91 35.93 -7.37
N ALA A 143 13.72 36.24 -6.09
CA ALA A 143 14.77 36.64 -5.15
C ALA A 143 14.55 35.89 -3.85
N VAL A 144 15.58 35.81 -3.02
CA VAL A 144 15.55 35.13 -1.72
C VAL A 144 15.66 36.19 -0.62
N ASP A 145 14.71 36.21 0.33
CA ASP A 145 14.80 37.06 1.51
C ASP A 145 15.27 36.11 2.58
N LEU A 146 16.58 36.13 2.89
CA LEU A 146 17.22 35.22 3.84
C LEU A 146 16.62 35.31 5.24
N GLU A 147 16.05 36.48 5.60
CA GLU A 147 15.39 36.72 6.88
C GLU A 147 14.10 35.88 7.01
N LYS A 148 13.60 35.38 5.87
CA LYS A 148 12.35 34.61 5.80
C LYS A 148 12.54 33.15 5.32
N VAL A 149 13.80 32.68 5.32
CA VAL A 149 14.20 31.30 4.97
C VAL A 149 14.70 30.65 6.26
N GLY A 150 14.07 29.56 6.67
CA GLY A 150 14.45 28.85 7.87
C GLY A 150 13.76 27.52 8.08
N LYS A 151 13.80 27.02 9.33
CA LYS A 151 13.17 25.75 9.73
C LYS A 151 12.95 25.69 11.24
N ASN A 152 11.88 24.99 11.63
CA ASN A 152 11.52 24.76 13.03
C ASN A 152 12.63 23.92 13.68
N ASP A 153 12.94 24.20 14.96
CA ASP A 153 13.98 23.49 15.73
C ASP A 153 13.59 22.03 15.98
N ASP A 154 12.28 21.77 16.05
CA ASP A 154 11.67 20.46 16.25
C ASP A 154 11.63 19.61 14.96
N VAL A 155 11.91 20.21 13.77
CA VAL A 155 11.92 19.48 12.48
C VAL A 155 12.82 18.24 12.57
N PHE A 156 12.21 17.06 12.41
CA PHE A 156 12.91 15.79 12.47
C PHE A 156 12.53 14.92 11.27
N LEU A 157 13.52 14.33 10.61
CA LEU A 157 13.32 13.43 9.49
C LEU A 157 13.85 12.09 9.99
N THR A 158 12.94 11.13 10.20
CA THR A 158 13.20 9.79 10.74
C THR A 158 14.33 9.08 9.97
N GLY A 159 15.34 8.61 10.70
CA GLY A 159 16.51 7.92 10.15
C GLY A 159 17.51 8.83 9.45
N TRP A 160 17.36 10.14 9.63
CA TRP A 160 18.20 11.16 9.01
C TRP A 160 18.53 12.28 9.97
N ASP A 161 19.71 12.88 9.76
CA ASP A 161 20.18 14.04 10.51
C ASP A 161 20.05 15.23 9.55
N ILE A 162 19.36 16.29 9.99
CA ILE A 162 19.18 17.48 9.16
C ILE A 162 20.33 18.43 9.43
N GLU A 163 21.17 18.67 8.43
CA GLU A 163 22.33 19.56 8.57
C GLU A 163 21.97 21.04 8.39
N SER A 164 21.58 21.41 7.14
CA SER A 164 21.25 22.78 6.78
C SER A 164 20.03 22.89 5.87
N PHE A 165 19.47 24.12 5.79
CA PHE A 165 18.39 24.51 4.91
C PHE A 165 18.71 25.90 4.44
N THR A 166 19.20 26.01 3.22
CA THR A 166 19.60 27.27 2.63
C THR A 166 19.02 27.40 1.21
N ALA A 167 19.11 28.60 0.64
CA ALA A 167 18.65 28.86 -0.71
C ALA A 167 19.79 29.47 -1.52
N VAL A 168 19.90 29.03 -2.79
CA VAL A 168 20.88 29.56 -3.73
C VAL A 168 20.25 30.87 -4.21
N VAL A 169 20.73 32.00 -3.61
CA VAL A 169 20.25 33.37 -3.76
C VAL A 169 20.14 33.87 -5.22
N LYS A 170 21.03 33.41 -6.11
CA LYS A 170 21.01 33.77 -7.53
C LYS A 170 20.09 32.81 -8.31
N PRO A 171 18.97 33.32 -8.86
CA PRO A 171 18.03 32.44 -9.58
C PRO A 171 18.52 31.99 -10.94
N ALA A 172 18.05 30.82 -11.39
CA ALA A 172 18.37 30.28 -12.70
C ALA A 172 17.31 30.79 -13.67
N ASN A 173 17.64 31.88 -14.39
CA ASN A 173 16.74 32.49 -15.34
C ASN A 173 16.98 31.89 -16.71
N PHE A 174 15.91 31.35 -17.32
CA PHE A 174 15.99 30.65 -18.59
C PHE A 174 14.72 30.81 -19.42
N ALA A 175 14.85 30.59 -20.74
CA ALA A 175 13.75 30.62 -21.69
C ALA A 175 13.10 29.23 -21.75
N LEU A 176 11.77 29.23 -21.76
CA LEU A 176 10.95 28.01 -21.89
C LEU A 176 9.68 28.45 -22.61
N GLU A 177 9.44 27.88 -23.81
CA GLU A 177 8.31 28.18 -24.69
C GLU A 177 8.15 29.70 -24.95
N ASP A 178 9.27 30.37 -25.27
CA ASP A 178 9.42 31.79 -25.59
C ASP A 178 9.04 32.75 -24.43
N ARG A 179 9.03 32.25 -23.18
CA ARG A 179 8.77 33.06 -22.00
C ARG A 179 9.81 32.79 -20.93
N LEU A 180 10.23 33.86 -20.26
CA LEU A 180 11.25 33.79 -19.23
C LEU A 180 10.72 33.15 -17.95
N GLU A 181 11.47 32.17 -17.48
CA GLU A 181 11.21 31.51 -16.24
C GLU A 181 12.37 31.76 -15.29
N SER A 182 12.07 32.04 -14.03
CA SER A 182 13.03 32.28 -12.96
C SER A 182 12.88 31.15 -11.94
N LYS A 183 13.95 30.35 -11.74
CA LYS A 183 13.98 29.19 -10.84
C LYS A 183 14.87 29.47 -9.61
N LEU A 184 14.45 29.00 -8.43
CA LEU A 184 15.20 29.13 -7.18
C LEU A 184 15.42 27.77 -6.55
N ASP A 185 16.64 27.56 -6.03
CA ASP A 185 17.00 26.29 -5.43
C ASP A 185 17.09 26.32 -3.91
N TYR A 186 16.07 25.75 -3.26
CA TYR A 186 16.07 25.59 -1.81
C TYR A 186 16.67 24.21 -1.50
N GLN A 187 17.83 24.22 -0.82
CA GLN A 187 18.57 23.00 -0.52
C GLN A 187 18.55 22.61 0.95
N LEU A 188 18.12 21.36 1.21
CA LEU A 188 18.07 20.75 2.51
C LEU A 188 19.13 19.61 2.60
N ARG A 189 20.28 19.90 3.23
CA ARG A 189 21.38 18.95 3.42
C ARG A 189 21.11 18.06 4.61
N ILE A 190 21.11 16.74 4.35
CA ILE A 190 20.85 15.72 5.35
C ILE A 190 21.88 14.61 5.26
N SER A 191 22.06 13.84 6.35
CA SER A 191 22.99 12.71 6.41
C SER A 191 22.31 11.56 7.11
N ARG A 192 22.41 10.38 6.52
CA ARG A 192 21.77 9.17 7.02
C ARG A 192 22.33 8.72 8.36
N GLN A 193 21.43 8.29 9.25
CA GLN A 193 21.75 7.70 10.55
C GLN A 193 22.00 6.21 10.28
N TYR A 194 23.27 5.88 10.07
CA TYR A 194 23.76 4.54 9.76
C TYR A 194 23.81 3.56 10.95
N PHE A 195 23.61 4.04 12.19
CA PHE A 195 23.67 3.24 13.43
C PHE A 195 23.02 1.85 13.34
N SER A 196 21.70 1.81 13.12
CA SER A 196 20.88 0.60 13.07
C SER A 196 21.41 -0.47 12.11
N TYR A 197 21.99 -0.04 10.97
CA TYR A 197 22.53 -0.93 9.94
C TYR A 197 23.62 -1.88 10.46
N ILE A 198 24.44 -1.40 11.43
CA ILE A 198 25.52 -2.14 12.05
C ILE A 198 24.99 -3.39 12.80
N PRO A 199 24.15 -3.27 13.87
CA PRO A 199 23.68 -4.49 14.56
C PRO A 199 22.60 -5.29 13.81
N ASN A 200 21.93 -4.66 12.82
CA ASN A 200 20.84 -5.32 12.10
C ASN A 200 21.22 -6.06 10.85
N ILE A 201 22.17 -5.51 10.07
CA ILE A 201 22.58 -6.08 8.79
C ILE A 201 24.07 -6.40 8.72
N ILE A 202 24.95 -5.38 8.89
CA ILE A 202 26.40 -5.52 8.76
C ILE A 202 26.98 -6.63 9.67
N LEU A 203 26.92 -6.47 11.00
CA LEU A 203 27.48 -7.48 11.92
C LEU A 203 26.84 -8.87 11.75
N PRO A 204 25.48 -9.05 11.73
CA PRO A 204 24.94 -10.40 11.50
C PRO A 204 25.53 -11.04 10.24
N MET A 205 25.57 -10.28 9.13
CA MET A 205 26.13 -10.72 7.87
C MET A 205 27.61 -11.13 7.94
N LEU A 206 28.41 -10.46 8.79
CA LEU A 206 29.84 -10.76 8.95
C LEU A 206 30.01 -12.03 9.72
N PHE A 207 29.19 -12.18 10.78
CA PHE A 207 29.17 -13.32 11.70
CA PHE A 207 29.23 -13.31 11.68
C PHE A 207 28.88 -14.60 10.93
N ILE A 208 27.87 -14.58 10.03
CA ILE A 208 27.49 -15.75 9.25
C ILE A 208 28.59 -16.10 8.26
N LEU A 209 29.31 -15.08 7.72
CA LEU A 209 30.45 -15.31 6.83
C LEU A 209 31.58 -16.00 7.61
N PHE A 210 31.82 -15.57 8.85
CA PHE A 210 32.86 -16.15 9.70
C PHE A 210 32.53 -17.58 10.09
N ILE A 211 31.23 -17.90 10.24
CA ILE A 211 30.74 -19.27 10.53
C ILE A 211 31.14 -20.16 9.37
N SER A 212 31.00 -19.65 8.12
CA SER A 212 31.38 -20.40 6.91
C SER A 212 32.84 -20.84 6.96
N TRP A 213 33.71 -19.98 7.49
CA TRP A 213 35.16 -20.20 7.60
C TRP A 213 35.57 -21.25 8.65
N THR A 214 34.61 -21.74 9.47
CA THR A 214 34.94 -22.78 10.44
C THR A 214 35.17 -24.13 9.71
N ALA A 215 34.79 -24.19 8.41
CA ALA A 215 34.99 -25.36 7.56
C ALA A 215 36.49 -25.58 7.25
N PHE A 216 37.32 -24.54 7.53
CA PHE A 216 38.77 -24.61 7.38
C PHE A 216 39.41 -25.36 8.57
N TRP A 217 38.61 -25.60 9.64
CA TRP A 217 39.04 -26.39 10.79
C TRP A 217 38.35 -27.75 10.85
N SER A 218 37.64 -28.13 9.75
CA SER A 218 36.94 -29.41 9.62
C SER A 218 37.35 -30.16 8.35
N THR A 219 37.39 -31.50 8.45
CA THR A 219 37.71 -32.42 7.34
C THR A 219 36.46 -33.17 6.88
N SER A 220 35.33 -32.96 7.60
CA SER A 220 34.04 -33.58 7.38
C SER A 220 33.31 -32.87 6.24
N TYR A 221 33.47 -33.40 5.00
CA TYR A 221 32.83 -32.85 3.80
C TYR A 221 31.36 -32.55 4.01
N GLU A 222 30.61 -33.51 4.55
CA GLU A 222 29.17 -33.39 4.82
C GLU A 222 28.87 -32.19 5.75
N ALA A 223 29.69 -32.03 6.84
CA ALA A 223 29.54 -30.91 7.78
C ALA A 223 29.91 -29.58 7.09
N ASN A 224 31.00 -29.58 6.30
CA ASN A 224 31.45 -28.43 5.55
C ASN A 224 30.37 -27.96 4.55
N VAL A 225 29.83 -28.89 3.74
CA VAL A 225 28.76 -28.61 2.77
C VAL A 225 27.64 -27.88 3.52
N THR A 226 27.19 -28.45 4.66
CA THR A 226 26.13 -27.88 5.49
C THR A 226 26.50 -26.47 5.93
N LEU A 227 27.73 -26.24 6.46
CA LEU A 227 28.14 -24.89 6.85
C LEU A 227 28.00 -23.86 5.73
N VAL A 228 28.76 -24.04 4.62
CA VAL A 228 28.83 -23.13 3.44
C VAL A 228 27.46 -22.82 2.81
N VAL A 229 26.69 -23.89 2.56
CA VAL A 229 25.38 -23.78 1.95
C VAL A 229 24.41 -22.94 2.83
N SER A 230 24.31 -23.26 4.15
CA SER A 230 23.46 -22.62 5.15
C SER A 230 23.73 -21.16 5.27
N THR A 231 25.01 -20.86 5.57
CA THR A 231 25.50 -19.50 5.72
C THR A 231 25.26 -18.72 4.43
N LEU A 232 25.44 -19.40 3.24
CA LEU A 232 25.15 -18.78 1.96
C LEU A 232 23.67 -18.42 1.86
N ILE A 233 22.76 -19.36 2.22
CA ILE A 233 21.33 -19.07 2.21
C ILE A 233 21.01 -17.85 3.10
N ALA A 234 21.63 -17.78 4.34
CA ALA A 234 21.46 -16.63 5.24
C ALA A 234 21.93 -15.32 4.58
N HIS A 235 23.04 -15.37 3.82
CA HIS A 235 23.57 -14.22 3.09
C HIS A 235 22.59 -13.77 2.01
N ILE A 236 21.98 -14.73 1.27
CA ILE A 236 21.00 -14.42 0.23
C ILE A 236 19.84 -13.63 0.88
N ALA A 237 19.30 -14.17 2.04
CA ALA A 237 18.22 -13.52 2.83
C ALA A 237 18.56 -12.07 3.18
N PHE A 238 19.82 -11.83 3.62
CA PHE A 238 20.30 -10.48 3.92
C PHE A 238 20.38 -9.61 2.68
N ASN A 239 20.95 -10.15 1.57
CA ASN A 239 21.06 -9.45 0.29
C ASN A 239 19.68 -9.02 -0.20
N ILE A 240 18.65 -9.90 -0.08
CA ILE A 240 17.28 -9.59 -0.47
C ILE A 240 16.72 -8.49 0.40
N LEU A 241 16.77 -8.68 1.74
CA LEU A 241 16.31 -7.69 2.72
C LEU A 241 16.89 -6.32 2.42
N VAL A 242 18.20 -6.27 2.07
CA VAL A 242 18.87 -5.03 1.75
C VAL A 242 18.32 -4.41 0.46
N GLU A 243 18.28 -5.20 -0.65
CA GLU A 243 17.81 -4.67 -1.93
C GLU A 243 16.35 -4.22 -1.89
N THR A 244 15.49 -4.78 -0.96
CA THR A 244 14.10 -4.32 -0.81
C THR A 244 14.01 -2.86 -0.34
N ASN A 245 14.93 -2.42 0.55
CA ASN A 245 14.96 -1.05 1.10
C ASN A 245 15.70 -0.02 0.23
N LEU A 246 16.05 -0.39 -1.01
CA LEU A 246 16.83 0.46 -1.94
C LEU A 246 16.33 0.41 -3.36
N PRO A 247 16.42 1.51 -4.12
CA PRO A 247 16.05 1.43 -5.55
C PRO A 247 17.17 0.82 -6.39
N LYS A 248 16.80 0.44 -7.62
CA LYS A 248 17.71 -0.14 -8.59
C LYS A 248 18.51 1.00 -9.25
N THR A 249 19.75 1.16 -8.77
CA THR A 249 20.70 2.17 -9.23
C THR A 249 21.50 1.65 -10.44
N PRO A 250 21.81 2.50 -11.44
CA PRO A 250 22.62 2.02 -12.58
C PRO A 250 24.12 2.01 -12.26
N TYR A 251 24.45 2.10 -10.98
CA TYR A 251 25.81 2.15 -10.45
C TYR A 251 25.91 1.24 -9.23
N MET A 252 27.15 0.91 -8.85
CA MET A 252 27.40 0.10 -7.67
C MET A 252 27.37 0.99 -6.42
N THR A 253 26.75 0.49 -5.37
CA THR A 253 26.67 1.13 -4.06
C THR A 253 27.67 0.42 -3.15
N TYR A 254 28.10 1.07 -2.08
CA TYR A 254 29.08 0.50 -1.15
C TYR A 254 28.63 -0.86 -0.55
N THR A 255 27.40 -0.90 0.01
CA THR A 255 26.73 -2.08 0.59
C THR A 255 26.61 -3.16 -0.49
N GLY A 256 26.20 -2.74 -1.69
CA GLY A 256 26.04 -3.63 -2.84
C GLY A 256 27.31 -4.31 -3.22
N ALA A 257 28.41 -3.52 -3.31
CA ALA A 257 29.78 -3.97 -3.60
C ALA A 257 30.22 -5.03 -2.58
N ILE A 258 30.12 -4.70 -1.26
CA ILE A 258 30.47 -5.58 -0.15
C ILE A 258 29.72 -6.88 -0.27
N ILE A 259 28.36 -6.81 -0.34
CA ILE A 259 27.46 -7.96 -0.50
C ILE A 259 27.89 -8.82 -1.68
N PHE A 260 28.13 -8.20 -2.86
CA PHE A 260 28.58 -8.91 -4.05
C PHE A 260 29.91 -9.65 -3.81
N MET A 261 30.90 -8.95 -3.26
CA MET A 261 32.21 -9.48 -2.94
C MET A 261 32.08 -10.73 -2.05
N ILE A 262 31.22 -10.67 -1.01
CA ILE A 262 30.99 -11.77 -0.07
C ILE A 262 30.52 -13.03 -0.80
N TYR A 263 29.70 -12.87 -1.87
CA TYR A 263 29.24 -13.99 -2.70
C TYR A 263 30.45 -14.73 -3.29
N LEU A 264 31.52 -14.01 -3.65
CA LEU A 264 32.72 -14.62 -4.24
C LEU A 264 33.49 -15.43 -3.19
N PHE A 265 33.50 -14.95 -1.93
CA PHE A 265 34.13 -15.65 -0.80
C PHE A 265 33.44 -16.98 -0.54
N TYR A 266 32.09 -17.00 -0.71
CA TYR A 266 31.28 -18.21 -0.55
C TYR A 266 31.60 -19.20 -1.67
N PHE A 267 31.77 -18.69 -2.92
CA PHE A 267 32.11 -19.52 -4.05
C PHE A 267 33.46 -20.23 -3.85
N VAL A 268 34.48 -19.45 -3.47
CA VAL A 268 35.83 -19.96 -3.24
C VAL A 268 35.87 -20.95 -2.04
N ALA A 269 35.02 -20.71 -1.00
CA ALA A 269 34.91 -21.63 0.13
C ALA A 269 34.39 -22.98 -0.37
N VAL A 270 33.31 -22.95 -1.20
CA VAL A 270 32.74 -24.16 -1.84
C VAL A 270 33.85 -24.89 -2.61
N ILE A 271 34.63 -24.16 -3.45
CA ILE A 271 35.73 -24.74 -4.21
C ILE A 271 36.73 -25.42 -3.26
N GLU A 272 37.16 -24.69 -2.18
CA GLU A 272 38.11 -25.23 -1.18
C GLU A 272 37.58 -26.52 -0.58
N VAL A 273 36.34 -26.47 -0.04
CA VAL A 273 35.62 -27.57 0.56
C VAL A 273 35.55 -28.79 -0.40
N THR A 274 35.30 -28.52 -1.70
CA THR A 274 35.22 -29.51 -2.77
C THR A 274 36.59 -30.16 -3.01
N VAL A 275 37.62 -29.33 -3.27
CA VAL A 275 39.00 -29.74 -3.54
C VAL A 275 39.55 -30.57 -2.38
N GLN A 276 39.36 -30.09 -1.13
CA GLN A 276 39.80 -30.78 0.08
C GLN A 276 39.28 -32.22 0.09
N HIS A 277 37.94 -32.39 -0.09
CA HIS A 277 37.27 -33.69 -0.12
C HIS A 277 37.75 -34.57 -1.26
N TYR A 278 37.84 -34.02 -2.49
CA TYR A 278 38.32 -34.76 -3.66
C TYR A 278 39.69 -35.41 -3.35
N LEU A 279 40.61 -34.59 -2.82
CA LEU A 279 41.95 -34.98 -2.41
C LEU A 279 41.93 -36.03 -1.32
N LYS A 280 41.02 -35.90 -0.32
CA LYS A 280 40.91 -36.89 0.77
C LYS A 280 40.55 -38.23 0.20
N VAL A 281 39.53 -38.24 -0.67
CA VAL A 281 39.08 -39.45 -1.39
C VAL A 281 40.25 -40.03 -2.26
N GLU A 282 40.96 -39.16 -2.98
CA GLU A 282 42.11 -39.48 -3.83
C GLU A 282 43.33 -39.97 -3.02
N SER A 283 43.15 -40.11 -1.68
CA SER A 283 44.16 -40.55 -0.70
C SER A 283 45.36 -39.62 -0.69
N GLN A 284 45.08 -38.32 -0.71
CA GLN A 284 46.07 -37.25 -0.65
C GLN A 284 45.70 -36.21 0.45
N PRO A 285 45.53 -36.64 1.73
CA PRO A 285 45.14 -35.70 2.78
C PRO A 285 46.21 -34.67 3.17
N ALA A 286 47.49 -34.98 2.94
CA ALA A 286 48.59 -34.08 3.27
C ALA A 286 48.55 -32.84 2.38
N ARG A 287 48.14 -33.00 1.11
CA ARG A 287 48.07 -31.92 0.13
C ARG A 287 46.85 -31.06 0.46
N ALA A 288 45.72 -31.71 0.77
CA ALA A 288 44.48 -31.07 1.17
C ALA A 288 44.73 -30.28 2.45
N ALA A 289 45.54 -30.86 3.39
CA ALA A 289 45.93 -30.23 4.66
C ALA A 289 46.57 -28.87 4.44
N SER A 290 47.53 -28.77 3.49
CA SER A 290 48.23 -27.52 3.13
C SER A 290 47.24 -26.46 2.65
N ILE A 291 46.32 -26.86 1.73
CA ILE A 291 45.31 -25.98 1.16
C ILE A 291 44.41 -25.43 2.26
N THR A 292 43.94 -26.32 3.17
CA THR A 292 43.02 -25.95 4.26
C THR A 292 43.70 -25.01 5.24
N ARG A 293 44.97 -25.34 5.62
CA ARG A 293 45.79 -24.51 6.51
C ARG A 293 46.04 -23.11 5.91
N ALA A 294 46.30 -23.04 4.58
CA ALA A 294 46.53 -21.77 3.87
C ALA A 294 45.26 -20.93 3.90
N SER A 295 44.10 -21.57 3.59
CA SER A 295 42.79 -20.96 3.56
C SER A 295 42.43 -20.25 4.86
N ARG A 296 42.84 -20.84 6.01
CA ARG A 296 42.63 -20.30 7.35
C ARG A 296 43.20 -18.90 7.51
N ILE A 297 44.34 -18.61 6.86
CA ILE A 297 44.99 -17.30 6.86
C ILE A 297 44.55 -16.47 5.63
N ALA A 298 44.52 -17.10 4.43
CA ALA A 298 44.18 -16.46 3.18
C ALA A 298 42.80 -15.77 3.17
N PHE A 299 41.72 -16.50 3.53
CA PHE A 299 40.36 -15.98 3.55
C PHE A 299 40.20 -14.70 4.42
N PRO A 300 40.64 -14.68 5.71
CA PRO A 300 40.53 -13.43 6.48
C PRO A 300 41.37 -12.28 5.90
N VAL A 301 42.67 -12.55 5.58
CA VAL A 301 43.59 -11.56 5.00
C VAL A 301 43.03 -10.91 3.71
N VAL A 302 42.70 -11.75 2.70
CA VAL A 302 42.10 -11.31 1.44
C VAL A 302 40.77 -10.57 1.73
N PHE A 303 39.97 -11.04 2.71
CA PHE A 303 38.73 -10.33 3.05
C PHE A 303 38.96 -8.92 3.57
N LEU A 304 39.92 -8.80 4.51
CA LEU A 304 40.32 -7.54 5.13
C LEU A 304 40.88 -6.55 4.09
N LEU A 305 41.83 -7.00 3.24
CA LEU A 305 42.44 -6.17 2.18
C LEU A 305 41.43 -5.70 1.14
N ALA A 306 40.55 -6.63 0.70
CA ALA A 306 39.49 -6.38 -0.26
C ALA A 306 38.60 -5.24 0.27
N ASN A 307 38.25 -5.31 1.58
CA ASN A 307 37.43 -4.32 2.26
C ASN A 307 38.12 -2.96 2.35
N ILE A 308 39.44 -2.95 2.65
CA ILE A 308 40.23 -1.72 2.71
C ILE A 308 40.21 -1.08 1.32
N ILE A 309 40.49 -1.87 0.25
CA ILE A 309 40.42 -1.40 -1.14
C ILE A 309 39.03 -0.79 -1.42
N LEU A 310 37.95 -1.57 -1.18
CA LEU A 310 36.57 -1.13 -1.40
C LEU A 310 36.22 0.20 -0.71
N ALA A 311 36.51 0.32 0.62
CA ALA A 311 36.29 1.51 1.43
C ALA A 311 37.07 2.67 0.84
N PHE A 312 38.32 2.42 0.40
CA PHE A 312 39.14 3.46 -0.23
C PHE A 312 38.48 4.00 -1.49
N LEU A 313 38.02 3.11 -2.38
CA LEU A 313 37.34 3.45 -3.63
C LEU A 313 36.06 4.24 -3.41
N PHE A 314 35.22 3.80 -2.46
CA PHE A 314 33.97 4.48 -2.18
C PHE A 314 34.12 5.78 -1.37
N PHE A 315 35.07 5.86 -0.44
CA PHE A 315 35.29 7.04 0.41
C PHE A 315 36.77 7.41 0.36
N VAL B 5 -14.05 40.16 5.83
CA VAL B 5 -14.10 40.09 7.29
C VAL B 5 -12.74 40.42 7.92
N SER B 6 -12.75 41.17 9.03
CA SER B 6 -11.56 41.61 9.77
C SER B 6 -11.67 41.14 11.24
N PRO B 7 -10.57 41.07 12.03
CA PRO B 7 -10.69 40.60 13.43
C PRO B 7 -11.40 41.59 14.36
N PRO B 8 -11.90 41.17 15.55
CA PRO B 8 -12.61 42.13 16.41
C PRO B 8 -11.71 43.21 16.98
N PRO B 9 -12.25 44.41 17.29
CA PRO B 9 -11.41 45.48 17.82
C PRO B 9 -11.20 45.40 19.33
N PRO B 10 -9.99 45.73 19.86
CA PRO B 10 -9.79 45.66 21.33
C PRO B 10 -10.45 46.83 22.03
N ILE B 11 -10.91 46.60 23.26
CA ILE B 11 -11.51 47.70 24.05
C ILE B 11 -10.38 48.62 24.54
N ALA B 12 -9.22 48.01 24.85
CA ALA B 12 -8.03 48.71 25.30
C ALA B 12 -6.80 48.46 24.42
N ASP B 13 -6.00 47.45 24.76
CA ASP B 13 -4.81 47.06 24.01
C ASP B 13 -4.51 45.56 24.16
N GLU B 14 -5.38 44.85 24.92
CA GLU B 14 -5.30 43.42 25.23
C GLU B 14 -5.34 42.51 23.97
N PRO B 15 -4.75 41.29 24.00
CA PRO B 15 -4.85 40.42 22.82
C PRO B 15 -6.16 39.61 22.83
N LEU B 16 -6.59 39.13 21.65
CA LEU B 16 -7.80 38.32 21.59
C LEU B 16 -7.51 36.89 22.12
N THR B 17 -8.25 36.49 23.16
CA THR B 17 -8.12 35.16 23.75
C THR B 17 -9.13 34.19 23.10
N VAL B 18 -8.59 33.21 22.37
CA VAL B 18 -9.38 32.18 21.74
C VAL B 18 -9.29 30.94 22.62
N ASN B 19 -10.41 30.61 23.25
CA ASN B 19 -10.49 29.45 24.09
C ASN B 19 -10.61 28.24 23.19
N THR B 20 -9.89 27.18 23.56
CA THR B 20 -9.84 25.94 22.81
C THR B 20 -10.23 24.73 23.65
N GLY B 21 -10.60 23.68 22.94
CA GLY B 21 -10.98 22.38 23.46
C GLY B 21 -10.84 21.32 22.39
N ILE B 22 -10.36 20.12 22.77
CA ILE B 22 -10.27 18.96 21.87
C ILE B 22 -10.93 17.78 22.58
N TYR B 23 -11.98 17.21 21.97
CA TYR B 23 -12.66 16.05 22.53
C TYR B 23 -12.46 14.91 21.53
N LEU B 24 -11.58 13.93 21.88
CA LEU B 24 -11.25 12.78 21.03
C LEU B 24 -12.40 11.85 20.86
N ILE B 25 -12.82 11.65 19.60
CA ILE B 25 -13.94 10.77 19.25
C ILE B 25 -13.39 9.39 18.89
N GLU B 26 -12.35 9.36 18.03
CA GLU B 26 -11.71 8.13 17.58
C GLU B 26 -10.18 8.26 17.47
N CYS B 27 -9.49 7.23 17.92
CA CYS B 27 -8.04 7.13 17.83
C CYS B 27 -7.74 5.87 17.11
N TYR B 28 -6.93 5.96 16.07
CA TYR B 28 -6.61 4.81 15.24
C TYR B 28 -5.26 4.98 14.51
N SER B 29 -4.87 3.92 13.79
CA SER B 29 -3.70 3.83 12.93
C SER B 29 -2.42 4.48 13.50
N LEU B 30 -1.90 3.93 14.62
CA LEU B 30 -0.61 4.36 15.15
C LEU B 30 0.46 3.57 14.40
N ASP B 31 1.07 4.23 13.40
CA ASP B 31 2.13 3.67 12.57
C ASP B 31 3.45 3.89 13.29
N ASP B 32 4.11 2.80 13.66
CA ASP B 32 5.37 2.88 14.39
C ASP B 32 6.52 3.37 13.55
N LYS B 33 6.64 2.85 12.33
CA LYS B 33 7.68 3.21 11.38
C LYS B 33 7.50 4.69 10.98
N ALA B 34 6.25 5.09 10.65
CA ALA B 34 5.95 6.45 10.26
C ALA B 34 5.92 7.44 11.40
N GLU B 35 5.73 6.96 12.66
CA GLU B 35 5.60 7.78 13.87
C GLU B 35 4.42 8.75 13.72
N THR B 36 3.29 8.19 13.23
CA THR B 36 2.04 8.90 13.00
C THR B 36 0.88 8.17 13.67
N PHE B 37 -0.24 8.88 13.82
CA PHE B 37 -1.51 8.39 14.34
C PHE B 37 -2.63 9.21 13.72
N LYS B 38 -3.74 8.56 13.45
CA LYS B 38 -4.87 9.21 12.87
C LYS B 38 -5.84 9.51 14.01
N VAL B 39 -6.53 10.64 13.94
CA VAL B 39 -7.44 11.10 14.97
C VAL B 39 -8.73 11.69 14.39
N ASN B 40 -9.87 11.36 15.01
CA ASN B 40 -11.17 11.94 14.69
C ASN B 40 -11.63 12.59 15.99
N ALA B 41 -11.81 13.93 15.97
CA ALA B 41 -12.12 14.66 17.19
C ALA B 41 -12.93 15.91 16.96
N PHE B 42 -13.44 16.47 18.06
CA PHE B 42 -14.16 17.74 18.07
C PHE B 42 -13.16 18.80 18.45
N LEU B 43 -13.16 19.92 17.73
CA LEU B 43 -12.34 21.09 18.05
C LEU B 43 -13.30 22.22 18.39
N SER B 44 -13.27 22.66 19.65
CA SER B 44 -14.09 23.77 20.05
C SER B 44 -13.26 25.05 20.14
N LEU B 45 -13.89 26.17 19.74
CA LEU B 45 -13.29 27.49 19.73
C LEU B 45 -14.34 28.49 20.23
N SER B 46 -13.92 29.46 21.06
CA SER B 46 -14.76 30.51 21.61
C SER B 46 -13.99 31.79 21.87
N TRP B 47 -14.48 32.90 21.32
CA TRP B 47 -13.91 34.24 21.44
C TRP B 47 -15.05 35.28 21.45
N LYS B 48 -14.75 36.53 21.83
CA LYS B 48 -15.76 37.59 21.85
C LYS B 48 -15.53 38.51 20.67
N ASP B 49 -16.58 38.69 19.85
CA ASP B 49 -16.61 39.61 18.72
C ASP B 49 -17.84 40.47 18.91
N ARG B 50 -17.68 41.61 19.68
CA ARG B 50 -18.76 42.57 20.01
C ARG B 50 -19.53 43.08 18.79
N ARG B 51 -18.88 43.09 17.61
CA ARG B 51 -19.49 43.46 16.33
C ARG B 51 -20.72 42.58 15.99
N LEU B 52 -20.80 41.38 16.58
CA LEU B 52 -21.91 40.46 16.36
C LEU B 52 -23.03 40.56 17.43
N ALA B 53 -22.88 41.54 18.37
CA ALA B 53 -23.85 41.78 19.46
C ALA B 53 -25.25 41.99 18.95
N PHE B 54 -26.26 41.60 19.77
CA PHE B 54 -27.68 41.73 19.38
C PHE B 54 -28.66 41.81 20.54
N ASP B 55 -29.85 42.42 20.30
CA ASP B 55 -30.94 42.49 21.27
C ASP B 55 -31.91 41.34 20.91
N PRO B 56 -32.09 40.33 21.82
CA PRO B 56 -33.01 39.20 21.50
C PRO B 56 -34.49 39.58 21.52
N VAL B 57 -34.78 40.83 21.91
CA VAL B 57 -36.12 41.40 21.90
C VAL B 57 -36.39 41.69 20.42
N ARG B 58 -35.52 42.51 19.78
CA ARG B 58 -35.59 42.89 18.37
C ARG B 58 -35.39 41.68 17.44
N SER B 59 -34.23 41.01 17.54
CA SER B 59 -33.88 39.86 16.71
C SER B 59 -34.79 38.62 16.91
N GLY B 60 -35.51 38.60 18.03
CA GLY B 60 -36.44 37.54 18.38
C GLY B 60 -35.80 36.35 19.06
N VAL B 61 -34.66 35.89 18.52
CA VAL B 61 -33.91 34.74 19.01
C VAL B 61 -32.87 35.13 20.08
N ARG B 62 -32.72 34.26 21.11
CA ARG B 62 -31.79 34.44 22.24
C ARG B 62 -30.32 34.19 21.84
N VAL B 63 -30.10 33.29 20.85
CA VAL B 63 -28.79 32.92 20.32
C VAL B 63 -28.86 32.88 18.77
N LYS B 64 -27.92 33.54 18.10
CA LYS B 64 -27.86 33.58 16.62
C LYS B 64 -26.91 32.49 16.07
N THR B 65 -27.25 31.89 14.91
CA THR B 65 -26.44 30.85 14.25
C THR B 65 -25.92 31.33 12.90
N TYR B 66 -24.59 31.48 12.78
CA TYR B 66 -23.97 31.93 11.54
C TYR B 66 -23.21 30.83 10.77
N GLU B 67 -23.02 31.08 9.45
CA GLU B 67 -22.26 30.24 8.53
C GLU B 67 -20.81 30.73 8.62
N PRO B 68 -19.80 29.82 8.52
CA PRO B 68 -18.39 30.25 8.65
C PRO B 68 -17.98 31.46 7.79
N GLU B 69 -18.48 31.52 6.55
CA GLU B 69 -18.23 32.59 5.61
C GLU B 69 -18.82 33.94 6.04
N ALA B 70 -19.95 33.91 6.77
CA ALA B 70 -20.67 35.10 7.24
C ALA B 70 -19.92 35.94 8.26
N ILE B 71 -19.24 35.30 9.23
CA ILE B 71 -18.51 35.99 10.30
C ILE B 71 -16.99 35.75 10.27
N TRP B 72 -16.25 36.57 11.05
CA TRP B 72 -14.80 36.46 11.23
C TRP B 72 -14.49 35.24 12.10
N ILE B 73 -13.59 34.37 11.63
CA ILE B 73 -13.18 33.18 12.39
C ILE B 73 -11.63 33.09 12.47
N PRO B 74 -11.05 32.94 13.69
CA PRO B 74 -9.59 32.86 13.81
C PRO B 74 -9.00 31.70 13.05
N GLU B 75 -7.92 31.95 12.30
CA GLU B 75 -7.23 30.93 11.50
C GLU B 75 -6.40 30.02 12.41
N ILE B 76 -7.06 28.97 12.94
CA ILE B 76 -6.44 27.98 13.84
C ILE B 76 -5.90 26.81 13.03
N ARG B 77 -4.64 26.46 13.26
CA ARG B 77 -4.01 25.36 12.56
C ARG B 77 -3.37 24.38 13.53
N PHE B 78 -2.99 23.21 13.00
CA PHE B 78 -2.27 22.20 13.75
C PHE B 78 -0.86 22.26 13.24
N VAL B 79 0.12 22.22 14.16
CA VAL B 79 1.52 22.29 13.75
C VAL B 79 1.94 20.98 13.09
N ASN B 80 1.84 19.88 13.88
CA ASN B 80 2.33 18.56 13.54
C ASN B 80 1.35 17.68 12.76
N VAL B 81 0.77 18.20 11.69
CA VAL B 81 -0.09 17.42 10.80
C VAL B 81 0.59 17.20 9.46
N GLU B 82 0.23 16.08 8.79
CA GLU B 82 0.79 15.78 7.46
C GLU B 82 0.19 16.76 6.43
N ASN B 83 -1.14 16.75 6.32
CA ASN B 83 -1.87 17.68 5.46
C ASN B 83 -2.85 18.45 6.34
N ALA B 84 -3.56 19.45 5.77
CA ALA B 84 -4.54 20.24 6.49
C ALA B 84 -5.72 19.34 6.92
N ARG B 85 -6.16 19.50 8.18
CA ARG B 85 -7.26 18.75 8.78
C ARG B 85 -8.55 18.79 7.94
N ASP B 86 -9.19 17.62 7.80
CA ASP B 86 -10.47 17.47 7.12
C ASP B 86 -11.44 17.91 8.19
N ALA B 87 -12.01 19.12 8.03
CA ALA B 87 -12.90 19.68 9.03
C ALA B 87 -14.27 20.01 8.48
N ASP B 88 -15.29 19.81 9.32
CA ASP B 88 -16.68 20.10 9.02
C ASP B 88 -17.28 20.78 10.22
N VAL B 89 -17.68 22.05 10.05
CA VAL B 89 -18.27 22.89 11.09
C VAL B 89 -19.58 22.26 11.53
N VAL B 90 -19.70 22.02 12.85
CA VAL B 90 -20.88 21.48 13.49
C VAL B 90 -21.80 22.66 13.84
N ASP B 91 -21.30 23.63 14.64
CA ASP B 91 -22.12 24.77 15.02
C ASP B 91 -21.32 26.04 15.28
N ILE B 92 -21.96 27.20 15.05
CA ILE B 92 -21.45 28.54 15.32
C ILE B 92 -22.60 29.27 16.02
N SER B 93 -22.47 29.48 17.34
CA SER B 93 -23.49 30.12 18.15
C SER B 93 -22.97 31.40 18.77
N VAL B 94 -23.69 32.51 18.55
CA VAL B 94 -23.34 33.83 19.06
C VAL B 94 -24.38 34.23 20.08
N SER B 95 -23.91 34.67 21.26
CA SER B 95 -24.79 35.14 22.32
C SER B 95 -24.87 36.69 22.28
N PRO B 96 -25.91 37.32 22.87
CA PRO B 96 -26.07 38.79 22.77
C PRO B 96 -24.83 39.66 22.96
N ASP B 97 -23.83 39.22 23.74
CA ASP B 97 -22.61 39.99 24.01
C ASP B 97 -21.56 39.90 22.88
N GLY B 98 -21.82 39.00 21.93
CA GLY B 98 -20.92 38.74 20.81
C GLY B 98 -19.98 37.56 21.03
N THR B 99 -20.24 36.73 22.08
CA THR B 99 -19.38 35.56 22.33
C THR B 99 -19.72 34.41 21.37
N VAL B 100 -18.75 34.04 20.53
CA VAL B 100 -18.88 33.01 19.51
C VAL B 100 -18.49 31.62 20.03
N GLN B 101 -19.37 30.64 19.82
CA GLN B 101 -19.15 29.27 20.20
C GLN B 101 -19.13 28.43 18.94
N TYR B 102 -17.90 28.27 18.43
CA TYR B 102 -17.53 27.53 17.24
C TYR B 102 -17.21 26.08 17.64
N LEU B 103 -17.84 25.11 16.93
CA LEU B 103 -17.61 23.69 17.11
C LEU B 103 -17.48 23.03 15.76
N GLU B 104 -16.44 22.21 15.60
CA GLU B 104 -16.16 21.52 14.35
C GLU B 104 -15.63 20.14 14.60
N ARG B 105 -15.93 19.23 13.67
CA ARG B 105 -15.41 17.89 13.81
C ARG B 105 -14.31 17.69 12.78
N PHE B 106 -13.16 17.16 13.20
CA PHE B 106 -12.04 16.99 12.30
C PHE B 106 -11.43 15.60 12.37
N SER B 107 -10.62 15.30 11.37
CA SER B 107 -9.83 14.10 11.24
C SER B 107 -8.47 14.57 10.74
N ALA B 108 -7.40 14.04 11.34
CA ALA B 108 -6.02 14.42 10.97
C ALA B 108 -5.03 13.28 11.19
N ARG B 109 -3.92 13.29 10.42
CA ARG B 109 -2.80 12.33 10.57
C ARG B 109 -1.66 13.15 11.18
N VAL B 110 -1.49 12.95 12.46
CA VAL B 110 -0.57 13.69 13.28
C VAL B 110 0.81 13.01 13.34
N LEU B 111 1.91 13.80 13.22
CA LEU B 111 3.29 13.29 13.35
C LEU B 111 3.74 13.56 14.76
N SER B 112 3.97 12.52 15.55
CA SER B 112 4.49 12.68 16.89
C SER B 112 5.62 11.62 17.06
N PRO B 113 6.88 12.07 17.31
CA PRO B 113 7.98 11.11 17.44
C PRO B 113 7.79 10.14 18.60
N LEU B 114 8.33 8.92 18.43
CA LEU B 114 8.21 7.85 19.40
C LEU B 114 9.56 7.39 19.91
N ASP B 115 9.63 7.03 21.22
CA ASP B 115 10.86 6.54 21.85
C ASP B 115 10.83 5.02 22.01
N PHE B 116 11.51 4.33 21.09
CA PHE B 116 11.53 2.86 21.05
C PHE B 116 12.53 2.16 21.98
N ARG B 117 13.32 2.93 22.78
CA ARG B 117 14.32 2.41 23.70
C ARG B 117 13.85 1.22 24.56
N ARG B 118 12.61 1.28 25.10
CA ARG B 118 12.08 0.20 25.94
C ARG B 118 11.10 -0.74 25.24
N TYR B 119 11.01 -0.69 23.89
CA TYR B 119 10.12 -1.55 23.08
C TYR B 119 10.32 -3.08 23.36
N PRO B 120 9.23 -3.91 23.44
CA PRO B 120 7.80 -3.55 23.31
C PRO B 120 7.15 -3.14 24.64
N PHE B 121 7.96 -2.77 25.66
CA PHE B 121 7.48 -2.37 26.99
C PHE B 121 7.56 -0.86 27.18
N ASP B 122 7.43 -0.12 26.09
CA ASP B 122 7.52 1.34 26.06
C ASP B 122 6.16 2.02 26.19
N SER B 123 6.19 3.26 26.67
CA SER B 123 5.05 4.16 26.82
C SER B 123 5.40 5.42 26.04
N GLN B 124 4.38 6.05 25.47
CA GLN B 124 4.55 7.25 24.64
C GLN B 124 3.69 8.41 25.14
N THR B 125 3.98 9.62 24.62
CA THR B 125 3.21 10.85 24.83
C THR B 125 2.98 11.45 23.46
N LEU B 126 1.78 11.24 22.93
CA LEU B 126 1.43 11.78 21.62
C LEU B 126 1.05 13.25 21.80
N HIS B 127 1.39 14.10 20.81
CA HIS B 127 1.13 15.52 20.88
C HIS B 127 0.28 16.01 19.74
N ILE B 128 -0.54 17.04 20.03
CA ILE B 128 -1.35 17.77 19.07
C ILE B 128 -1.12 19.23 19.41
N TYR B 129 -0.41 19.91 18.50
CA TYR B 129 -0.12 21.31 18.68
C TYR B 129 -1.07 22.18 17.91
N LEU B 130 -1.82 22.99 18.66
CA LEU B 130 -2.76 23.97 18.14
C LEU B 130 -2.00 25.26 18.01
N ILE B 131 -2.12 25.96 16.89
CA ILE B 131 -1.42 27.22 16.70
C ILE B 131 -2.30 28.29 16.04
N VAL B 132 -2.05 29.57 16.39
CA VAL B 132 -2.70 30.76 15.82
C VAL B 132 -1.65 31.86 15.52
N ARG B 133 -1.74 32.45 14.33
CA ARG B 133 -0.81 33.53 13.98
C ARG B 133 -1.50 34.89 14.09
N SER B 134 -0.87 35.76 14.89
CA SER B 134 -1.35 37.11 15.15
C SER B 134 -1.28 37.95 13.90
N VAL B 135 -2.33 38.76 13.69
CA VAL B 135 -2.48 39.64 12.54
C VAL B 135 -1.88 41.04 12.81
N ASP B 136 -2.02 41.95 11.83
CA ASP B 136 -1.50 43.31 11.90
C ASP B 136 -2.23 44.21 12.90
N THR B 137 -3.58 44.13 12.91
CA THR B 137 -4.43 44.94 13.77
C THR B 137 -4.28 44.54 15.25
N ARG B 138 -4.30 43.22 15.55
CA ARG B 138 -4.13 42.76 16.93
C ARG B 138 -3.63 41.32 17.06
N ASN B 139 -2.91 41.09 18.15
CA ASN B 139 -2.33 39.82 18.54
C ASN B 139 -3.37 38.86 19.07
N ILE B 140 -3.26 37.56 18.66
CA ILE B 140 -4.17 36.50 19.07
C ILE B 140 -3.43 35.47 19.93
N VAL B 141 -4.01 35.16 21.11
CA VAL B 141 -3.49 34.26 22.13
C VAL B 141 -4.47 33.10 22.38
N LEU B 142 -3.95 31.86 22.50
CA LEU B 142 -4.76 30.67 22.74
C LEU B 142 -4.89 30.36 24.23
N ALA B 143 -6.03 29.81 24.61
CA ALA B 143 -6.36 29.41 25.98
C ALA B 143 -7.03 28.04 25.92
N VAL B 144 -7.03 27.32 27.05
CA VAL B 144 -7.62 25.98 27.17
C VAL B 144 -8.85 26.09 28.07
N ASP B 145 -10.02 25.61 27.56
CA ASP B 145 -11.23 25.49 28.37
C ASP B 145 -11.26 24.01 28.73
N LEU B 146 -10.81 23.69 29.96
CA LEU B 146 -10.70 22.31 30.43
C LEU B 146 -12.04 21.55 30.42
N GLU B 147 -13.16 22.29 30.54
CA GLU B 147 -14.51 21.72 30.48
C GLU B 147 -14.83 21.16 29.08
N LYS B 148 -14.03 21.58 28.07
CA LYS B 148 -14.23 21.18 26.68
C LYS B 148 -13.06 20.35 26.09
N VAL B 149 -12.18 19.82 26.98
CA VAL B 149 -11.04 18.96 26.65
C VAL B 149 -11.34 17.58 27.24
N GLY B 150 -11.44 16.57 26.40
CA GLY B 150 -11.74 15.21 26.84
C GLY B 150 -11.61 14.17 25.76
N LYS B 151 -12.21 13.00 26.01
CA LYS B 151 -12.21 11.86 25.09
C LYS B 151 -13.36 10.90 25.37
N ASN B 152 -13.85 10.25 24.30
CA ASN B 152 -14.90 9.24 24.35
C ASN B 152 -14.38 8.03 25.18
N ASP B 153 -15.26 7.42 25.98
CA ASP B 153 -14.93 6.28 26.84
C ASP B 153 -14.59 5.05 26.00
N ASP B 154 -15.20 4.96 24.80
CA ASP B 154 -15.01 3.89 23.82
C ASP B 154 -13.71 4.04 23.00
N VAL B 155 -13.01 5.21 23.08
CA VAL B 155 -11.75 5.46 22.35
C VAL B 155 -10.75 4.32 22.62
N PHE B 156 -10.40 3.61 21.55
CA PHE B 156 -9.49 2.48 21.60
C PHE B 156 -8.43 2.64 20.53
N LEU B 157 -7.17 2.45 20.92
CA LEU B 157 -6.04 2.48 20.00
C LEU B 157 -5.50 1.06 20.06
N THR B 158 -5.65 0.29 18.96
CA THR B 158 -5.25 -1.11 18.83
C THR B 158 -3.80 -1.32 19.24
N GLY B 159 -3.59 -2.27 20.15
CA GLY B 159 -2.28 -2.62 20.67
C GLY B 159 -1.70 -1.61 21.65
N TRP B 160 -2.52 -0.68 22.13
CA TRP B 160 -2.14 0.38 23.05
C TRP B 160 -3.19 0.62 24.12
N ASP B 161 -2.73 1.05 25.29
CA ASP B 161 -3.58 1.41 26.42
C ASP B 161 -3.53 2.93 26.49
N ILE B 162 -4.69 3.59 26.48
CA ILE B 162 -4.76 5.04 26.55
C ILE B 162 -4.82 5.45 28.01
N GLU B 163 -3.79 6.14 28.49
CA GLU B 163 -3.73 6.59 29.88
C GLU B 163 -4.49 7.89 30.13
N SER B 164 -4.01 9.00 29.54
CA SER B 164 -4.57 10.32 29.74
C SER B 164 -4.60 11.14 28.45
N PHE B 165 -5.43 12.20 28.46
CA PHE B 165 -5.54 13.21 27.41
C PHE B 165 -5.74 14.52 28.11
N THR B 166 -4.67 15.30 28.17
CA THR B 166 -4.66 16.60 28.83
C THR B 166 -4.02 17.67 27.94
N ALA B 167 -4.18 18.94 28.32
CA ALA B 167 -3.60 20.06 27.60
C ALA B 167 -2.77 20.89 28.55
N VAL B 168 -1.59 21.34 28.07
CA VAL B 168 -0.70 22.22 28.78
C VAL B 168 -1.34 23.62 28.61
N VAL B 169 -2.08 24.04 29.66
CA VAL B 169 -2.90 25.25 29.79
C VAL B 169 -2.17 26.55 29.40
N LYS B 170 -0.85 26.66 29.72
CA LYS B 170 -0.05 27.83 29.38
C LYS B 170 0.47 27.73 27.93
N PRO B 171 0.02 28.63 27.01
CA PRO B 171 0.48 28.54 25.62
C PRO B 171 1.91 29.01 25.42
N ALA B 172 2.58 28.46 24.41
CA ALA B 172 3.92 28.84 24.03
C ALA B 172 3.79 29.99 23.03
N ASN B 173 3.91 31.23 23.54
CA ASN B 173 3.82 32.46 22.74
C ASN B 173 5.22 32.85 22.32
N PHE B 174 5.44 32.96 21.00
CA PHE B 174 6.75 33.23 20.43
C PHE B 174 6.69 34.02 19.14
N ALA B 175 7.83 34.60 18.76
CA ALA B 175 8.00 35.33 17.52
C ALA B 175 8.31 34.35 16.41
N LEU B 176 7.72 34.59 15.24
CA LEU B 176 7.96 33.78 14.05
C LEU B 176 7.70 34.61 12.81
N GLU B 177 8.75 34.80 11.99
CA GLU B 177 8.71 35.59 10.75
C GLU B 177 8.06 36.96 10.99
N ASP B 178 8.60 37.69 11.99
CA ASP B 178 8.21 39.05 12.42
C ASP B 178 6.77 39.17 12.98
N ARG B 179 6.10 38.05 13.32
CA ARG B 179 4.74 38.05 13.92
C ARG B 179 4.63 37.07 15.09
N LEU B 180 3.68 37.34 15.99
CA LEU B 180 3.41 36.54 17.18
C LEU B 180 2.64 35.28 16.84
N GLU B 181 3.01 34.18 17.53
CA GLU B 181 2.45 32.84 17.38
C GLU B 181 2.13 32.25 18.76
N SER B 182 0.89 31.79 18.97
CA SER B 182 0.44 31.17 20.22
C SER B 182 0.21 29.66 19.96
N LYS B 183 1.01 28.80 20.61
CA LYS B 183 0.97 27.33 20.46
C LYS B 183 0.42 26.66 21.72
N LEU B 184 -0.38 25.58 21.55
CA LEU B 184 -0.95 24.81 22.65
C LEU B 184 -0.61 23.34 22.51
N ASP B 185 -0.24 22.69 23.62
CA ASP B 185 0.16 21.28 23.61
C ASP B 185 -0.88 20.34 24.20
N TYR B 186 -1.56 19.61 23.30
CA TYR B 186 -2.51 18.58 23.70
C TYR B 186 -1.74 17.25 23.74
N GLN B 187 -1.64 16.66 24.94
CA GLN B 187 -0.88 15.43 25.17
C GLN B 187 -1.73 14.21 25.46
N LEU B 188 -1.52 13.15 24.65
CA LEU B 188 -2.17 11.86 24.79
C LEU B 188 -1.14 10.79 25.24
N ARG B 189 -1.15 10.45 26.55
CA ARG B 189 -0.26 9.46 27.15
C ARG B 189 -0.81 8.07 26.92
N ILE B 190 0.01 7.21 26.33
CA ILE B 190 -0.34 5.83 25.98
C ILE B 190 0.78 4.87 26.38
N SER B 191 0.44 3.58 26.56
CA SER B 191 1.40 2.54 26.89
C SER B 191 1.12 1.30 26.05
N ARG B 192 2.16 0.72 25.47
CA ARG B 192 2.05 -0.43 24.60
C ARG B 192 1.59 -1.69 25.32
N GLN B 193 0.69 -2.45 24.67
CA GLN B 193 0.21 -3.74 25.13
C GLN B 193 1.22 -4.78 24.61
N TYR B 194 2.19 -5.09 25.47
CA TYR B 194 3.29 -6.01 25.19
C TYR B 194 2.93 -7.52 25.20
N PHE B 195 1.70 -7.89 25.65
CA PHE B 195 1.22 -9.27 25.78
C PHE B 195 1.58 -10.19 24.61
N SER B 196 1.08 -9.87 23.40
CA SER B 196 1.25 -10.65 22.17
C SER B 196 2.71 -10.97 21.84
N TYR B 197 3.63 -10.03 22.12
CA TYR B 197 5.06 -10.17 21.87
C TYR B 197 5.69 -11.40 22.55
N ILE B 198 5.19 -11.74 23.76
CA ILE B 198 5.66 -12.86 24.56
C ILE B 198 5.42 -14.21 23.83
N PRO B 199 4.17 -14.66 23.53
CA PRO B 199 3.99 -15.94 22.82
C PRO B 199 4.34 -15.92 21.32
N ASN B 200 4.43 -14.72 20.71
CA ASN B 200 4.67 -14.61 19.28
C ASN B 200 6.12 -14.47 18.86
N ILE B 201 6.91 -13.72 19.66
CA ILE B 201 8.31 -13.44 19.31
C ILE B 201 9.28 -13.87 20.41
N ILE B 202 9.14 -13.33 21.64
CA ILE B 202 10.05 -13.59 22.76
C ILE B 202 10.21 -15.11 23.07
N LEU B 203 9.14 -15.80 23.53
CA LEU B 203 9.24 -17.22 23.86
C LEU B 203 9.69 -18.07 22.67
N PRO B 204 9.08 -17.98 21.43
CA PRO B 204 9.60 -18.80 20.31
C PRO B 204 11.10 -18.65 20.13
N MET B 205 11.56 -17.39 20.13
CA MET B 205 12.97 -17.04 20.00
C MET B 205 13.87 -17.63 21.11
N LEU B 206 13.35 -17.76 22.33
CA LEU B 206 14.10 -18.33 23.46
C LEU B 206 14.24 -19.83 23.33
N PHE B 207 13.12 -20.53 22.96
CA PHE B 207 13.05 -21.99 22.75
CA PHE B 207 13.17 -21.97 22.84
C PHE B 207 14.09 -22.40 21.69
N ILE B 208 14.12 -21.63 20.54
CA ILE B 208 15.04 -21.98 19.45
C ILE B 208 16.49 -21.79 19.91
N LEU B 209 16.76 -20.78 20.77
CA LEU B 209 18.09 -20.58 21.34
C LEU B 209 18.47 -21.77 22.25
N PHE B 210 17.49 -22.26 23.05
CA PHE B 210 17.69 -23.38 23.94
C PHE B 210 17.91 -24.67 23.18
N ILE B 211 17.28 -24.80 21.97
CA ILE B 211 17.48 -25.97 21.08
C ILE B 211 18.93 -26.02 20.66
N SER B 212 19.52 -24.86 20.30
CA SER B 212 20.95 -24.82 19.90
C SER B 212 21.82 -25.45 20.99
N TRP B 213 21.53 -25.12 22.29
CA TRP B 213 22.29 -25.59 23.46
C TRP B 213 22.22 -27.10 23.71
N THR B 214 21.38 -27.85 22.96
CA THR B 214 21.36 -29.32 23.10
C THR B 214 22.63 -29.93 22.48
N ALA B 215 23.38 -29.12 21.70
CA ALA B 215 24.65 -29.53 21.08
C ALA B 215 25.74 -29.73 22.16
N PHE B 216 25.48 -29.22 23.40
CA PHE B 216 26.38 -29.41 24.54
C PHE B 216 26.22 -30.81 25.13
N TRP B 217 25.16 -31.54 24.72
CA TRP B 217 24.93 -32.94 25.11
C TRP B 217 25.17 -33.92 23.95
N SER B 218 25.75 -33.41 22.84
CA SER B 218 26.11 -34.21 21.65
C SER B 218 27.58 -34.07 21.27
N THR B 219 28.16 -35.15 20.74
CA THR B 219 29.56 -35.24 20.27
C THR B 219 29.60 -35.34 18.74
N SER B 220 28.38 -35.46 18.12
CA SER B 220 28.17 -35.60 16.69
C SER B 220 28.28 -34.24 16.00
N TYR B 221 29.49 -33.90 15.52
CA TYR B 221 29.78 -32.64 14.83
C TYR B 221 28.73 -32.31 13.79
N GLU B 222 28.45 -33.25 12.88
CA GLU B 222 27.44 -33.13 11.81
C GLU B 222 26.04 -32.74 12.37
N ALA B 223 25.62 -33.39 13.50
CA ALA B 223 24.34 -33.08 14.16
C ALA B 223 24.39 -31.69 14.81
N ASN B 224 25.52 -31.37 15.48
CA ASN B 224 25.74 -30.08 16.13
C ASN B 224 25.69 -28.94 15.11
N VAL B 225 26.44 -29.07 13.99
CA VAL B 225 26.45 -28.09 12.88
C VAL B 225 24.99 -27.82 12.50
N THR B 226 24.20 -28.89 12.24
CA THR B 226 22.79 -28.80 11.87
C THR B 226 22.01 -28.03 12.92
N LEU B 227 22.17 -28.36 14.21
CA LEU B 227 21.45 -27.64 15.28
C LEU B 227 21.68 -26.14 15.25
N VAL B 228 22.95 -25.70 15.45
CA VAL B 228 23.36 -24.29 15.55
C VAL B 228 23.04 -23.46 14.30
N VAL B 229 23.30 -24.01 13.12
CA VAL B 229 23.01 -23.33 11.87
C VAL B 229 21.47 -23.07 11.71
N SER B 230 20.64 -24.13 11.90
CA SER B 230 19.18 -24.12 11.77
C SER B 230 18.53 -23.09 12.67
N THR B 231 18.83 -23.24 13.98
CA THR B 231 18.33 -22.36 15.02
C THR B 231 18.78 -20.94 14.75
N LEU B 232 20.03 -20.76 14.23
CA LEU B 232 20.52 -19.44 13.83
C LEU B 232 19.65 -18.87 12.70
N ILE B 233 19.37 -19.66 11.66
CA ILE B 233 18.51 -19.22 10.56
C ILE B 233 17.13 -18.78 11.11
N ALA B 234 16.54 -19.59 12.05
CA ALA B 234 15.25 -19.24 12.69
C ALA B 234 15.34 -17.90 13.42
N HIS B 235 16.47 -17.63 14.11
CA HIS B 235 16.71 -16.38 14.83
C HIS B 235 16.78 -15.22 13.85
N ILE B 236 17.45 -15.40 12.68
CA ILE B 236 17.55 -14.37 11.65
C ILE B 236 16.11 -13.99 11.22
N ALA B 237 15.26 -15.02 10.90
CA ALA B 237 13.83 -14.85 10.52
C ALA B 237 13.08 -13.99 11.56
N PHE B 238 13.30 -14.27 12.86
CA PHE B 238 12.70 -13.50 13.94
C PHE B 238 13.22 -12.07 13.98
N ASN B 239 14.56 -11.90 13.88
CA ASN B 239 15.21 -10.58 13.86
C ASN B 239 14.64 -9.75 12.71
N ILE B 240 14.45 -10.34 11.51
CA ILE B 240 13.89 -9.64 10.36
C ILE B 240 12.45 -9.23 10.65
N LEU B 241 11.60 -10.20 11.05
CA LEU B 241 10.19 -9.98 11.38
C LEU B 241 10.05 -8.84 12.37
N VAL B 242 10.94 -8.79 13.37
CA VAL B 242 10.94 -7.72 14.38
C VAL B 242 11.31 -6.37 13.75
N GLU B 243 12.46 -6.30 13.02
CA GLU B 243 12.91 -5.03 12.44
C GLU B 243 11.92 -4.48 11.38
N THR B 244 11.07 -5.35 10.74
CA THR B 244 10.05 -4.87 9.79
C THR B 244 8.99 -3.99 10.50
N ASN B 245 8.59 -4.34 11.74
CA ASN B 245 7.58 -3.61 12.53
C ASN B 245 8.13 -2.40 13.31
N LEU B 246 9.39 -1.98 13.05
CA LEU B 246 10.08 -0.90 13.76
C LEU B 246 10.89 0.01 12.87
N PRO B 247 10.95 1.33 13.16
CA PRO B 247 11.82 2.20 12.36
C PRO B 247 13.29 2.09 12.80
N LYS B 248 14.17 2.57 11.93
CA LYS B 248 15.59 2.58 12.11
C LYS B 248 15.95 3.72 13.05
N THR B 249 16.14 3.38 14.33
CA THR B 249 16.48 4.31 15.40
C THR B 249 18.00 4.55 15.47
N PRO B 250 18.45 5.79 15.77
CA PRO B 250 19.90 6.02 15.89
C PRO B 250 20.45 5.60 17.26
N TYR B 251 19.67 4.80 17.99
CA TYR B 251 19.96 4.30 19.32
C TYR B 251 19.59 2.84 19.42
N MET B 252 20.08 2.17 20.47
CA MET B 252 19.77 0.77 20.71
C MET B 252 18.44 0.67 21.45
N THR B 253 17.60 -0.28 21.02
CA THR B 253 16.31 -0.57 21.64
C THR B 253 16.49 -1.84 22.47
N TYR B 254 15.63 -2.06 23.46
CA TYR B 254 15.74 -3.22 24.35
C TYR B 254 15.71 -4.55 23.59
N THR B 255 14.68 -4.74 22.71
CA THR B 255 14.48 -5.91 21.84
C THR B 255 15.70 -6.07 20.93
N GLY B 256 16.17 -4.96 20.37
CA GLY B 256 17.32 -4.91 19.48
C GLY B 256 18.56 -5.42 20.15
N ALA B 257 18.83 -4.90 21.38
CA ALA B 257 19.95 -5.28 22.24
C ALA B 257 19.93 -6.80 22.50
N ILE B 258 18.77 -7.33 23.01
CA ILE B 258 18.55 -8.75 23.30
C ILE B 258 18.87 -9.58 22.06
N ILE B 259 18.18 -9.29 20.92
CA ILE B 259 18.36 -9.94 19.63
C ILE B 259 19.84 -9.96 19.24
N PHE B 260 20.52 -8.79 19.34
CA PHE B 260 21.95 -8.68 19.01
C PHE B 260 22.80 -9.60 19.87
N MET B 261 22.57 -9.54 21.19
CA MET B 261 23.27 -10.34 22.19
C MET B 261 23.16 -11.84 21.83
N ILE B 262 21.93 -12.30 21.48
CA ILE B 262 21.66 -13.70 21.10
C ILE B 262 22.54 -14.14 19.93
N TYR B 263 22.82 -13.23 18.98
CA TYR B 263 23.71 -13.51 17.84
C TYR B 263 25.10 -13.90 18.34
N LEU B 264 25.57 -13.28 19.44
CA LEU B 264 26.89 -13.59 20.01
C LEU B 264 26.91 -14.97 20.64
N PHE B 265 25.79 -15.38 21.26
CA PHE B 265 25.62 -16.72 21.85
C PHE B 265 25.70 -17.80 20.76
N TYR B 266 25.14 -17.49 19.57
CA TYR B 266 25.19 -18.39 18.41
C TYR B 266 26.62 -18.51 17.89
N PHE B 267 27.35 -17.38 17.85
CA PHE B 267 28.74 -17.37 17.42
C PHE B 267 29.62 -18.26 18.32
N VAL B 268 29.51 -18.06 19.64
CA VAL B 268 30.27 -18.81 20.63
C VAL B 268 29.87 -20.32 20.61
N ALA B 269 28.58 -20.64 20.33
CA ALA B 269 28.15 -22.03 20.20
C ALA B 269 28.88 -22.67 19.01
N VAL B 270 28.91 -21.97 17.84
CA VAL B 270 29.64 -22.42 16.65
C VAL B 270 31.11 -22.69 17.00
N ILE B 271 31.77 -21.73 17.70
CA ILE B 271 33.16 -21.86 18.14
C ILE B 271 33.30 -23.12 18.99
N GLU B 272 32.40 -23.32 20.01
CA GLU B 272 32.43 -24.48 20.92
C GLU B 272 32.34 -25.76 20.12
N VAL B 273 31.31 -25.87 19.28
CA VAL B 273 31.04 -26.99 18.39
C VAL B 273 32.27 -27.33 17.51
N THR B 274 32.93 -26.26 16.99
CA THR B 274 34.12 -26.36 16.14
C THR B 274 35.32 -26.92 16.95
N VAL B 275 35.64 -26.26 18.09
CA VAL B 275 36.74 -26.61 19.00
C VAL B 275 36.60 -28.05 19.49
N GLN B 276 35.37 -28.42 19.94
CA GLN B 276 35.06 -29.76 20.42
C GLN B 276 35.47 -30.82 19.38
N HIS B 277 35.00 -30.64 18.12
CA HIS B 277 35.28 -31.52 16.99
C HIS B 277 36.75 -31.58 16.65
N TYR B 278 37.43 -30.42 16.56
CA TYR B 278 38.86 -30.34 16.28
C TYR B 278 39.64 -31.23 17.26
N LEU B 279 39.35 -31.04 18.57
CA LEU B 279 39.94 -31.79 19.66
C LEU B 279 39.63 -33.28 19.56
N LYS B 280 38.36 -33.64 19.22
CA LYS B 280 37.92 -35.02 19.06
C LYS B 280 38.79 -35.72 18.01
N VAL B 281 38.94 -35.05 16.85
CA VAL B 281 39.79 -35.51 15.73
C VAL B 281 41.26 -35.60 16.16
N GLU B 282 41.74 -34.58 16.89
CA GLU B 282 43.11 -34.49 17.44
C GLU B 282 43.41 -35.55 18.51
N SER B 283 42.43 -36.44 18.75
CA SER B 283 42.44 -37.53 19.74
C SER B 283 42.64 -36.99 21.15
N GLN B 284 41.90 -35.91 21.46
CA GLN B 284 41.85 -35.26 22.76
C GLN B 284 40.38 -35.07 23.21
N PRO B 285 39.56 -36.17 23.27
CA PRO B 285 38.16 -36.01 23.70
C PRO B 285 37.95 -35.66 25.15
N ALA B 286 38.91 -35.95 26.04
CA ALA B 286 38.81 -35.63 27.45
C ALA B 286 38.87 -34.12 27.67
N ARG B 287 39.66 -33.39 26.86
CA ARG B 287 39.80 -31.93 26.94
C ARG B 287 38.53 -31.28 26.35
N ALA B 288 38.06 -31.85 25.23
CA ALA B 288 36.87 -31.46 24.51
C ALA B 288 35.69 -31.63 25.47
N ALA B 289 35.69 -32.74 26.27
CA ALA B 289 34.68 -33.09 27.28
C ALA B 289 34.52 -32.00 28.32
N SER B 290 35.65 -31.47 28.87
CA SER B 290 35.68 -30.41 29.87
C SER B 290 35.00 -29.13 29.34
N ILE B 291 35.38 -28.73 28.11
CA ILE B 291 34.84 -27.55 27.44
C ILE B 291 33.33 -27.68 27.25
N THR B 292 32.85 -28.86 26.77
CA THR B 292 31.43 -29.12 26.52
C THR B 292 30.65 -29.11 27.83
N ARG B 293 31.18 -29.78 28.86
CA ARG B 293 30.59 -29.81 30.20
C ARG B 293 30.47 -28.41 30.82
N ALA B 294 31.52 -27.56 30.64
CA ALA B 294 31.54 -26.18 31.14
C ALA B 294 30.47 -25.36 30.43
N SER B 295 30.40 -25.51 29.10
CA SER B 295 29.45 -24.82 28.23
C SER B 295 27.99 -25.02 28.67
N ARG B 296 27.66 -26.26 29.14
CA ARG B 296 26.35 -26.66 29.64
C ARG B 296 25.85 -25.75 30.75
N ILE B 297 26.77 -25.31 31.63
CA ILE B 297 26.50 -24.39 32.74
C ILE B 297 26.75 -22.93 32.33
N ALA B 298 27.86 -22.66 31.65
CA ALA B 298 28.29 -21.33 31.23
C ALA B 298 27.25 -20.60 30.38
N PHE B 299 26.79 -21.22 29.27
CA PHE B 299 25.82 -20.61 28.34
C PHE B 299 24.52 -20.15 29.04
N PRO B 300 23.82 -20.99 29.85
CA PRO B 300 22.61 -20.48 30.53
C PRO B 300 22.92 -19.37 31.53
N VAL B 301 23.94 -19.58 32.40
CA VAL B 301 24.36 -18.61 33.43
C VAL B 301 24.71 -17.25 32.83
N VAL B 302 25.64 -17.21 31.85
CA VAL B 302 26.05 -16.00 31.14
C VAL B 302 24.82 -15.39 30.42
N PHE B 303 23.93 -16.22 29.85
CA PHE B 303 22.71 -15.69 29.21
C PHE B 303 21.79 -14.95 30.21
N LEU B 304 21.55 -15.58 31.38
CA LEU B 304 20.74 -15.06 32.47
C LEU B 304 21.31 -13.74 33.02
N LEU B 305 22.63 -13.71 33.33
CA LEU B 305 23.32 -12.52 33.86
C LEU B 305 23.31 -11.35 32.86
N ALA B 306 23.63 -11.64 31.58
CA ALA B 306 23.63 -10.66 30.50
C ALA B 306 22.24 -9.99 30.36
N ASN B 307 21.18 -10.82 30.51
CA ASN B 307 19.80 -10.35 30.45
C ASN B 307 19.43 -9.47 31.65
N ILE B 308 19.90 -9.86 32.88
CA ILE B 308 19.71 -9.06 34.10
C ILE B 308 20.38 -7.71 33.88
N ILE B 309 21.67 -7.72 33.43
CA ILE B 309 22.42 -6.49 33.11
C ILE B 309 21.63 -5.62 32.11
N LEU B 310 21.27 -6.20 30.95
CA LEU B 310 20.52 -5.50 29.91
C LEU B 310 19.22 -4.84 30.41
N ALA B 311 18.38 -5.61 31.13
CA ALA B 311 17.13 -5.12 31.70
C ALA B 311 17.41 -3.99 32.68
N PHE B 312 18.49 -4.12 33.50
CA PHE B 312 18.87 -3.06 34.43
C PHE B 312 19.19 -1.77 33.67
N LEU B 313 20.02 -1.85 32.61
CA LEU B 313 20.40 -0.70 31.78
C LEU B 313 19.21 -0.04 31.11
N PHE B 314 18.30 -0.83 30.52
CA PHE B 314 17.13 -0.29 29.84
C PHE B 314 16.02 0.20 30.78
N PHE B 315 15.79 -0.49 31.92
CA PHE B 315 14.76 -0.12 32.90
C PHE B 315 15.39 0.00 34.28
N VAL C 5 -31.26 29.32 7.66
CA VAL C 5 -32.31 28.40 8.12
C VAL C 5 -32.17 28.06 9.61
N SER C 6 -33.31 27.85 10.27
CA SER C 6 -33.41 27.54 11.70
C SER C 6 -34.19 26.22 11.90
N PRO C 7 -34.15 25.54 13.07
CA PRO C 7 -34.90 24.27 13.21
C PRO C 7 -36.41 24.44 13.39
N PRO C 8 -37.25 23.39 13.24
CA PRO C 8 -38.70 23.58 13.43
C PRO C 8 -39.05 23.92 14.87
N PRO C 9 -40.01 24.84 15.07
CA PRO C 9 -40.35 25.22 16.45
C PRO C 9 -41.23 24.18 17.15
N PRO C 10 -41.02 23.96 18.47
CA PRO C 10 -41.84 22.95 19.18
C PRO C 10 -43.26 23.43 19.42
N ILE C 11 -44.23 22.51 19.32
CA ILE C 11 -45.63 22.83 19.59
C ILE C 11 -45.83 23.12 21.09
N ALA C 12 -45.17 22.32 21.94
CA ALA C 12 -45.19 22.47 23.39
C ALA C 12 -43.76 22.71 23.90
N ASP C 13 -43.05 21.62 24.25
CA ASP C 13 -41.68 21.66 24.76
C ASP C 13 -40.94 20.36 24.37
N GLU C 14 -41.65 19.49 23.61
CA GLU C 14 -41.18 18.19 23.14
C GLU C 14 -39.91 18.28 22.26
N PRO C 15 -39.02 17.26 22.33
CA PRO C 15 -37.84 17.28 21.45
C PRO C 15 -38.20 16.84 20.03
N LEU C 16 -37.38 17.23 19.05
CA LEU C 16 -37.60 16.86 17.64
C LEU C 16 -37.13 15.41 17.38
N THR C 17 -38.09 14.51 17.03
CA THR C 17 -37.78 13.12 16.73
C THR C 17 -37.40 12.94 15.24
N VAL C 18 -36.15 12.58 15.00
CA VAL C 18 -35.65 12.34 13.66
C VAL C 18 -35.62 10.83 13.48
N ASN C 19 -36.50 10.34 12.59
CA ASN C 19 -36.63 8.93 12.26
C ASN C 19 -35.58 8.53 11.25
N THR C 20 -34.79 7.53 11.63
CA THR C 20 -33.67 7.05 10.85
C THR C 20 -33.88 5.66 10.28
N GLY C 21 -33.07 5.36 9.26
CA GLY C 21 -33.01 4.09 8.56
C GLY C 21 -31.72 3.96 7.77
N ILE C 22 -31.14 2.76 7.77
CA ILE C 22 -29.92 2.47 7.00
C ILE C 22 -30.21 1.23 6.17
N TYR C 23 -30.08 1.35 4.84
CA TYR C 23 -30.28 0.21 3.94
C TYR C 23 -28.96 -0.05 3.26
N LEU C 24 -28.24 -1.14 3.67
CA LEU C 24 -26.92 -1.53 3.15
C LEU C 24 -26.98 -1.97 1.70
N ILE C 25 -26.26 -1.25 0.84
CA ILE C 25 -26.19 -1.53 -0.60
C ILE C 25 -24.99 -2.42 -0.88
N GLU C 26 -23.80 -2.07 -0.32
CA GLU C 26 -22.57 -2.82 -0.49
C GLU C 26 -21.76 -2.89 0.81
N CYS C 27 -21.22 -4.08 1.09
CA CYS C 27 -20.34 -4.32 2.23
C CYS C 27 -19.09 -4.88 1.68
N TYR C 28 -17.97 -4.28 2.05
CA TYR C 28 -16.67 -4.68 1.53
C TYR C 28 -15.53 -4.32 2.48
N SER C 29 -14.32 -4.76 2.11
CA SER C 29 -13.05 -4.49 2.74
C SER C 29 -13.07 -4.55 4.29
N LEU C 30 -13.33 -5.77 4.85
CA LEU C 30 -13.20 -5.97 6.29
C LEU C 30 -11.72 -6.27 6.61
N ASP C 31 -11.00 -5.23 7.06
CA ASP C 31 -9.59 -5.30 7.44
C ASP C 31 -9.51 -5.78 8.88
N ASP C 32 -8.92 -6.94 9.11
CA ASP C 32 -8.82 -7.52 10.44
C ASP C 32 -7.84 -6.78 11.34
N LYS C 33 -6.65 -6.45 10.78
CA LYS C 33 -5.61 -5.73 11.49
C LYS C 33 -6.10 -4.32 11.84
N ALA C 34 -6.73 -3.63 10.84
CA ALA C 34 -7.24 -2.28 11.04
C ALA C 34 -8.54 -2.22 11.83
N GLU C 35 -9.30 -3.34 11.88
CA GLU C 35 -10.60 -3.45 12.54
C GLU C 35 -11.56 -2.43 11.92
N THR C 36 -11.55 -2.39 10.57
CA THR C 36 -12.38 -1.51 9.76
C THR C 36 -13.14 -2.32 8.69
N PHE C 37 -14.18 -1.70 8.13
CA PHE C 37 -14.99 -2.20 7.02
C PHE C 37 -15.53 -1.00 6.26
N LYS C 38 -15.62 -1.14 4.95
CA LYS C 38 -16.15 -0.10 4.10
C LYS C 38 -17.61 -0.43 3.81
N VAL C 39 -18.46 0.60 3.72
CA VAL C 39 -19.89 0.42 3.50
C VAL C 39 -20.45 1.44 2.50
N ASN C 40 -21.35 0.98 1.62
CA ASN C 40 -22.09 1.82 0.70
C ASN C 40 -23.56 1.57 1.03
N ALA C 41 -24.27 2.62 1.47
CA ALA C 41 -25.64 2.45 1.95
C ALA C 41 -26.50 3.68 1.78
N PHE C 42 -27.82 3.48 1.97
CA PHE C 42 -28.80 4.54 1.95
C PHE C 42 -29.04 4.95 3.39
N LEU C 43 -29.07 6.26 3.63
CA LEU C 43 -29.42 6.86 4.93
C LEU C 43 -30.74 7.60 4.73
N SER C 44 -31.73 7.27 5.55
CA SER C 44 -33.03 7.91 5.47
C SER C 44 -33.28 8.73 6.74
N LEU C 45 -33.80 9.95 6.59
CA LEU C 45 -34.11 10.83 7.70
C LEU C 45 -35.51 11.41 7.53
N SER C 46 -36.29 11.42 8.64
CA SER C 46 -37.66 11.90 8.62
C SER C 46 -38.01 12.65 9.89
N TRP C 47 -38.55 13.85 9.73
CA TRP C 47 -38.96 14.74 10.82
C TRP C 47 -40.06 15.67 10.34
N LYS C 48 -40.89 16.15 11.27
CA LYS C 48 -41.97 17.09 10.97
C LYS C 48 -41.50 18.54 11.15
N ASP C 49 -41.70 19.34 10.09
CA ASP C 49 -41.41 20.77 10.06
C ASP C 49 -42.73 21.48 9.67
N ARG C 50 -43.50 21.93 10.67
CA ARG C 50 -44.80 22.58 10.46
C ARG C 50 -44.72 23.78 9.53
N ARG C 51 -43.58 24.50 9.53
CA ARG C 51 -43.26 25.63 8.66
C ARG C 51 -43.35 25.24 7.18
N LEU C 52 -43.18 23.94 6.89
CA LEU C 52 -43.24 23.37 5.55
C LEU C 52 -44.61 22.76 5.20
N ALA C 53 -45.60 22.90 6.10
CA ALA C 53 -46.95 22.40 5.86
C ALA C 53 -47.62 23.15 4.71
N PHE C 54 -48.52 22.47 4.00
CA PHE C 54 -49.26 23.01 2.87
C PHE C 54 -50.61 22.32 2.70
N ASP C 55 -51.54 22.96 1.97
CA ASP C 55 -52.87 22.39 1.73
C ASP C 55 -52.83 21.40 0.54
N PRO C 56 -53.42 20.19 0.66
CA PRO C 56 -53.39 19.26 -0.49
C PRO C 56 -54.42 19.60 -1.59
N VAL C 57 -55.71 19.87 -1.24
CA VAL C 57 -56.78 20.21 -2.20
C VAL C 57 -56.51 21.56 -2.92
N ARG C 58 -55.92 22.55 -2.20
CA ARG C 58 -55.61 23.89 -2.74
C ARG C 58 -54.38 23.90 -3.64
N SER C 59 -53.26 23.34 -3.16
CA SER C 59 -51.98 23.29 -3.90
C SER C 59 -51.98 22.32 -5.09
N GLY C 60 -52.92 21.38 -5.11
CA GLY C 60 -53.01 20.38 -6.18
C GLY C 60 -51.99 19.28 -6.00
N VAL C 61 -50.70 19.66 -5.78
CA VAL C 61 -49.59 18.72 -5.52
C VAL C 61 -49.71 18.13 -4.12
N ARG C 62 -49.44 16.82 -4.01
CA ARG C 62 -49.52 16.06 -2.76
C ARG C 62 -48.17 16.07 -2.05
N VAL C 63 -47.08 16.13 -2.82
CA VAL C 63 -45.70 16.12 -2.34
C VAL C 63 -44.87 17.21 -3.03
N LYS C 64 -44.10 17.97 -2.24
CA LYS C 64 -43.19 19.03 -2.69
C LYS C 64 -41.73 18.58 -2.51
N THR C 65 -40.91 18.72 -3.57
CA THR C 65 -39.49 18.35 -3.61
C THR C 65 -38.60 19.58 -3.41
N TYR C 66 -37.78 19.60 -2.35
CA TYR C 66 -36.88 20.71 -2.04
C TYR C 66 -35.41 20.33 -2.20
N GLU C 67 -34.56 21.35 -2.41
CA GLU C 67 -33.12 21.21 -2.49
C GLU C 67 -32.57 21.28 -1.05
N PRO C 68 -31.52 20.50 -0.69
CA PRO C 68 -31.01 20.53 0.71
C PRO C 68 -30.77 21.92 1.31
N GLU C 69 -30.26 22.85 0.49
CA GLU C 69 -29.97 24.23 0.87
C GLU C 69 -31.22 25.04 1.19
N ALA C 70 -32.34 24.73 0.51
CA ALA C 70 -33.64 25.42 0.66
C ALA C 70 -34.29 25.24 2.03
N ILE C 71 -34.23 24.04 2.61
CA ILE C 71 -34.87 23.74 3.89
C ILE C 71 -33.89 23.34 5.01
N TRP C 72 -34.39 23.34 6.26
CA TRP C 72 -33.60 22.96 7.42
C TRP C 72 -33.45 21.44 7.48
N ILE C 73 -32.19 20.97 7.58
CA ILE C 73 -31.86 19.56 7.66
C ILE C 73 -31.02 19.29 8.92
N PRO C 74 -31.40 18.28 9.73
CA PRO C 74 -30.61 17.97 10.94
C PRO C 74 -29.22 17.43 10.62
N GLU C 75 -28.21 17.95 11.33
CA GLU C 75 -26.81 17.56 11.20
C GLU C 75 -26.57 16.17 11.85
N ILE C 76 -26.78 15.13 11.04
CA ILE C 76 -26.60 13.73 11.44
C ILE C 76 -25.20 13.27 11.11
N ARG C 77 -24.52 12.67 12.07
CA ARG C 77 -23.16 12.21 11.86
C ARG C 77 -23.01 10.75 12.30
N PHE C 78 -21.88 10.14 11.92
CA PHE C 78 -21.54 8.79 12.34
C PHE C 78 -20.46 8.94 13.35
N VAL C 79 -20.54 8.20 14.45
CA VAL C 79 -19.54 8.30 15.50
C VAL C 79 -18.22 7.65 15.06
N ASN C 80 -18.29 6.34 14.77
CA ASN C 80 -17.17 5.48 14.48
C ASN C 80 -16.74 5.43 12.99
N VAL C 81 -16.56 6.60 12.39
CA VAL C 81 -16.04 6.71 11.03
C VAL C 81 -14.62 7.28 11.03
N GLU C 82 -13.81 6.90 10.02
CA GLU C 82 -12.45 7.40 9.88
C GLU C 82 -12.51 8.88 9.48
N ASN C 83 -13.14 9.17 8.34
CA ASN C 83 -13.38 10.53 7.87
C ASN C 83 -14.89 10.70 7.69
N ALA C 84 -15.35 11.93 7.39
CA ALA C 84 -16.76 12.22 7.17
C ALA C 84 -17.24 11.49 5.92
N ARG C 85 -18.45 10.89 6.03
CA ARG C 85 -19.10 10.13 4.97
C ARG C 85 -19.22 10.90 3.64
N ASP C 86 -18.91 10.20 2.53
CA ASP C 86 -19.05 10.72 1.19
C ASP C 86 -20.54 10.51 0.93
N ALA C 87 -21.31 11.61 0.94
CA ALA C 87 -22.76 11.56 0.80
C ALA C 87 -23.27 12.38 -0.36
N ASP C 88 -24.33 11.85 -1.01
CA ASP C 88 -25.02 12.49 -2.12
C ASP C 88 -26.50 12.33 -1.87
N VAL C 89 -27.19 13.47 -1.70
CA VAL C 89 -28.63 13.52 -1.44
C VAL C 89 -29.35 13.00 -2.67
N VAL C 90 -30.22 12.01 -2.45
CA VAL C 90 -31.00 11.30 -3.45
C VAL C 90 -32.35 12.00 -3.63
N ASP C 91 -33.10 12.22 -2.54
CA ASP C 91 -34.41 12.85 -2.56
C ASP C 91 -34.85 13.45 -1.23
N ILE C 92 -35.57 14.58 -1.31
CA ILE C 92 -36.19 15.33 -0.21
C ILE C 92 -37.67 15.52 -0.63
N SER C 93 -38.60 15.02 0.21
CA SER C 93 -40.03 15.03 -0.05
C SER C 93 -40.82 15.53 1.17
N VAL C 94 -41.64 16.57 1.00
CA VAL C 94 -42.43 17.12 2.10
C VAL C 94 -43.91 16.73 1.93
N SER C 95 -44.50 16.16 3.01
CA SER C 95 -45.91 15.75 3.05
C SER C 95 -46.78 16.99 3.36
N PRO C 96 -48.12 16.98 3.04
CA PRO C 96 -48.94 18.16 3.35
C PRO C 96 -48.78 18.67 4.78
N ASP C 97 -48.88 17.78 5.79
CA ASP C 97 -48.72 18.12 7.22
C ASP C 97 -47.32 18.65 7.61
N GLY C 98 -46.35 18.57 6.69
CA GLY C 98 -44.99 19.06 6.90
C GLY C 98 -43.98 18.00 7.27
N THR C 99 -44.29 16.71 7.03
CA THR C 99 -43.34 15.64 7.33
C THR C 99 -42.33 15.53 6.19
N VAL C 100 -41.05 15.72 6.54
CA VAL C 100 -39.94 15.67 5.60
C VAL C 100 -39.38 14.26 5.50
N GLN C 101 -39.21 13.78 4.25
CA GLN C 101 -38.64 12.49 3.93
C GLN C 101 -37.39 12.70 3.09
N TYR C 102 -36.25 12.73 3.79
CA TYR C 102 -34.90 12.92 3.30
C TYR C 102 -34.29 11.55 3.08
N LEU C 103 -33.50 11.45 2.00
CA LEU C 103 -32.76 10.26 1.62
C LEU C 103 -31.47 10.65 0.96
N GLU C 104 -30.39 9.98 1.36
CA GLU C 104 -29.04 10.18 0.83
C GLU C 104 -28.33 8.84 0.70
N ARG C 105 -27.42 8.75 -0.26
CA ARG C 105 -26.62 7.55 -0.42
C ARG C 105 -25.20 7.88 0.03
N PHE C 106 -24.62 7.05 0.89
CA PHE C 106 -23.30 7.30 1.42
C PHE C 106 -22.35 6.12 1.32
N SER C 107 -21.07 6.40 1.51
CA SER C 107 -19.98 5.46 1.60
C SER C 107 -19.12 5.91 2.78
N ALA C 108 -18.72 4.95 3.63
CA ALA C 108 -17.91 5.25 4.82
C ALA C 108 -17.00 4.08 5.20
N ARG C 109 -15.87 4.41 5.86
CA ARG C 109 -14.94 3.42 6.41
C ARG C 109 -15.20 3.52 7.91
N VAL C 110 -15.80 2.47 8.43
CA VAL C 110 -16.24 2.37 9.80
C VAL C 110 -15.20 1.62 10.65
N LEU C 111 -14.91 2.11 11.88
CA LEU C 111 -14.01 1.44 12.82
C LEU C 111 -14.92 0.71 13.81
N SER C 112 -14.86 -0.62 13.81
CA SER C 112 -15.59 -1.40 14.77
C SER C 112 -14.61 -2.47 15.31
N PRO C 113 -14.32 -2.44 16.65
CA PRO C 113 -13.41 -3.44 17.21
C PRO C 113 -13.88 -4.87 17.02
N LEU C 114 -12.93 -5.80 16.89
CA LEU C 114 -13.19 -7.21 16.65
C LEU C 114 -12.63 -8.06 17.76
N ASP C 115 -13.35 -9.17 18.10
CA ASP C 115 -12.94 -10.12 19.13
C ASP C 115 -12.35 -11.38 18.49
N PHE C 116 -11.01 -11.47 18.47
CA PHE C 116 -10.29 -12.56 17.84
C PHE C 116 -10.09 -13.83 18.70
N ARG C 117 -10.63 -13.85 19.95
CA ARG C 117 -10.53 -14.98 20.88
C ARG C 117 -10.83 -16.35 20.26
N ARG C 118 -11.89 -16.44 19.43
CA ARG C 118 -12.25 -17.72 18.81
C ARG C 118 -11.82 -17.87 17.33
N TYR C 119 -10.92 -16.99 16.83
CA TYR C 119 -10.40 -17.02 15.45
C TYR C 119 -9.78 -18.41 15.07
N PRO C 120 -10.02 -18.93 13.83
CA PRO C 120 -10.83 -18.36 12.75
C PRO C 120 -12.30 -18.77 12.80
N PHE C 121 -12.78 -19.24 13.98
CA PHE C 121 -14.17 -19.70 14.20
C PHE C 121 -14.98 -18.64 14.97
N ASP C 122 -14.61 -17.38 14.81
CA ASP C 122 -15.23 -16.26 15.49
C ASP C 122 -16.36 -15.63 14.70
N SER C 123 -17.25 -14.98 15.45
CA SER C 123 -18.38 -14.22 14.92
C SER C 123 -18.23 -12.82 15.48
N GLN C 124 -18.64 -11.83 14.69
CA GLN C 124 -18.52 -10.43 15.07
C GLN C 124 -19.86 -9.73 15.01
N THR C 125 -19.90 -8.53 15.61
CA THR C 125 -21.05 -7.61 15.58
C THR C 125 -20.46 -6.27 15.18
N LEU C 126 -20.61 -5.91 13.91
CA LEU C 126 -20.13 -4.63 13.43
C LEU C 126 -21.15 -3.56 13.82
N HIS C 127 -20.66 -2.35 14.15
CA HIS C 127 -21.51 -1.27 14.60
C HIS C 127 -21.41 -0.05 13.71
N ILE C 128 -22.52 0.67 13.60
CA ILE C 128 -22.62 1.95 12.93
C ILE C 128 -23.42 2.82 13.88
N TYR C 129 -22.74 3.79 14.46
CA TYR C 129 -23.37 4.70 15.41
C TYR C 129 -23.77 5.98 14.74
N LEU C 130 -25.08 6.23 14.73
CA LEU C 130 -25.68 7.43 14.21
C LEU C 130 -25.80 8.39 15.37
N ILE C 131 -25.42 9.64 15.18
CA ILE C 131 -25.50 10.63 16.26
C ILE C 131 -26.02 12.00 15.76
N VAL C 132 -26.73 12.70 16.66
CA VAL C 132 -27.25 14.07 16.44
C VAL C 132 -26.99 14.94 17.67
N ARG C 133 -26.43 16.11 17.44
CA ARG C 133 -26.22 17.04 18.53
C ARG C 133 -27.41 18.01 18.57
N SER C 134 -27.97 18.19 19.76
CA SER C 134 -29.10 19.09 20.00
C SER C 134 -28.66 20.55 19.84
N VAL C 135 -29.60 21.40 19.41
CA VAL C 135 -29.38 22.84 19.22
C VAL C 135 -29.87 23.66 20.43
N ASP C 136 -29.36 24.90 20.58
CA ASP C 136 -29.71 25.80 21.67
C ASP C 136 -31.21 26.10 21.78
N THR C 137 -31.91 26.10 20.63
CA THR C 137 -33.35 26.37 20.57
C THR C 137 -34.15 25.15 21.05
N ARG C 138 -33.89 23.94 20.52
CA ARG C 138 -34.59 22.73 20.96
C ARG C 138 -33.75 21.45 20.86
N ASN C 139 -34.03 20.48 21.73
CA ASN C 139 -33.36 19.19 21.76
C ASN C 139 -33.79 18.26 20.63
N ILE C 140 -32.80 17.53 20.05
CA ILE C 140 -33.05 16.59 18.95
C ILE C 140 -32.76 15.17 19.45
N VAL C 141 -33.72 14.25 19.19
CA VAL C 141 -33.69 12.84 19.59
C VAL C 141 -33.86 11.94 18.36
N LEU C 142 -33.06 10.86 18.26
CA LEU C 142 -33.12 9.90 17.15
C LEU C 142 -34.06 8.74 17.41
N ALA C 143 -34.68 8.24 16.35
CA ALA C 143 -35.62 7.12 16.37
C ALA C 143 -35.29 6.23 15.18
N VAL C 144 -35.74 4.97 15.24
CA VAL C 144 -35.50 3.97 14.18
C VAL C 144 -36.83 3.66 13.51
N ASP C 145 -36.87 3.81 12.17
CA ASP C 145 -38.04 3.39 11.39
C ASP C 145 -37.61 2.05 10.81
N LEU C 146 -38.04 0.95 11.45
CA LEU C 146 -37.67 -0.41 11.06
C LEU C 146 -38.04 -0.76 9.62
N GLU C 147 -39.09 -0.10 9.08
CA GLU C 147 -39.54 -0.26 7.69
C GLU C 147 -38.49 0.24 6.70
N LYS C 148 -37.53 1.06 7.19
CA LYS C 148 -36.49 1.68 6.38
C LYS C 148 -35.05 1.26 6.76
N VAL C 149 -34.94 0.16 7.54
CA VAL C 149 -33.68 -0.46 7.97
C VAL C 149 -33.61 -1.82 7.28
N GLY C 150 -32.57 -2.02 6.48
CA GLY C 150 -32.39 -3.29 5.77
C GLY C 150 -31.07 -3.43 5.06
N LYS C 151 -31.01 -4.37 4.11
CA LYS C 151 -29.82 -4.67 3.30
C LYS C 151 -30.17 -5.40 1.99
N ASN C 152 -29.37 -5.15 0.94
CA ASN C 152 -29.50 -5.79 -0.36
C ASN C 152 -29.22 -7.28 -0.20
N ASP C 153 -29.96 -8.12 -0.95
CA ASP C 153 -29.85 -9.58 -0.94
C ASP C 153 -28.50 -10.02 -1.49
N ASP C 154 -27.93 -9.23 -2.43
CA ASP C 154 -26.64 -9.43 -3.06
C ASP C 154 -25.44 -9.02 -2.17
N VAL C 155 -25.69 -8.30 -1.03
CA VAL C 155 -24.62 -7.87 -0.11
C VAL C 155 -23.76 -9.06 0.31
N PHE C 156 -22.48 -8.99 -0.06
CA PHE C 156 -21.52 -10.03 0.25
C PHE C 156 -20.26 -9.41 0.85
N LEU C 157 -19.79 -9.97 1.96
CA LEU C 157 -18.59 -9.54 2.62
C LEU C 157 -17.65 -10.74 2.49
N THR C 158 -16.59 -10.61 1.67
CA THR C 158 -15.62 -11.66 1.34
C THR C 158 -15.06 -12.31 2.60
N GLY C 159 -15.13 -13.65 2.66
CA GLY C 159 -14.65 -14.46 3.78
C GLY C 159 -15.52 -14.39 5.03
N TRP C 160 -16.73 -13.85 4.89
CA TRP C 160 -17.68 -13.69 5.97
C TRP C 160 -19.10 -14.02 5.55
N ASP C 161 -19.90 -14.50 6.52
CA ASP C 161 -21.31 -14.79 6.35
C ASP C 161 -22.05 -13.69 7.07
N ILE C 162 -22.97 -13.02 6.38
CA ILE C 162 -23.75 -11.92 6.97
C ILE C 162 -25.01 -12.51 7.60
N GLU C 163 -25.12 -12.44 8.93
CA GLU C 163 -26.28 -12.98 9.63
C GLU C 163 -27.47 -12.03 9.66
N SER C 164 -27.32 -10.90 10.36
CA SER C 164 -28.38 -9.92 10.55
C SER C 164 -27.87 -8.48 10.46
N PHE C 165 -28.81 -7.54 10.24
CA PHE C 165 -28.60 -6.11 10.26
C PHE C 165 -29.80 -5.51 10.92
N THR C 166 -29.63 -5.12 12.19
CA THR C 166 -30.71 -4.56 12.99
C THR C 166 -30.23 -3.30 13.69
N ALA C 167 -31.17 -2.55 14.27
CA ALA C 167 -30.88 -1.34 15.00
C ALA C 167 -31.47 -1.43 16.40
N VAL C 168 -30.70 -0.96 17.40
CA VAL C 168 -31.14 -0.89 18.79
C VAL C 168 -32.03 0.36 18.83
N VAL C 169 -33.37 0.12 18.77
CA VAL C 169 -34.47 1.08 18.67
C VAL C 169 -34.42 2.21 19.73
N LYS C 170 -33.96 1.89 20.97
CA LYS C 170 -33.83 2.87 22.05
C LYS C 170 -32.48 3.61 21.94
N PRO C 171 -32.52 4.95 21.66
CA PRO C 171 -31.27 5.70 21.52
C PRO C 171 -30.57 5.98 22.84
N ALA C 172 -29.23 6.10 22.78
CA ALA C 172 -28.42 6.43 23.94
C ALA C 172 -28.34 7.96 24.00
N ASN C 173 -29.22 8.58 24.82
CA ASN C 173 -29.30 10.02 25.01
C ASN C 173 -28.45 10.38 26.20
N PHE C 174 -27.51 11.31 25.98
CA PHE C 174 -26.54 11.71 26.97
C PHE C 174 -26.10 13.15 26.79
N ALA C 175 -25.52 13.70 27.86
CA ALA C 175 -24.93 15.03 27.88
C ALA C 175 -23.50 14.90 27.34
N LEU C 176 -23.10 15.90 26.56
CA LEU C 176 -21.76 15.97 26.01
C LEU C 176 -21.48 17.43 25.78
N GLU C 177 -20.36 17.94 26.35
CA GLU C 177 -19.93 19.35 26.26
C GLU C 177 -21.11 20.32 26.37
N ASP C 178 -21.88 20.18 27.47
CA ASP C 178 -23.04 20.97 27.89
C ASP C 178 -24.23 20.96 26.89
N ARG C 179 -24.30 19.96 25.98
CA ARG C 179 -25.42 19.80 25.04
C ARG C 179 -25.85 18.33 24.93
N LEU C 180 -27.13 18.11 24.60
CA LEU C 180 -27.70 16.77 24.47
C LEU C 180 -27.28 16.11 23.17
N GLU C 181 -27.01 14.81 23.25
CA GLU C 181 -26.59 13.99 22.13
C GLU C 181 -27.38 12.70 22.12
N SER C 182 -27.96 12.36 20.96
CA SER C 182 -28.77 11.14 20.77
C SER C 182 -28.01 10.20 19.83
N LYS C 183 -27.61 9.01 20.33
CA LYS C 183 -26.84 8.00 19.60
C LYS C 183 -27.71 6.77 19.29
N LEU C 184 -27.52 6.18 18.08
CA LEU C 184 -28.22 4.97 17.65
C LEU C 184 -27.24 3.89 17.23
N ASP C 185 -27.51 2.64 17.62
CA ASP C 185 -26.63 1.53 17.32
C ASP C 185 -27.15 0.60 16.22
N TYR C 186 -26.57 0.71 15.02
CA TYR C 186 -26.88 -0.18 13.92
C TYR C 186 -25.87 -1.32 13.97
N GLN C 187 -26.37 -2.54 14.22
CA GLN C 187 -25.56 -3.74 14.37
C GLN C 187 -25.66 -4.72 13.21
N LEU C 188 -24.50 -5.05 12.64
CA LEU C 188 -24.35 -6.02 11.55
C LEU C 188 -23.61 -7.28 12.09
N ARG C 189 -24.38 -8.35 12.38
CA ARG C 189 -23.86 -9.62 12.88
C ARG C 189 -23.35 -10.47 11.74
N ILE C 190 -22.08 -10.86 11.83
CA ILE C 190 -21.38 -11.64 10.82
C ILE C 190 -20.62 -12.79 11.48
N SER C 191 -20.33 -13.84 10.70
CA SER C 191 -19.56 -14.99 11.17
C SER C 191 -18.55 -15.38 10.11
N ARG C 192 -17.31 -15.59 10.54
CA ARG C 192 -16.21 -15.91 9.65
C ARG C 192 -16.37 -17.26 8.95
N GLN C 193 -16.01 -17.30 7.66
CA GLN C 193 -16.01 -18.50 6.85
C GLN C 193 -14.62 -19.15 7.10
N TYR C 194 -14.59 -20.07 8.06
CA TYR C 194 -13.39 -20.77 8.51
C TYR C 194 -12.88 -21.89 7.57
N PHE C 195 -13.66 -22.27 6.53
CA PHE C 195 -13.34 -23.34 5.59
C PHE C 195 -11.88 -23.36 5.09
N SER C 196 -11.45 -22.27 4.41
CA SER C 196 -10.12 -22.14 3.82
C SER C 196 -8.97 -22.39 4.79
N TYR C 197 -9.14 -22.00 6.06
CA TYR C 197 -8.14 -22.16 7.12
C TYR C 197 -7.70 -23.62 7.33
N ILE C 198 -8.65 -24.56 7.16
CA ILE C 198 -8.44 -25.99 7.34
C ILE C 198 -7.40 -26.53 6.31
N PRO C 199 -7.63 -26.48 4.95
CA PRO C 199 -6.62 -27.01 4.02
C PRO C 199 -5.37 -26.11 3.83
N ASN C 200 -5.45 -24.83 4.22
CA ASN C 200 -4.36 -23.89 4.01
C ASN C 200 -3.39 -23.75 5.16
N ILE C 201 -3.88 -23.78 6.40
CA ILE C 201 -3.06 -23.56 7.59
C ILE C 201 -3.13 -24.72 8.58
N ILE C 202 -4.34 -25.06 9.10
CA ILE C 202 -4.55 -26.08 10.12
C ILE C 202 -3.96 -27.46 9.70
N LEU C 203 -4.51 -28.11 8.65
CA LEU C 203 -4.03 -29.44 8.23
C LEU C 203 -2.53 -29.43 7.85
N PRO C 204 -2.01 -28.50 6.97
CA PRO C 204 -0.56 -28.51 6.70
C PRO C 204 0.28 -28.49 7.98
N MET C 205 -0.09 -27.60 8.91
CA MET C 205 0.56 -27.46 10.20
C MET C 205 0.53 -28.73 11.06
N LEU C 206 -0.57 -29.51 10.99
CA LEU C 206 -0.71 -30.74 11.76
C LEU C 206 0.16 -31.84 11.20
N PHE C 207 0.16 -31.93 9.85
CA PHE C 207 0.94 -32.90 9.09
CA PHE C 207 0.92 -32.91 9.12
C PHE C 207 2.42 -32.76 9.41
N ILE C 208 2.94 -31.51 9.38
CA ILE C 208 4.36 -31.26 9.65
C ILE C 208 4.69 -31.64 11.09
N LEU C 209 3.73 -31.43 12.03
CA LEU C 209 3.93 -31.83 13.43
C LEU C 209 4.02 -33.36 13.53
N PHE C 210 3.17 -34.07 12.78
CA PHE C 210 3.16 -35.54 12.75
C PHE C 210 4.40 -36.09 12.12
N ILE C 211 5.00 -35.37 11.14
CA ILE C 211 6.28 -35.74 10.50
C ILE C 211 7.37 -35.72 11.58
N SER C 212 7.36 -34.68 12.44
CA SER C 212 8.31 -34.58 13.54
C SER C 212 8.29 -35.85 14.40
N TRP C 213 7.10 -36.41 14.67
CA TRP C 213 6.89 -37.61 15.51
C TRP C 213 7.40 -38.93 14.89
N THR C 214 7.85 -38.92 13.62
CA THR C 214 8.43 -40.12 13.03
C THR C 214 9.81 -40.39 13.63
N ALA C 215 10.38 -39.39 14.35
CA ALA C 215 11.67 -39.51 15.04
C ALA C 215 11.56 -40.52 16.24
N PHE C 216 10.32 -40.85 16.64
CA PHE C 216 10.06 -41.83 17.69
C PHE C 216 10.19 -43.25 17.15
N TRP C 217 10.28 -43.41 15.81
CA TRP C 217 10.52 -44.69 15.16
C TRP C 217 11.92 -44.79 14.56
N SER C 218 12.80 -43.80 14.89
CA SER C 218 14.19 -43.72 14.43
C SER C 218 15.16 -43.60 15.60
N THR C 219 16.34 -44.21 15.44
CA THR C 219 17.45 -44.19 16.42
C THR C 219 18.61 -43.33 15.89
N SER C 220 18.47 -42.86 14.63
CA SER C 220 19.44 -42.05 13.91
C SER C 220 19.37 -40.60 14.37
N TYR C 221 20.21 -40.23 15.36
CA TYR C 221 20.27 -38.86 15.92
C TYR C 221 20.31 -37.80 14.84
N GLU C 222 21.24 -37.95 13.89
CA GLU C 222 21.44 -37.05 12.77
C GLU C 222 20.12 -36.86 11.97
N ALA C 223 19.41 -37.97 11.67
CA ALA C 223 18.11 -37.93 10.95
C ALA C 223 17.03 -37.27 11.80
N ASN C 224 16.99 -37.62 13.10
CA ASN C 224 16.04 -37.06 14.06
C ASN C 224 16.22 -35.53 14.16
N VAL C 225 17.46 -35.04 14.35
CA VAL C 225 17.80 -33.61 14.42
C VAL C 225 17.19 -32.93 13.18
N THR C 226 17.47 -33.50 11.97
CA THR C 226 16.97 -32.97 10.70
C THR C 226 15.44 -32.95 10.72
N LEU C 227 14.76 -34.03 11.14
CA LEU C 227 13.28 -34.01 11.20
C LEU C 227 12.72 -32.86 12.04
N VAL C 228 13.05 -32.84 13.36
CA VAL C 228 12.54 -31.88 14.35
C VAL C 228 12.86 -30.41 14.01
N VAL C 229 14.09 -30.13 13.59
CA VAL C 229 14.50 -28.79 13.21
C VAL C 229 13.72 -28.27 11.98
N SER C 230 13.64 -29.09 10.90
CA SER C 230 12.95 -28.78 9.64
C SER C 230 11.49 -28.47 9.83
N THR C 231 10.79 -29.43 10.45
CA THR C 231 9.38 -29.33 10.76
C THR C 231 9.15 -28.11 11.66
N LEU C 232 10.09 -27.83 12.61
CA LEU C 232 10.00 -26.65 13.45
C LEU C 232 10.09 -25.39 12.60
N ILE C 233 11.06 -25.32 11.67
CA ILE C 233 11.17 -24.16 10.78
C ILE C 233 9.86 -23.96 10.00
N ALA C 234 9.25 -25.07 9.46
CA ALA C 234 7.97 -25.00 8.75
C ALA C 234 6.87 -24.41 9.64
N HIS C 235 6.84 -24.80 10.94
CA HIS C 235 5.88 -24.32 11.91
C HIS C 235 6.07 -22.82 12.15
N ILE C 236 7.34 -22.36 12.24
CA ILE C 236 7.65 -20.93 12.43
C ILE C 236 7.04 -20.15 11.23
N ALA C 237 7.31 -20.63 9.99
CA ALA C 237 6.76 -20.03 8.74
C ALA C 237 5.23 -19.87 8.81
N PHE C 238 4.52 -20.93 9.30
CA PHE C 238 3.08 -20.92 9.48
C PHE C 238 2.67 -19.94 10.55
N ASN C 239 3.37 -19.94 11.71
CA ASN C 239 3.10 -19.00 12.83
C ASN C 239 3.22 -17.57 12.33
N ILE C 240 4.26 -17.24 11.52
CA ILE C 240 4.45 -15.92 10.97
C ILE C 240 3.31 -15.56 10.02
N LEU C 241 3.05 -16.43 9.01
CA LEU C 241 1.98 -16.25 8.03
C LEU C 241 0.67 -15.96 8.74
N VAL C 242 0.38 -16.67 9.84
CA VAL C 242 -0.84 -16.47 10.63
C VAL C 242 -0.83 -15.10 11.31
N GLU C 243 0.25 -14.76 12.07
CA GLU C 243 0.30 -13.50 12.80
C GLU C 243 0.27 -12.27 11.85
N THR C 244 0.69 -12.41 10.55
CA THR C 244 0.60 -11.31 9.58
C THR C 244 -0.87 -10.93 9.27
N ASN C 245 -1.79 -11.91 9.23
CA ASN C 245 -3.22 -11.71 8.95
C ASN C 245 -4.07 -11.32 10.17
N LEU C 246 -3.44 -11.02 11.32
CA LEU C 246 -4.11 -10.71 12.58
C LEU C 246 -3.48 -9.57 13.35
N PRO C 247 -4.28 -8.75 14.06
CA PRO C 247 -3.68 -7.73 14.92
C PRO C 247 -3.18 -8.29 16.26
N LYS C 248 -2.36 -7.50 16.92
CA LYS C 248 -1.76 -7.79 18.20
C LYS C 248 -2.78 -7.53 19.30
N THR C 249 -3.40 -8.62 19.75
CA THR C 249 -4.43 -8.63 20.80
C THR C 249 -3.78 -8.73 22.20
N PRO C 250 -4.33 -8.06 23.22
CA PRO C 250 -3.75 -8.20 24.57
C PRO C 250 -4.24 -9.47 25.29
N TYR C 251 -4.81 -10.40 24.52
CA TYR C 251 -5.38 -11.66 24.99
C TYR C 251 -4.94 -12.78 24.07
N MET C 252 -5.11 -14.03 24.54
CA MET C 252 -4.78 -15.20 23.74
C MET C 252 -5.96 -15.53 22.83
N THR C 253 -5.65 -15.87 21.58
CA THR C 253 -6.63 -16.29 20.59
C THR C 253 -6.52 -17.82 20.49
N TYR C 254 -7.58 -18.47 20.00
CA TYR C 254 -7.62 -19.93 19.88
C TYR C 254 -6.45 -20.48 19.02
N THR C 255 -6.26 -19.93 17.80
CA THR C 255 -5.19 -20.24 16.84
C THR C 255 -3.83 -19.98 17.49
N GLY C 256 -3.72 -18.85 18.17
CA GLY C 256 -2.51 -18.44 18.85
C GLY C 256 -2.09 -19.42 19.92
N ALA C 257 -3.08 -19.83 20.77
CA ALA C 257 -2.93 -20.82 21.83
C ALA C 257 -2.41 -22.15 21.26
N ILE C 258 -3.11 -22.70 20.21
CA ILE C 258 -2.76 -23.93 19.52
C ILE C 258 -1.32 -23.84 19.04
N ILE C 259 -1.01 -22.81 18.21
CA ILE C 259 0.32 -22.54 17.66
C ILE C 259 1.37 -22.54 18.76
N PHE C 260 1.12 -21.78 19.86
CA PHE C 260 2.03 -21.72 21.01
C PHE C 260 2.28 -23.09 21.63
N MET C 261 1.19 -23.83 21.90
CA MET C 261 1.22 -25.16 22.46
C MET C 261 2.12 -26.09 21.61
N ILE C 262 1.96 -26.05 20.26
CA ILE C 262 2.73 -26.86 19.32
C ILE C 262 4.23 -26.62 19.48
N TYR C 263 4.64 -25.37 19.78
CA TYR C 263 6.04 -25.02 20.02
C TYR C 263 6.58 -25.87 21.20
N LEU C 264 5.76 -26.11 22.23
CA LEU C 264 6.17 -26.90 23.40
C LEU C 264 6.38 -28.37 23.04
N PHE C 265 5.55 -28.90 22.12
CA PHE C 265 5.67 -30.27 21.61
C PHE C 265 6.98 -30.45 20.86
N TYR C 266 7.40 -29.40 20.10
CA TYR C 266 8.66 -29.39 19.37
C TYR C 266 9.84 -29.38 20.35
N PHE C 267 9.72 -28.59 21.44
CA PHE C 267 10.75 -28.52 22.48
C PHE C 267 10.99 -29.90 23.12
N VAL C 268 9.90 -30.53 23.56
CA VAL C 268 9.94 -31.84 24.20
C VAL C 268 10.44 -32.92 23.23
N ALA C 269 10.11 -32.82 21.90
CA ALA C 269 10.63 -33.75 20.89
C ALA C 269 12.15 -33.63 20.84
N VAL C 270 12.67 -32.37 20.78
CA VAL C 270 14.13 -32.09 20.81
C VAL C 270 14.76 -32.74 22.05
N ILE C 271 14.16 -32.51 23.24
CA ILE C 271 14.63 -33.11 24.49
C ILE C 271 14.68 -34.64 24.35
N GLU C 272 13.58 -35.27 23.86
CA GLU C 272 13.48 -36.73 23.68
C GLU C 272 14.62 -37.22 22.79
N VAL C 273 14.73 -36.62 21.58
CA VAL C 273 15.74 -36.89 20.57
C VAL C 273 17.17 -36.79 21.17
N THR C 274 17.39 -35.74 22.00
CA THR C 274 18.66 -35.48 22.71
C THR C 274 18.96 -36.59 23.74
N VAL C 275 18.00 -36.84 24.65
CA VAL C 275 18.10 -37.84 25.73
C VAL C 275 18.35 -39.23 25.14
N GLN C 276 17.58 -39.60 24.09
CA GLN C 276 17.69 -40.89 23.41
C GLN C 276 19.14 -41.11 22.96
N HIS C 277 19.70 -40.13 22.22
CA HIS C 277 21.08 -40.15 21.70
C HIS C 277 22.12 -40.21 22.81
N TYR C 278 21.98 -39.36 23.86
CA TYR C 278 22.90 -39.34 25.00
C TYR C 278 23.01 -40.76 25.58
N LEU C 279 21.85 -41.38 25.84
CA LEU C 279 21.71 -42.74 26.37
C LEU C 279 22.33 -43.77 25.43
N LYS C 280 22.08 -43.64 24.09
CA LYS C 280 22.64 -44.54 23.08
C LYS C 280 24.17 -44.55 23.23
N VAL C 281 24.77 -43.33 23.21
CA VAL C 281 26.21 -43.09 23.38
C VAL C 281 26.70 -43.67 24.73
N GLU C 282 25.94 -43.42 25.81
CA GLU C 282 26.20 -43.88 27.18
C GLU C 282 26.08 -45.41 27.32
N SER C 283 25.84 -46.10 26.17
CA SER C 283 25.67 -47.56 26.05
C SER C 283 24.51 -48.04 26.91
N GLN C 284 23.39 -47.31 26.84
CA GLN C 284 22.13 -47.61 27.52
C GLN C 284 20.95 -47.54 26.52
N PRO C 285 21.00 -48.31 25.39
CA PRO C 285 19.89 -48.24 24.42
C PRO C 285 18.56 -48.83 24.90
N ALA C 286 18.58 -49.75 25.88
CA ALA C 286 17.37 -50.35 26.42
C ALA C 286 16.53 -49.32 27.17
N ARG C 287 17.19 -48.36 27.86
CA ARG C 287 16.53 -47.31 28.63
C ARG C 287 15.99 -46.27 27.64
N ALA C 288 16.80 -45.96 26.61
CA ALA C 288 16.46 -45.05 25.54
C ALA C 288 15.24 -45.61 24.82
N ALA C 289 15.21 -46.95 24.62
CA ALA C 289 14.12 -47.68 23.97
C ALA C 289 12.79 -47.45 24.66
N SER C 290 12.74 -47.55 26.01
CA SER C 290 11.54 -47.33 26.84
C SER C 290 10.99 -45.91 26.63
N ILE C 291 11.89 -44.90 26.71
CA ILE C 291 11.53 -43.49 26.54
C ILE C 291 10.94 -43.26 25.17
N THR C 292 11.58 -43.80 24.10
CA THR C 292 11.14 -43.62 22.71
C THR C 292 9.79 -44.28 22.49
N ARG C 293 9.64 -45.52 23.00
CA ARG C 293 8.39 -46.27 22.93
C ARG C 293 7.24 -45.55 23.65
N ALA C 294 7.52 -44.96 24.83
CA ALA C 294 6.54 -44.20 25.62
C ALA C 294 6.11 -42.96 24.84
N SER C 295 7.08 -42.23 24.27
CA SER C 295 6.89 -41.02 23.49
C SER C 295 5.91 -41.22 22.32
N ARG C 296 5.98 -42.42 21.67
CA ARG C 296 5.12 -42.83 20.56
C ARG C 296 3.65 -42.74 20.92
N ILE C 297 3.29 -43.07 22.18
CA ILE C 297 1.92 -43.02 22.70
C ILE C 297 1.68 -41.66 23.40
N ALA C 298 2.63 -41.21 24.24
CA ALA C 298 2.52 -39.98 25.02
C ALA C 298 2.25 -38.73 24.17
N PHE C 299 3.08 -38.46 23.14
CA PHE C 299 2.95 -37.29 22.27
C PHE C 299 1.57 -37.16 21.61
N PRO C 300 1.03 -38.20 20.91
CA PRO C 300 -0.32 -38.06 20.33
C PRO C 300 -1.40 -37.86 21.40
N VAL C 301 -1.40 -38.72 22.46
CA VAL C 301 -2.38 -38.67 23.56
C VAL C 301 -2.40 -37.28 24.22
N VAL C 302 -1.24 -36.81 24.72
CA VAL C 302 -1.11 -35.48 25.34
C VAL C 302 -1.52 -34.40 24.33
N PHE C 303 -1.17 -34.54 23.03
CA PHE C 303 -1.58 -33.56 22.02
C PHE C 303 -3.11 -33.48 21.87
N LEU C 304 -3.78 -34.64 21.80
CA LEU C 304 -5.22 -34.79 21.68
C LEU C 304 -5.94 -34.20 22.90
N LEU C 305 -5.51 -34.58 24.13
CA LEU C 305 -6.08 -34.09 25.40
C LEU C 305 -5.90 -32.58 25.58
N ALA C 306 -4.68 -32.05 25.31
CA ALA C 306 -4.37 -30.63 25.39
C ALA C 306 -5.33 -29.84 24.47
N ASN C 307 -5.58 -30.38 23.24
CA ASN C 307 -6.48 -29.77 22.28
C ASN C 307 -7.94 -29.78 22.76
N ILE C 308 -8.39 -30.90 23.39
CA ILE C 308 -9.73 -31.02 23.98
C ILE C 308 -9.86 -29.96 25.07
N ILE C 309 -8.85 -29.85 25.98
CA ILE C 309 -8.82 -28.83 27.03
C ILE C 309 -8.95 -27.43 26.41
N LEU C 310 -8.04 -27.10 25.47
CA LEU C 310 -8.03 -25.81 24.78
C LEU C 310 -9.38 -25.43 24.14
N ALA C 311 -9.99 -26.37 23.35
CA ALA C 311 -11.27 -26.19 22.68
C ALA C 311 -12.34 -25.95 23.69
N PHE C 312 -12.29 -26.70 24.82
CA PHE C 312 -13.25 -26.53 25.91
C PHE C 312 -13.19 -25.10 26.48
N LEU C 313 -11.98 -24.61 26.80
CA LEU C 313 -11.73 -23.27 27.34
C LEU C 313 -12.17 -22.18 26.38
N PHE C 314 -11.85 -22.30 25.09
CA PHE C 314 -12.21 -21.28 24.11
C PHE C 314 -13.69 -21.33 23.69
N PHE C 315 -14.30 -22.52 23.59
CA PHE C 315 -15.70 -22.70 23.20
C PHE C 315 -16.43 -23.57 24.22
N VAL D 5 -35.52 22.91 -11.02
CA VAL D 5 -35.91 22.04 -12.13
C VAL D 5 -36.73 20.83 -11.65
N SER D 6 -37.71 20.42 -12.47
CA SER D 6 -38.60 19.29 -12.20
C SER D 6 -38.53 18.25 -13.35
N PRO D 7 -38.99 16.98 -13.19
CA PRO D 7 -38.89 16.03 -14.31
C PRO D 7 -39.90 16.26 -15.42
N PRO D 8 -39.72 15.71 -16.65
CA PRO D 8 -40.69 15.93 -17.73
C PRO D 8 -42.07 15.41 -17.40
N PRO D 9 -43.15 16.16 -17.74
CA PRO D 9 -44.49 15.69 -17.42
C PRO D 9 -44.96 14.61 -18.41
N PRO D 10 -45.71 13.58 -17.93
CA PRO D 10 -46.16 12.53 -18.84
C PRO D 10 -47.27 13.01 -19.76
N ILE D 11 -47.26 12.56 -21.02
CA ILE D 11 -48.32 12.91 -21.97
C ILE D 11 -49.63 12.24 -21.54
N ALA D 12 -49.55 10.98 -21.09
CA ALA D 12 -50.68 10.19 -20.60
C ALA D 12 -50.41 9.77 -19.15
N ASP D 13 -49.80 8.58 -18.96
CA ASP D 13 -49.48 8.02 -17.66
C ASP D 13 -48.24 7.10 -17.76
N GLU D 14 -47.61 7.11 -18.96
CA GLU D 14 -46.42 6.31 -19.27
C GLU D 14 -45.19 6.72 -18.42
N PRO D 15 -44.29 5.78 -18.10
CA PRO D 15 -43.09 6.17 -17.33
C PRO D 15 -42.04 6.80 -18.23
N LEU D 16 -41.04 7.49 -17.62
CA LEU D 16 -39.98 8.14 -18.38
C LEU D 16 -38.85 7.16 -18.74
N THR D 17 -38.68 6.89 -20.05
CA THR D 17 -37.66 5.96 -20.51
C THR D 17 -36.33 6.69 -20.75
N VAL D 18 -35.33 6.35 -19.93
CA VAL D 18 -33.98 6.90 -20.08
C VAL D 18 -33.15 5.83 -20.77
N ASN D 19 -32.75 6.13 -22.02
CA ASN D 19 -31.94 5.26 -22.85
C ASN D 19 -30.47 5.39 -22.47
N THR D 20 -29.89 4.25 -22.11
CA THR D 20 -28.52 4.17 -21.65
C THR D 20 -27.58 3.48 -22.63
N GLY D 21 -26.30 3.75 -22.42
CA GLY D 21 -25.19 3.19 -23.16
C GLY D 21 -23.89 3.36 -22.39
N ILE D 22 -23.04 2.33 -22.41
CA ILE D 22 -21.73 2.38 -21.76
C ILE D 22 -20.71 1.97 -22.82
N TYR D 23 -19.74 2.85 -23.09
CA TYR D 23 -18.68 2.56 -24.03
C TYR D 23 -17.37 2.57 -23.25
N LEU D 24 -16.80 1.36 -22.99
CA LEU D 24 -15.56 1.17 -22.21
C LEU D 24 -14.35 1.74 -22.93
N ILE D 25 -13.69 2.69 -22.26
CA ILE D 25 -12.49 3.34 -22.79
C ILE D 25 -11.26 2.63 -22.26
N GLU D 26 -11.23 2.35 -20.93
CA GLU D 26 -10.12 1.68 -20.26
CA GLU D 26 -10.13 1.65 -20.26
C GLU D 26 -10.59 0.71 -19.20
N CYS D 27 -9.93 -0.45 -19.14
CA CYS D 27 -10.17 -1.47 -18.14
C CYS D 27 -8.87 -1.75 -17.50
N TYR D 28 -8.83 -1.70 -16.18
CA TYR D 28 -7.59 -1.88 -15.44
C TYR D 28 -7.85 -2.36 -14.01
N SER D 29 -6.77 -2.64 -13.29
CA SER D 29 -6.69 -3.03 -11.89
C SER D 29 -7.77 -4.02 -11.43
N LEU D 30 -7.72 -5.27 -11.96
CA LEU D 30 -8.62 -6.32 -11.48
C LEU D 30 -7.93 -6.97 -10.28
N ASP D 31 -8.36 -6.57 -9.08
CA ASP D 31 -7.87 -7.08 -7.81
C ASP D 31 -8.63 -8.37 -7.48
N ASP D 32 -7.93 -9.49 -7.42
CA ASP D 32 -8.55 -10.78 -7.13
C ASP D 32 -9.02 -10.93 -5.71
N LYS D 33 -8.19 -10.51 -4.74
CA LYS D 33 -8.49 -10.55 -3.32
C LYS D 33 -9.66 -9.61 -3.02
N ALA D 34 -9.61 -8.37 -3.57
CA ALA D 34 -10.67 -7.38 -3.37
C ALA D 34 -11.93 -7.63 -4.18
N GLU D 35 -11.83 -8.40 -5.29
CA GLU D 35 -12.91 -8.69 -6.22
C GLU D 35 -13.45 -7.38 -6.82
N THR D 36 -12.51 -6.51 -7.21
CA THR D 36 -12.78 -5.19 -7.79
C THR D 36 -12.02 -5.04 -9.10
N PHE D 37 -12.44 -4.04 -9.89
CA PHE D 37 -11.83 -3.62 -11.15
C PHE D 37 -12.12 -2.13 -11.34
N LYS D 38 -11.15 -1.44 -11.92
CA LYS D 38 -11.32 -0.02 -12.17
C LYS D 38 -11.70 0.13 -13.65
N VAL D 39 -12.57 1.11 -13.94
CA VAL D 39 -13.07 1.32 -15.28
C VAL D 39 -13.12 2.81 -15.65
N ASN D 40 -12.76 3.13 -16.89
CA ASN D 40 -12.87 4.47 -17.47
C ASN D 40 -13.76 4.29 -18.69
N ALA D 41 -14.91 4.95 -18.71
CA ALA D 41 -15.88 4.76 -19.77
C ALA D 41 -16.77 5.96 -20.02
N PHE D 42 -17.51 5.90 -21.15
CA PHE D 42 -18.49 6.90 -21.54
C PHE D 42 -19.83 6.38 -21.10
N LEU D 43 -20.65 7.26 -20.51
CA LEU D 43 -22.03 6.99 -20.14
C LEU D 43 -22.88 7.94 -20.95
N SER D 44 -23.71 7.38 -21.83
CA SER D 44 -24.58 8.16 -22.68
C SER D 44 -26.06 7.92 -22.32
N LEU D 45 -26.74 9.00 -21.93
CA LEU D 45 -28.15 8.96 -21.55
C LEU D 45 -28.98 9.76 -22.56
N SER D 46 -30.25 9.36 -22.76
CA SER D 46 -31.18 10.03 -23.67
C SER D 46 -32.63 9.80 -23.26
N TRP D 47 -33.35 10.91 -23.07
CA TRP D 47 -34.78 10.98 -22.69
C TRP D 47 -35.42 12.11 -23.47
N LYS D 48 -36.76 12.16 -23.51
CA LYS D 48 -37.49 13.23 -24.18
C LYS D 48 -38.10 14.19 -23.15
N ASP D 49 -37.73 15.48 -23.28
CA ASP D 49 -38.25 16.57 -22.45
C ASP D 49 -38.95 17.54 -23.40
N ARG D 50 -40.30 17.53 -23.36
CA ARG D 50 -41.13 18.37 -24.22
C ARG D 50 -40.96 19.86 -23.93
N ARG D 51 -40.69 20.22 -22.66
CA ARG D 51 -40.46 21.60 -22.20
C ARG D 51 -39.28 22.29 -22.91
N LEU D 52 -38.38 21.49 -23.51
CA LEU D 52 -37.18 21.95 -24.22
C LEU D 52 -37.31 21.89 -25.76
N ALA D 53 -38.50 21.47 -26.28
CA ALA D 53 -38.77 21.40 -27.72
C ALA D 53 -38.73 22.79 -28.37
N PHE D 54 -38.34 22.83 -29.67
CA PHE D 54 -38.21 24.06 -30.43
C PHE D 54 -38.46 23.87 -31.95
N ASP D 55 -38.80 24.97 -32.65
CA ASP D 55 -38.99 24.96 -34.09
C ASP D 55 -37.65 25.33 -34.75
N PRO D 56 -37.14 24.50 -35.70
CA PRO D 56 -35.83 24.80 -36.31
C PRO D 56 -35.77 26.07 -37.16
N VAL D 57 -36.89 26.42 -37.83
CA VAL D 57 -37.04 27.59 -38.70
C VAL D 57 -36.86 28.92 -37.93
N ARG D 58 -37.70 29.20 -36.90
CA ARG D 58 -37.63 30.45 -36.13
C ARG D 58 -36.38 30.56 -35.24
N SER D 59 -35.90 29.42 -34.71
CA SER D 59 -34.71 29.36 -33.86
C SER D 59 -33.42 29.49 -34.67
N GLY D 60 -33.47 29.04 -35.93
CA GLY D 60 -32.33 29.09 -36.84
C GLY D 60 -31.27 28.05 -36.56
N VAL D 61 -31.52 27.17 -35.57
CA VAL D 61 -30.63 26.08 -35.14
C VAL D 61 -31.35 24.73 -35.15
N ARG D 62 -30.65 23.70 -35.66
CA ARG D 62 -31.15 22.33 -35.74
C ARG D 62 -30.98 21.61 -34.39
N VAL D 63 -30.04 22.09 -33.56
CA VAL D 63 -29.68 21.55 -32.25
C VAL D 63 -29.38 22.67 -31.23
N LYS D 64 -29.63 22.38 -29.93
CA LYS D 64 -29.39 23.31 -28.83
C LYS D 64 -28.56 22.64 -27.73
N THR D 65 -27.43 23.27 -27.36
CA THR D 65 -26.50 22.79 -26.33
C THR D 65 -26.82 23.49 -25.00
N TYR D 66 -26.87 22.72 -23.88
CA TYR D 66 -27.17 23.25 -22.55
C TYR D 66 -26.12 22.87 -21.52
N GLU D 67 -26.16 23.57 -20.37
CA GLU D 67 -25.30 23.29 -19.23
C GLU D 67 -26.10 22.35 -18.31
N PRO D 68 -25.45 21.36 -17.67
CA PRO D 68 -26.19 20.41 -16.80
C PRO D 68 -27.16 21.04 -15.79
N GLU D 69 -26.75 22.16 -15.19
CA GLU D 69 -27.52 22.93 -14.20
C GLU D 69 -28.77 23.57 -14.82
N ALA D 70 -28.71 23.96 -16.10
CA ALA D 70 -29.80 24.62 -16.83
C ALA D 70 -31.04 23.76 -17.03
N ILE D 71 -30.85 22.46 -17.35
CA ILE D 71 -31.98 21.55 -17.64
C ILE D 71 -32.10 20.39 -16.64
N TRP D 72 -33.25 19.68 -16.66
CA TRP D 72 -33.50 18.53 -15.80
C TRP D 72 -32.73 17.32 -16.33
N ILE D 73 -31.93 16.71 -15.42
CA ILE D 73 -31.11 15.54 -15.71
C ILE D 73 -31.42 14.40 -14.70
N PRO D 74 -31.72 13.18 -15.19
CA PRO D 74 -32.03 12.07 -14.28
C PRO D 74 -30.85 11.64 -13.43
N GLU D 75 -31.11 11.44 -12.12
CA GLU D 75 -30.12 11.00 -11.14
C GLU D 75 -29.82 9.50 -11.32
N ILE D 76 -28.85 9.21 -12.22
CA ILE D 76 -28.42 7.86 -12.55
C ILE D 76 -27.24 7.49 -11.67
N ARG D 77 -27.30 6.32 -11.04
CA ARG D 77 -26.24 5.86 -10.18
C ARG D 77 -25.81 4.44 -10.54
N PHE D 78 -24.66 4.01 -9.99
CA PHE D 78 -24.16 2.67 -10.15
C PHE D 78 -24.40 1.98 -8.84
N VAL D 79 -24.88 0.74 -8.89
CA VAL D 79 -25.16 0.00 -7.66
C VAL D 79 -23.86 -0.45 -6.99
N ASN D 80 -23.07 -1.26 -7.73
CA ASN D 80 -21.87 -1.94 -7.25
C ASN D 80 -20.58 -1.13 -7.38
N VAL D 81 -20.60 0.12 -6.91
CA VAL D 81 -19.39 0.95 -6.88
C VAL D 81 -18.93 1.14 -5.43
N GLU D 82 -17.61 1.34 -5.24
CA GLU D 82 -17.05 1.60 -3.92
C GLU D 82 -17.48 3.00 -3.45
N ASN D 83 -17.13 4.02 -4.24
CA ASN D 83 -17.55 5.40 -4.00
C ASN D 83 -18.28 5.89 -5.25
N ALA D 84 -18.87 7.10 -5.21
CA ALA D 84 -19.58 7.68 -6.34
C ALA D 84 -18.61 7.94 -7.49
N ARG D 85 -19.03 7.61 -8.72
CA ARG D 85 -18.25 7.78 -9.96
C ARG D 85 -17.72 9.21 -10.16
N ASP D 86 -16.45 9.30 -10.56
CA ASP D 86 -15.79 10.55 -10.90
C ASP D 86 -16.28 10.80 -12.30
N ALA D 87 -17.19 11.76 -12.48
CA ALA D 87 -17.80 12.04 -13.78
C ALA D 87 -17.61 13.46 -14.24
N ASP D 88 -17.43 13.62 -15.56
CA ASP D 88 -17.27 14.91 -16.23
C ASP D 88 -18.13 14.89 -17.47
N VAL D 89 -19.14 15.80 -17.50
CA VAL D 89 -20.07 15.93 -18.61
C VAL D 89 -19.31 16.37 -19.87
N VAL D 90 -19.51 15.61 -20.95
CA VAL D 90 -18.90 15.81 -22.26
C VAL D 90 -19.81 16.70 -23.13
N ASP D 91 -21.06 16.28 -23.37
CA ASP D 91 -21.97 17.05 -24.22
C ASP D 91 -23.44 16.74 -24.00
N ILE D 92 -24.25 17.82 -23.90
CA ILE D 92 -25.71 17.80 -23.77
C ILE D 92 -26.26 18.49 -25.02
N SER D 93 -27.10 17.77 -25.80
CA SER D 93 -27.68 18.25 -27.05
C SER D 93 -29.17 17.96 -27.14
N VAL D 94 -29.97 18.99 -27.46
CA VAL D 94 -31.42 18.88 -27.58
C VAL D 94 -31.81 19.00 -29.05
N SER D 95 -32.61 18.04 -29.53
CA SER D 95 -33.12 18.03 -30.90
C SER D 95 -34.46 18.82 -30.94
N PRO D 96 -35.02 19.20 -32.13
CA PRO D 96 -36.25 20.00 -32.15
C PRO D 96 -37.43 19.46 -31.33
N ASP D 97 -37.58 18.12 -31.22
CA ASP D 97 -38.69 17.50 -30.47
C ASP D 97 -38.40 17.36 -28.95
N GLY D 98 -37.26 17.89 -28.52
CA GLY D 98 -36.85 17.86 -27.12
C GLY D 98 -36.15 16.57 -26.72
N THR D 99 -35.56 15.84 -27.68
CA THR D 99 -34.83 14.61 -27.38
C THR D 99 -33.43 14.95 -26.85
N VAL D 100 -33.29 14.93 -25.53
CA VAL D 100 -32.02 15.26 -24.87
C VAL D 100 -31.04 14.11 -25.07
N GLN D 101 -29.82 14.44 -25.52
CA GLN D 101 -28.72 13.53 -25.75
C GLN D 101 -27.54 14.00 -24.91
N TYR D 102 -27.40 13.33 -23.76
CA TYR D 102 -26.37 13.53 -22.74
C TYR D 102 -25.25 12.50 -22.91
N LEU D 103 -24.01 12.96 -22.64
CA LEU D 103 -22.79 12.16 -22.64
C LEU D 103 -21.87 12.68 -21.57
N GLU D 104 -21.32 11.75 -20.77
CA GLU D 104 -20.37 12.02 -19.69
C GLU D 104 -19.30 10.94 -19.72
N ARG D 105 -18.11 11.30 -19.27
CA ARG D 105 -17.02 10.32 -19.15
C ARG D 105 -16.81 10.07 -17.66
N PHE D 106 -16.73 8.81 -17.27
CA PHE D 106 -16.55 8.47 -15.87
C PHE D 106 -15.44 7.47 -15.63
N SER D 107 -15.05 7.36 -14.36
CA SER D 107 -14.10 6.39 -13.83
C SER D 107 -14.72 5.89 -12.53
N ALA D 108 -14.68 4.57 -12.31
CA ALA D 108 -15.24 3.95 -11.11
C ALA D 108 -14.49 2.67 -10.71
N ARG D 109 -14.51 2.35 -9.40
CA ARG D 109 -13.97 1.09 -8.86
C ARG D 109 -15.23 0.29 -8.55
N VAL D 110 -15.42 -0.76 -9.34
CA VAL D 110 -16.59 -1.60 -9.32
C VAL D 110 -16.32 -2.89 -8.52
N LEU D 111 -17.28 -3.32 -7.67
CA LEU D 111 -17.20 -4.56 -6.91
C LEU D 111 -18.01 -5.58 -7.66
N SER D 112 -17.37 -6.62 -8.16
CA SER D 112 -18.07 -7.71 -8.82
C SER D 112 -17.45 -9.03 -8.29
N PRO D 113 -18.25 -9.89 -7.62
CA PRO D 113 -17.70 -11.14 -7.07
C PRO D 113 -17.14 -12.06 -8.14
N LEU D 114 -16.10 -12.83 -7.77
CA LEU D 114 -15.40 -13.74 -8.65
C LEU D 114 -15.48 -15.16 -8.19
N ASP D 115 -15.58 -16.12 -9.15
CA ASP D 115 -15.65 -17.56 -8.88
C ASP D 115 -14.31 -18.23 -9.14
N PHE D 116 -13.56 -18.48 -8.07
CA PHE D 116 -12.22 -19.05 -8.14
C PHE D 116 -12.13 -20.58 -8.24
N ARG D 117 -13.29 -21.27 -8.30
CA ARG D 117 -13.36 -22.73 -8.38
C ARG D 117 -12.43 -23.36 -9.43
N ARG D 118 -12.31 -22.74 -10.63
CA ARG D 118 -11.45 -23.30 -11.68
C ARG D 118 -10.11 -22.54 -11.87
N TYR D 119 -9.71 -21.71 -10.89
CA TYR D 119 -8.45 -20.96 -10.91
C TYR D 119 -7.20 -21.87 -11.11
N PRO D 120 -6.19 -21.47 -11.94
CA PRO D 120 -6.11 -20.24 -12.74
C PRO D 120 -6.72 -20.37 -14.14
N PHE D 121 -7.57 -21.39 -14.36
CA PHE D 121 -8.24 -21.66 -15.66
C PHE D 121 -9.71 -21.21 -15.63
N ASP D 122 -10.01 -20.20 -14.83
CA ASP D 122 -11.35 -19.67 -14.63
C ASP D 122 -11.67 -18.52 -15.57
N SER D 123 -12.97 -18.34 -15.81
CA SER D 123 -13.55 -17.24 -16.59
C SER D 123 -14.53 -16.53 -15.68
N GLN D 124 -14.66 -15.22 -15.85
CA GLN D 124 -15.53 -14.39 -15.03
C GLN D 124 -16.51 -13.59 -15.86
N THR D 125 -17.53 -13.02 -15.19
CA THR D 125 -18.53 -12.10 -15.76
C THR D 125 -18.59 -10.91 -14.83
N LEU D 126 -17.93 -9.83 -15.24
CA LEU D 126 -17.94 -8.61 -14.44
C LEU D 126 -19.26 -7.88 -14.70
N HIS D 127 -19.80 -7.21 -13.68
CA HIS D 127 -21.07 -6.51 -13.80
C HIS D 127 -20.95 -5.04 -13.47
N ILE D 128 -21.77 -4.23 -14.14
CA ILE D 128 -21.95 -2.82 -13.89
C ILE D 128 -23.46 -2.60 -13.88
N TYR D 129 -23.97 -2.32 -12.68
CA TYR D 129 -25.38 -2.10 -12.50
C TYR D 129 -25.73 -0.63 -12.49
N LEU D 130 -26.50 -0.22 -13.48
CA LEU D 130 -27.00 1.13 -13.63
C LEU D 130 -28.35 1.17 -12.93
N ILE D 131 -28.59 2.19 -12.11
CA ILE D 131 -29.85 2.30 -11.40
C ILE D 131 -30.41 3.75 -11.43
N VAL D 132 -31.73 3.88 -11.51
CA VAL D 132 -32.42 5.16 -11.42
C VAL D 132 -33.55 5.02 -10.42
N ARG D 133 -33.80 6.08 -9.63
CA ARG D 133 -34.89 6.08 -8.68
C ARG D 133 -36.05 6.92 -9.19
N SER D 134 -37.24 6.33 -9.19
CA SER D 134 -38.47 6.99 -9.62
C SER D 134 -38.90 7.99 -8.56
N VAL D 135 -39.42 9.14 -9.00
CA VAL D 135 -39.87 10.24 -8.14
C VAL D 135 -41.39 10.20 -7.89
N ASP D 136 -41.88 11.00 -6.92
CA ASP D 136 -43.31 11.06 -6.58
C ASP D 136 -44.21 11.50 -7.75
N THR D 137 -43.71 12.42 -8.58
CA THR D 137 -44.43 12.95 -9.74
C THR D 137 -44.55 11.88 -10.85
N ARG D 138 -43.45 11.16 -11.16
CA ARG D 138 -43.52 10.10 -12.17
C ARG D 138 -42.41 9.02 -12.03
N ASN D 139 -42.74 7.81 -12.53
CA ASN D 139 -41.93 6.60 -12.56
C ASN D 139 -40.88 6.71 -13.68
N ILE D 140 -39.60 6.41 -13.35
CA ILE D 140 -38.47 6.48 -14.29
C ILE D 140 -37.88 5.06 -14.52
N VAL D 141 -37.89 4.63 -15.81
CA VAL D 141 -37.50 3.31 -16.28
C VAL D 141 -36.28 3.42 -17.22
N LEU D 142 -35.29 2.51 -17.03
CA LEU D 142 -34.08 2.47 -17.87
C LEU D 142 -34.23 1.55 -19.08
N ALA D 143 -33.57 1.93 -20.17
CA ALA D 143 -33.55 1.20 -21.43
C ALA D 143 -32.10 1.15 -21.93
N VAL D 144 -31.80 0.22 -22.84
CA VAL D 144 -30.47 0.05 -23.42
C VAL D 144 -30.54 0.45 -24.90
N ASP D 145 -29.66 1.37 -25.32
CA ASP D 145 -29.51 1.72 -26.73
C ASP D 145 -28.26 0.95 -27.14
N LEU D 146 -28.45 -0.21 -27.78
CA LEU D 146 -27.37 -1.10 -28.19
C LEU D 146 -26.36 -0.44 -29.13
N GLU D 147 -26.80 0.57 -29.90
CA GLU D 147 -25.96 1.35 -30.81
C GLU D 147 -24.91 2.17 -30.03
N LYS D 148 -25.15 2.37 -28.70
CA LYS D 148 -24.32 3.19 -27.83
C LYS D 148 -23.66 2.38 -26.68
N VAL D 149 -23.66 1.05 -26.80
CA VAL D 149 -23.02 0.10 -25.87
C VAL D 149 -21.86 -0.54 -26.63
N GLY D 150 -20.64 -0.36 -26.13
CA GLY D 150 -19.45 -0.92 -26.75
C GLY D 150 -18.20 -0.79 -25.92
N LYS D 151 -17.04 -0.95 -26.59
CA LYS D 151 -15.71 -0.86 -25.98
C LYS D 151 -14.62 -0.58 -27.01
N ASN D 152 -13.58 0.13 -26.57
CA ASN D 152 -12.41 0.44 -27.38
C ASN D 152 -11.68 -0.87 -27.73
N ASP D 153 -11.14 -0.96 -28.96
CA ASP D 153 -10.43 -2.15 -29.46
C ASP D 153 -9.12 -2.36 -28.70
N ASP D 154 -8.53 -1.26 -28.21
CA ASP D 154 -7.30 -1.23 -27.41
C ASP D 154 -7.51 -1.61 -25.94
N VAL D 155 -8.79 -1.71 -25.46
CA VAL D 155 -9.12 -2.08 -24.06
C VAL D 155 -8.42 -3.39 -23.70
N PHE D 156 -7.52 -3.32 -22.71
CA PHE D 156 -6.74 -4.44 -22.26
C PHE D 156 -6.81 -4.53 -20.74
N LEU D 157 -7.06 -5.72 -20.22
CA LEU D 157 -7.10 -5.99 -18.79
C LEU D 157 -5.95 -6.97 -18.57
N THR D 158 -4.88 -6.51 -17.90
CA THR D 158 -3.64 -7.26 -17.63
C THR D 158 -3.93 -8.63 -17.01
N GLY D 159 -3.38 -9.68 -17.63
CA GLY D 159 -3.56 -11.06 -17.20
C GLY D 159 -4.93 -11.68 -17.48
N TRP D 160 -5.72 -10.98 -18.31
CA TRP D 160 -7.06 -11.38 -18.68
C TRP D 160 -7.35 -11.16 -20.15
N ASP D 161 -8.22 -12.01 -20.72
CA ASP D 161 -8.70 -11.91 -22.08
C ASP D 161 -10.12 -11.39 -21.99
N ILE D 162 -10.43 -10.29 -22.70
CA ILE D 162 -11.76 -9.71 -22.70
C ILE D 162 -12.58 -10.35 -23.82
N GLU D 163 -13.62 -11.10 -23.45
CA GLU D 163 -14.47 -11.78 -24.43
C GLU D 163 -15.55 -10.87 -25.02
N SER D 164 -16.51 -10.45 -24.18
CA SER D 164 -17.66 -9.64 -24.59
C SER D 164 -18.00 -8.53 -23.59
N PHE D 165 -18.78 -7.55 -24.05
CA PHE D 165 -19.36 -6.48 -23.26
C PHE D 165 -20.73 -6.24 -23.80
N THR D 166 -21.73 -6.73 -23.08
CA THR D 166 -23.14 -6.61 -23.47
C THR D 166 -23.99 -6.13 -22.30
N ALA D 167 -25.24 -5.76 -22.59
CA ALA D 167 -26.18 -5.33 -21.57
C ALA D 167 -27.45 -6.15 -21.67
N VAL D 168 -28.00 -6.51 -20.49
CA VAL D 168 -29.26 -7.24 -20.36
C VAL D 168 -30.33 -6.14 -20.55
N VAL D 169 -30.88 -6.09 -21.78
CA VAL D 169 -31.82 -5.11 -22.32
C VAL D 169 -33.08 -4.88 -21.45
N LYS D 170 -33.59 -5.95 -20.80
CA LYS D 170 -34.77 -5.85 -19.92
C LYS D 170 -34.34 -5.43 -18.50
N PRO D 171 -34.76 -4.23 -18.03
CA PRO D 171 -34.37 -3.77 -16.70
C PRO D 171 -35.09 -4.48 -15.56
N ALA D 172 -34.42 -4.59 -14.42
CA ALA D 172 -34.97 -5.17 -13.21
C ALA D 172 -35.68 -4.06 -12.44
N ASN D 173 -37.00 -3.95 -12.62
CA ASN D 173 -37.82 -2.94 -11.95
C ASN D 173 -38.36 -3.52 -10.64
N PHE D 174 -38.04 -2.88 -9.50
CA PHE D 174 -38.38 -3.31 -8.14
C PHE D 174 -38.52 -2.10 -7.21
N ALA D 175 -39.15 -2.29 -6.03
CA ALA D 175 -39.36 -1.26 -5.01
C ALA D 175 -38.23 -1.27 -3.98
N LEU D 176 -37.89 -0.08 -3.49
CA LEU D 176 -36.85 0.14 -2.49
C LEU D 176 -37.11 1.46 -1.81
N GLU D 177 -37.29 1.42 -0.48
CA GLU D 177 -37.61 2.57 0.39
C GLU D 177 -38.82 3.36 -0.15
N ASP D 178 -39.89 2.61 -0.46
CA ASP D 178 -41.20 3.06 -0.97
C ASP D 178 -41.14 3.85 -2.31
N ARG D 179 -40.12 3.59 -3.13
CA ARG D 179 -39.99 4.15 -4.46
C ARG D 179 -39.47 3.08 -5.41
N LEU D 180 -39.91 3.18 -6.65
CA LEU D 180 -39.54 2.27 -7.72
C LEU D 180 -38.10 2.58 -8.17
N GLU D 181 -37.35 1.51 -8.45
CA GLU D 181 -35.99 1.52 -8.92
C GLU D 181 -35.87 0.62 -10.15
N SER D 182 -35.28 1.15 -11.22
CA SER D 182 -35.03 0.45 -12.48
C SER D 182 -33.52 0.18 -12.56
N LYS D 183 -33.13 -1.11 -12.59
CA LYS D 183 -31.74 -1.58 -12.61
C LYS D 183 -31.38 -2.19 -13.99
N LEU D 184 -30.15 -1.93 -14.49
CA LEU D 184 -29.65 -2.48 -15.73
C LEU D 184 -28.32 -3.20 -15.51
N ASP D 185 -28.16 -4.37 -16.16
CA ASP D 185 -26.96 -5.18 -16.01
C ASP D 185 -26.03 -5.15 -17.21
N TYR D 186 -24.92 -4.42 -17.06
CA TYR D 186 -23.86 -4.38 -18.06
C TYR D 186 -22.84 -5.46 -17.70
N GLN D 187 -22.71 -6.48 -18.57
CA GLN D 187 -21.84 -7.62 -18.34
C GLN D 187 -20.59 -7.67 -19.21
N LEU D 188 -19.42 -7.75 -18.56
CA LEU D 188 -18.12 -7.86 -19.19
C LEU D 188 -17.52 -9.27 -18.93
N ARG D 189 -17.63 -10.16 -19.94
CA ARG D 189 -17.12 -11.53 -19.88
C ARG D 189 -15.65 -11.55 -20.18
N ILE D 190 -14.88 -12.13 -19.26
CA ILE D 190 -13.42 -12.24 -19.34
C ILE D 190 -12.94 -13.65 -18.99
N SER D 191 -11.74 -14.02 -19.43
CA SER D 191 -11.14 -15.32 -19.13
C SER D 191 -9.66 -15.10 -18.79
N ARG D 192 -9.21 -15.74 -17.71
CA ARG D 192 -7.86 -15.60 -17.21
C ARG D 192 -6.83 -16.18 -18.13
N GLN D 193 -5.69 -15.46 -18.28
CA GLN D 193 -4.54 -15.89 -19.05
C GLN D 193 -3.70 -16.74 -18.09
N TYR D 194 -3.93 -18.06 -18.15
CA TYR D 194 -3.29 -19.07 -17.30
C TYR D 194 -1.84 -19.42 -17.65
N PHE D 195 -1.32 -18.94 -18.81
CA PHE D 195 0.02 -19.22 -19.32
C PHE D 195 1.14 -19.17 -18.26
N SER D 196 1.35 -18.01 -17.65
CA SER D 196 2.41 -17.75 -16.66
C SER D 196 2.43 -18.74 -15.49
N TYR D 197 1.24 -19.18 -15.05
CA TYR D 197 1.08 -20.13 -13.95
C TYR D 197 1.81 -21.45 -14.16
N ILE D 198 1.86 -21.93 -15.42
CA ILE D 198 2.52 -23.16 -15.82
C ILE D 198 4.05 -23.11 -15.52
N PRO D 199 4.88 -22.21 -16.14
CA PRO D 199 6.32 -22.22 -15.82
C PRO D 199 6.69 -21.62 -14.45
N ASN D 200 5.78 -20.87 -13.83
CA ASN D 200 6.08 -20.19 -12.57
C ASN D 200 5.70 -20.93 -11.31
N ILE D 201 4.55 -21.64 -11.34
CA ILE D 201 4.01 -22.33 -10.17
C ILE D 201 3.80 -23.82 -10.41
N ILE D 202 2.96 -24.19 -11.40
CA ILE D 202 2.60 -25.59 -11.68
C ILE D 202 3.84 -26.49 -11.92
N LEU D 203 4.61 -26.26 -13.01
CA LEU D 203 5.78 -27.09 -13.31
C LEU D 203 6.83 -27.09 -12.19
N PRO D 204 7.28 -25.92 -11.63
CA PRO D 204 8.25 -25.98 -10.52
C PRO D 204 7.77 -26.90 -9.39
N MET D 205 6.50 -26.72 -8.99
CA MET D 205 5.84 -27.50 -7.95
C MET D 205 5.80 -29.01 -8.25
N LEU D 206 5.66 -29.40 -9.54
CA LEU D 206 5.62 -30.81 -9.95
C LEU D 206 7.00 -31.43 -9.88
N PHE D 207 8.01 -30.68 -10.40
CA PHE D 207 9.42 -31.08 -10.41
CA PHE D 207 9.40 -31.10 -10.41
C PHE D 207 9.90 -31.38 -8.98
N ILE D 208 9.56 -30.50 -8.01
CA ILE D 208 9.99 -30.68 -6.61
C ILE D 208 9.33 -31.91 -6.00
N LEU D 209 8.05 -32.19 -6.41
CA LEU D 209 7.35 -33.39 -5.96
C LEU D 209 8.05 -34.64 -6.51
N PHE D 210 8.48 -34.58 -7.78
CA PHE D 210 9.16 -35.70 -8.43
C PHE D 210 10.52 -35.95 -7.82
N ILE D 211 11.20 -34.89 -7.33
CA ILE D 211 12.49 -34.98 -6.62
C ILE D 211 12.30 -35.80 -5.35
N SER D 212 11.20 -35.57 -4.59
CA SER D 212 10.91 -36.35 -3.38
C SER D 212 10.82 -37.86 -3.69
N TRP D 213 10.26 -38.22 -4.86
CA TRP D 213 10.12 -39.61 -5.28
C TRP D 213 11.45 -40.33 -5.62
N THR D 214 12.59 -39.60 -5.64
CA THR D 214 13.87 -40.25 -5.88
C THR D 214 14.30 -41.05 -4.64
N ALA D 215 13.62 -40.82 -3.50
CA ALA D 215 13.86 -41.54 -2.25
C ALA D 215 13.42 -43.01 -2.37
N PHE D 216 12.64 -43.34 -3.43
CA PHE D 216 12.20 -44.70 -3.73
C PHE D 216 13.33 -45.50 -4.39
N TRP D 217 14.41 -44.80 -4.82
CA TRP D 217 15.62 -45.42 -5.38
C TRP D 217 16.80 -45.31 -4.43
N SER D 218 16.55 -44.91 -3.16
CA SER D 218 17.56 -44.79 -2.11
C SER D 218 17.17 -45.57 -0.85
N THR D 219 18.18 -46.13 -0.15
CA THR D 219 18.04 -46.88 1.10
C THR D 219 18.61 -46.07 2.27
N SER D 220 19.23 -44.91 1.94
CA SER D 220 19.87 -44.00 2.88
C SER D 220 18.82 -43.13 3.58
N TYR D 221 18.36 -43.57 4.76
CA TYR D 221 17.36 -42.87 5.56
C TYR D 221 17.64 -41.40 5.70
N GLU D 222 18.88 -41.07 6.12
CA GLU D 222 19.36 -39.70 6.28
C GLU D 222 19.18 -38.86 4.97
N ALA D 223 19.55 -39.45 3.80
CA ALA D 223 19.38 -38.79 2.49
C ALA D 223 17.90 -38.64 2.15
N ASN D 224 17.11 -39.70 2.39
CA ASN D 224 15.67 -39.70 2.15
C ASN D 224 14.96 -38.60 2.99
N VAL D 225 15.25 -38.55 4.31
CA VAL D 225 14.71 -37.52 5.22
C VAL D 225 14.96 -36.14 4.58
N THR D 226 16.24 -35.88 4.17
CA THR D 226 16.65 -34.63 3.56
C THR D 226 15.82 -34.36 2.32
N LEU D 227 15.66 -35.35 1.41
CA LEU D 227 14.84 -35.16 0.21
C LEU D 227 13.41 -34.70 0.51
N VAL D 228 12.63 -35.55 1.22
CA VAL D 228 11.20 -35.31 1.52
C VAL D 228 10.94 -34.01 2.32
N VAL D 229 11.74 -33.76 3.35
CA VAL D 229 11.60 -32.55 4.15
C VAL D 229 11.82 -31.27 3.31
N SER D 230 12.94 -31.21 2.54
CA SER D 230 13.35 -30.09 1.67
C SER D 230 12.30 -29.74 0.67
N THR D 231 11.95 -30.77 -0.15
CA THR D 231 10.94 -30.71 -1.19
C THR D 231 9.61 -30.27 -0.59
N LEU D 232 9.26 -30.78 0.62
CA LEU D 232 8.07 -30.37 1.36
C LEU D 232 8.14 -28.87 1.70
N ILE D 233 9.28 -28.39 2.24
CA ILE D 233 9.44 -26.97 2.55
C ILE D 233 9.22 -26.11 1.28
N ALA D 234 9.79 -26.55 0.12
CA ALA D 234 9.60 -25.86 -1.17
C ALA D 234 8.12 -25.80 -1.55
N HIS D 235 7.37 -26.88 -1.31
CA HIS D 235 5.94 -26.97 -1.58
C HIS D 235 5.16 -25.99 -0.69
N ILE D 236 5.55 -25.89 0.60
CA ILE D 236 4.92 -24.94 1.54
C ILE D 236 5.08 -23.51 0.98
N ALA D 237 6.33 -23.13 0.56
CA ALA D 237 6.65 -21.83 -0.05
C ALA D 237 5.74 -21.53 -1.24
N PHE D 238 5.52 -22.55 -2.11
CA PHE D 238 4.62 -22.41 -3.25
C PHE D 238 3.17 -22.24 -2.83
N ASN D 239 2.71 -23.06 -1.87
CA ASN D 239 1.36 -22.97 -1.31
C ASN D 239 1.10 -21.58 -0.75
N ILE D 240 2.07 -20.99 -0.03
CA ILE D 240 1.94 -19.65 0.54
C ILE D 240 1.87 -18.63 -0.58
N LEU D 241 2.85 -18.64 -1.50
CA LEU D 241 2.91 -17.73 -2.66
C LEU D 241 1.57 -17.73 -3.41
N VAL D 242 0.97 -18.92 -3.59
CA VAL D 242 -0.30 -19.05 -4.26
C VAL D 242 -1.42 -18.39 -3.44
N GLU D 243 -1.56 -18.76 -2.16
CA GLU D 243 -2.64 -18.26 -1.31
C GLU D 243 -2.55 -16.75 -1.05
N THR D 244 -1.34 -16.11 -1.25
CA THR D 244 -1.22 -14.65 -1.16
C THR D 244 -1.96 -13.93 -2.32
N ASN D 245 -1.94 -14.50 -3.53
CA ASN D 245 -2.58 -13.93 -4.74
C ASN D 245 -4.08 -14.27 -4.89
N LEU D 246 -4.71 -14.85 -3.85
CA LEU D 246 -6.11 -15.30 -3.87
C LEU D 246 -6.88 -15.00 -2.59
N PRO D 247 -8.18 -14.69 -2.68
CA PRO D 247 -8.96 -14.51 -1.45
C PRO D 247 -9.38 -15.85 -0.84
N LYS D 248 -9.82 -15.77 0.43
CA LYS D 248 -10.26 -16.90 1.21
C LYS D 248 -11.70 -17.23 0.81
N THR D 249 -11.82 -18.25 -0.04
CA THR D 249 -13.09 -18.76 -0.56
C THR D 249 -13.70 -19.80 0.39
N PRO D 250 -15.04 -19.83 0.57
CA PRO D 250 -15.64 -20.85 1.43
C PRO D 250 -15.81 -22.20 0.72
N TYR D 251 -15.11 -22.37 -0.39
CA TYR D 251 -15.15 -23.53 -1.27
C TYR D 251 -13.73 -23.89 -1.70
N MET D 252 -13.57 -25.11 -2.23
CA MET D 252 -12.29 -25.57 -2.72
C MET D 252 -12.11 -25.08 -4.16
N THR D 253 -10.91 -24.62 -4.47
CA THR D 253 -10.49 -24.17 -5.80
C THR D 253 -9.64 -25.28 -6.40
N TYR D 254 -9.51 -25.31 -7.72
CA TYR D 254 -8.76 -26.36 -8.42
C TYR D 254 -7.28 -26.48 -7.98
N THR D 255 -6.57 -25.33 -7.99
CA THR D 255 -5.19 -25.15 -7.54
C THR D 255 -5.09 -25.56 -6.05
N GLY D 256 -6.05 -25.11 -5.25
CA GLY D 256 -6.12 -25.41 -3.82
C GLY D 256 -6.20 -26.89 -3.56
N ALA D 257 -7.12 -27.57 -4.30
CA ALA D 257 -7.34 -29.02 -4.24
C ALA D 257 -6.05 -29.76 -4.57
N ILE D 258 -5.41 -29.43 -5.75
CA ILE D 258 -4.14 -30.02 -6.21
C ILE D 258 -3.09 -29.88 -5.12
N ILE D 259 -2.82 -28.62 -4.68
CA ILE D 259 -1.87 -28.27 -3.62
C ILE D 259 -2.12 -29.13 -2.38
N PHE D 260 -3.39 -29.19 -1.91
CA PHE D 260 -3.77 -29.99 -0.73
C PHE D 260 -3.44 -31.45 -0.93
N MET D 261 -3.85 -32.02 -2.07
CA MET D 261 -3.63 -33.41 -2.43
C MET D 261 -2.12 -33.74 -2.35
N ILE D 262 -1.25 -32.87 -2.91
CA ILE D 262 0.20 -33.02 -2.91
C ILE D 262 0.75 -33.15 -1.48
N TYR D 263 0.15 -32.44 -0.51
CA TYR D 263 0.54 -32.54 0.90
C TYR D 263 0.36 -34.00 1.39
N LEU D 264 -0.68 -34.70 0.91
CA LEU D 264 -0.93 -36.09 1.30
C LEU D 264 0.12 -37.03 0.73
N PHE D 265 0.59 -36.75 -0.50
CA PHE D 265 1.67 -37.50 -1.16
C PHE D 265 2.97 -37.39 -0.38
N TYR D 266 3.23 -36.18 0.19
CA TYR D 266 4.40 -35.93 1.02
C TYR D 266 4.30 -36.71 2.32
N PHE D 267 3.09 -36.75 2.92
CA PHE D 267 2.85 -37.49 4.15
C PHE D 267 3.15 -39.00 3.98
N VAL D 268 2.57 -39.58 2.92
CA VAL D 268 2.75 -41.00 2.61
C VAL D 268 4.22 -41.32 2.25
N ALA D 269 4.95 -40.37 1.59
CA ALA D 269 6.38 -40.54 1.30
C ALA D 269 7.15 -40.64 2.61
N VAL D 270 6.88 -39.72 3.57
CA VAL D 270 7.47 -39.73 4.91
C VAL D 270 7.22 -41.10 5.57
N ILE D 271 5.95 -41.58 5.55
CA ILE D 271 5.59 -42.88 6.11
C ILE D 271 6.43 -43.97 5.45
N GLU D 272 6.50 -43.99 4.09
CA GLU D 272 7.28 -44.99 3.33
C GLU D 272 8.73 -44.99 3.79
N VAL D 273 9.37 -43.80 3.74
CA VAL D 273 10.74 -43.54 4.13
C VAL D 273 11.01 -44.04 5.59
N THR D 274 10.05 -43.80 6.50
CA THR D 274 10.08 -44.21 7.90
C THR D 274 10.03 -45.75 8.03
N VAL D 275 8.99 -46.36 7.42
CA VAL D 275 8.74 -47.81 7.43
C VAL D 275 9.94 -48.55 6.85
N GLN D 276 10.45 -48.09 5.68
CA GLN D 276 11.62 -48.69 5.02
C GLN D 276 12.80 -48.78 5.99
N HIS D 277 13.14 -47.65 6.64
CA HIS D 277 14.24 -47.55 7.61
C HIS D 277 14.03 -48.44 8.82
N TYR D 278 12.82 -48.40 9.42
CA TYR D 278 12.47 -49.23 10.59
C TYR D 278 12.77 -50.69 10.28
N LEU D 279 12.25 -51.17 9.13
CA LEU D 279 12.44 -52.51 8.62
C LEU D 279 13.91 -52.84 8.38
N LYS D 280 14.67 -51.89 7.79
CA LYS D 280 16.10 -52.04 7.52
C LYS D 280 16.84 -52.34 8.83
N VAL D 281 16.57 -51.53 9.86
CA VAL D 281 17.12 -51.66 11.21
C VAL D 281 16.67 -53.02 11.85
N GLU D 282 15.37 -53.36 11.68
CA GLU D 282 14.75 -54.59 12.18
C GLU D 282 15.27 -55.85 11.48
N SER D 283 16.29 -55.66 10.60
CA SER D 283 16.95 -56.69 9.80
C SER D 283 15.96 -57.40 8.87
N GLN D 284 15.09 -56.61 8.23
CA GLN D 284 14.10 -57.06 7.27
C GLN D 284 14.18 -56.20 5.97
N PRO D 285 15.37 -56.11 5.31
CA PRO D 285 15.47 -55.31 4.08
C PRO D 285 14.73 -55.86 2.87
N ALA D 286 14.47 -57.17 2.81
CA ALA D 286 13.73 -57.78 1.72
C ALA D 286 12.27 -57.31 1.70
N ARG D 287 11.67 -57.08 2.88
CA ARG D 287 10.29 -56.64 3.03
C ARG D 287 10.21 -55.16 2.68
N ALA D 288 11.20 -54.39 3.16
CA ALA D 288 11.32 -52.97 2.89
C ALA D 288 11.54 -52.78 1.39
N ALA D 289 12.31 -53.69 0.74
CA ALA D 289 12.57 -53.69 -0.70
C ALA D 289 11.28 -53.74 -1.50
N SER D 290 10.34 -54.65 -1.14
CA SER D 290 9.04 -54.80 -1.80
C SER D 290 8.23 -53.51 -1.73
N ILE D 291 8.16 -52.91 -0.52
CA ILE D 291 7.42 -51.67 -0.27
C ILE D 291 7.99 -50.54 -1.14
N THR D 292 9.33 -50.40 -1.17
CA THR D 292 10.02 -49.34 -1.93
C THR D 292 9.80 -49.52 -3.42
N ARG D 293 9.94 -50.76 -3.91
CA ARG D 293 9.70 -51.12 -5.31
C ARG D 293 8.25 -50.83 -5.75
N ALA D 294 7.27 -51.15 -4.87
CA ALA D 294 5.85 -50.90 -5.11
C ALA D 294 5.60 -49.39 -5.20
N SER D 295 6.17 -48.62 -4.25
CA SER D 295 6.05 -47.18 -4.15
C SER D 295 6.48 -46.46 -5.44
N ARG D 296 7.54 -46.99 -6.11
CA ARG D 296 8.09 -46.48 -7.37
C ARG D 296 7.03 -46.40 -8.45
N ILE D 297 6.10 -47.38 -8.50
CA ILE D 297 4.98 -47.44 -9.43
C ILE D 297 3.71 -46.81 -8.84
N ALA D 298 3.41 -47.13 -7.56
CA ALA D 298 2.21 -46.65 -6.86
C ALA D 298 2.09 -45.12 -6.82
N PHE D 299 3.13 -44.41 -6.35
CA PHE D 299 3.12 -42.95 -6.24
C PHE D 299 2.80 -42.21 -7.58
N PRO D 300 3.47 -42.47 -8.74
CA PRO D 300 3.08 -41.76 -9.97
C PRO D 300 1.68 -42.16 -10.46
N VAL D 301 1.38 -43.48 -10.48
CA VAL D 301 0.08 -43.97 -10.91
C VAL D 301 -1.08 -43.31 -10.10
N VAL D 302 -1.09 -43.53 -8.77
CA VAL D 302 -2.06 -42.95 -7.84
C VAL D 302 -2.06 -41.42 -8.03
N PHE D 303 -0.90 -40.79 -8.30
CA PHE D 303 -0.86 -39.34 -8.54
C PHE D 303 -1.64 -38.90 -9.79
N LEU D 304 -1.38 -39.59 -10.92
CA LEU D 304 -2.04 -39.37 -12.21
C LEU D 304 -3.56 -39.57 -12.10
N LEU D 305 -4.02 -40.69 -11.48
CA LEU D 305 -5.45 -40.98 -11.27
C LEU D 305 -6.12 -39.90 -10.45
N ALA D 306 -5.48 -39.54 -9.32
CA ALA D 306 -5.93 -38.50 -8.41
C ALA D 306 -6.15 -37.19 -9.18
N ASN D 307 -5.22 -36.87 -10.11
CA ASN D 307 -5.32 -35.65 -10.91
C ASN D 307 -6.43 -35.74 -11.97
N ILE D 308 -6.59 -36.93 -12.63
CA ILE D 308 -7.66 -37.16 -13.61
C ILE D 308 -9.01 -36.98 -12.91
N ILE D 309 -9.21 -37.65 -11.74
CA ILE D 309 -10.40 -37.52 -10.91
C ILE D 309 -10.65 -36.04 -10.56
N LEU D 310 -9.62 -35.33 -10.06
CA LEU D 310 -9.80 -33.93 -9.68
C LEU D 310 -10.24 -33.05 -10.85
N ALA D 311 -9.57 -33.19 -12.02
CA ALA D 311 -9.86 -32.42 -13.24
C ALA D 311 -11.26 -32.75 -13.72
N PHE D 312 -11.68 -34.01 -13.57
CA PHE D 312 -13.03 -34.40 -13.96
C PHE D 312 -14.05 -33.65 -13.11
N LEU D 313 -13.89 -33.70 -11.77
CA LEU D 313 -14.77 -33.02 -10.82
C LEU D 313 -14.83 -31.52 -11.05
N PHE D 314 -13.71 -30.89 -11.41
CA PHE D 314 -13.69 -29.45 -11.61
C PHE D 314 -14.07 -28.99 -13.03
N PHE D 315 -13.93 -29.85 -14.07
CA PHE D 315 -14.24 -29.47 -15.47
C PHE D 315 -15.01 -30.57 -16.25
N VAL E 5 -20.99 30.34 -23.61
CA VAL E 5 -19.99 30.38 -24.68
C VAL E 5 -20.21 29.27 -25.71
N SER E 6 -19.92 29.57 -26.98
CA SER E 6 -20.07 28.67 -28.13
C SER E 6 -18.74 28.53 -28.87
N PRO E 7 -18.52 27.53 -29.76
CA PRO E 7 -17.23 27.44 -30.46
C PRO E 7 -17.06 28.46 -31.58
N PRO E 8 -15.81 28.77 -32.06
CA PRO E 8 -15.67 29.74 -33.14
C PRO E 8 -16.42 29.33 -34.40
N PRO E 9 -17.06 30.27 -35.13
CA PRO E 9 -17.77 29.89 -36.36
C PRO E 9 -16.81 29.72 -37.55
N PRO E 10 -17.02 28.67 -38.40
CA PRO E 10 -16.10 28.48 -39.53
C PRO E 10 -16.31 29.49 -40.66
N ILE E 11 -15.21 29.99 -41.25
CA ILE E 11 -15.26 30.96 -42.36
C ILE E 11 -15.93 30.36 -43.59
N ALA E 12 -15.62 29.07 -43.86
CA ALA E 12 -16.20 28.31 -44.96
C ALA E 12 -16.92 27.07 -44.39
N ASP E 13 -16.22 25.95 -44.28
CA ASP E 13 -16.76 24.69 -43.78
C ASP E 13 -15.63 23.87 -43.15
N GLU E 14 -14.42 24.47 -43.08
CA GLU E 14 -13.20 23.88 -42.54
C GLU E 14 -13.31 23.51 -41.04
N PRO E 15 -12.62 22.44 -40.60
CA PRO E 15 -12.66 22.10 -39.17
C PRO E 15 -11.71 22.99 -38.35
N LEU E 16 -11.97 23.11 -37.03
CA LEU E 16 -11.14 23.91 -36.13
C LEU E 16 -9.87 23.13 -35.77
N THR E 17 -8.69 23.69 -36.14
CA THR E 17 -7.40 23.07 -35.84
C THR E 17 -6.87 23.58 -34.49
N VAL E 18 -6.80 22.66 -33.51
CA VAL E 18 -6.29 22.97 -32.19
C VAL E 18 -4.86 22.43 -32.14
N ASN E 19 -3.91 23.36 -32.08
CA ASN E 19 -2.49 23.09 -32.00
C ASN E 19 -2.07 22.73 -30.58
N THR E 20 -1.48 21.54 -30.46
CA THR E 20 -1.09 20.98 -29.19
C THR E 20 0.41 20.89 -28.98
N GLY E 21 0.78 20.76 -27.72
CA GLY E 21 2.14 20.61 -27.23
C GLY E 21 2.17 20.07 -25.82
N ILE E 22 3.13 19.17 -25.54
CA ILE E 22 3.33 18.60 -24.21
C ILE E 22 4.80 18.78 -23.86
N TYR E 23 5.09 19.48 -22.77
CA TYR E 23 6.46 19.67 -22.30
C TYR E 23 6.57 18.99 -20.95
N LEU E 24 7.24 17.80 -20.90
CA LEU E 24 7.42 16.99 -19.69
C LEU E 24 8.28 17.68 -18.66
N ILE E 25 7.71 17.94 -17.48
CA ILE E 25 8.41 18.58 -16.36
C ILE E 25 8.99 17.49 -15.45
N GLU E 26 8.18 16.46 -15.12
CA GLU E 26 8.60 15.36 -14.25
CA GLU E 26 8.60 15.34 -14.27
C GLU E 26 8.03 14.03 -14.71
N CYS E 27 8.86 13.00 -14.63
CA CYS E 27 8.50 11.64 -14.94
C CYS E 27 8.85 10.84 -13.75
N TYR E 28 7.89 10.06 -13.29
CA TYR E 28 8.07 9.27 -12.08
C TYR E 28 7.12 8.07 -12.04
N SER E 29 7.32 7.23 -11.02
CA SER E 29 6.52 6.07 -10.67
C SER E 29 6.09 5.18 -11.87
N LEU E 30 7.08 4.55 -12.54
CA LEU E 30 6.78 3.57 -13.58
C LEU E 30 6.56 2.22 -12.89
N ASP E 31 5.29 1.86 -12.70
CA ASP E 31 4.87 0.61 -12.09
C ASP E 31 4.84 -0.46 -13.17
N ASP E 32 5.69 -1.48 -13.03
CA ASP E 32 5.78 -2.56 -14.02
C ASP E 32 4.58 -3.47 -14.02
N LYS E 33 4.13 -3.89 -12.82
CA LYS E 33 2.99 -4.75 -12.63
C LYS E 33 1.71 -4.03 -13.11
N ALA E 34 1.56 -2.74 -12.71
CA ALA E 34 0.39 -1.93 -13.08
C ALA E 34 0.42 -1.44 -14.51
N GLU E 35 1.63 -1.38 -15.13
CA GLU E 35 1.86 -0.85 -16.48
C GLU E 35 1.37 0.62 -16.56
N THR E 36 1.75 1.39 -15.52
CA THR E 36 1.43 2.81 -15.38
C THR E 36 2.70 3.62 -15.10
N PHE E 37 2.59 4.94 -15.30
CA PHE E 37 3.60 5.95 -15.01
C PHE E 37 2.91 7.27 -14.69
N LYS E 38 3.49 8.01 -13.77
CA LYS E 38 2.94 9.29 -13.38
C LYS E 38 3.74 10.37 -14.11
N VAL E 39 3.05 11.44 -14.52
CA VAL E 39 3.66 12.51 -15.29
C VAL E 39 3.20 13.89 -14.82
N ASN E 40 4.15 14.84 -14.75
CA ASN E 40 3.86 16.25 -14.46
C ASN E 40 4.37 17.02 -15.67
N ALA E 41 3.47 17.70 -16.38
CA ALA E 41 3.83 18.35 -17.63
C ALA E 41 3.00 19.58 -17.95
N PHE E 42 3.46 20.33 -18.96
CA PHE E 42 2.77 21.49 -19.49
C PHE E 42 2.00 21.02 -20.70
N LEU E 43 0.76 21.52 -20.85
CA LEU E 43 -0.10 21.26 -22.00
C LEU E 43 -0.41 22.61 -22.63
N SER E 44 0.02 22.79 -23.88
CA SER E 44 -0.22 24.03 -24.58
C SER E 44 -1.23 23.83 -25.70
N LEU E 45 -2.29 24.67 -25.72
CA LEU E 45 -3.32 24.62 -26.74
C LEU E 45 -3.38 25.94 -27.48
N SER E 46 -3.59 25.89 -28.81
CA SER E 46 -3.70 27.09 -29.64
C SER E 46 -4.68 26.93 -30.79
N TRP E 47 -5.55 27.92 -30.96
CA TRP E 47 -6.58 27.98 -32.00
C TRP E 47 -6.94 29.43 -32.26
N LYS E 48 -7.51 29.67 -33.44
CA LYS E 48 -7.95 30.99 -33.87
C LYS E 48 -9.47 31.14 -33.60
N ASP E 49 -9.84 32.21 -32.88
CA ASP E 49 -11.22 32.60 -32.57
C ASP E 49 -11.38 34.06 -33.03
N ARG E 50 -12.03 34.25 -34.20
CA ARG E 50 -12.27 35.56 -34.83
C ARG E 50 -13.01 36.54 -33.93
N ARG E 51 -13.95 36.02 -33.10
CA ARG E 51 -14.75 36.77 -32.14
C ARG E 51 -13.89 37.53 -31.10
N LEU E 52 -12.63 37.10 -30.95
CA LEU E 52 -11.65 37.68 -30.03
C LEU E 52 -10.64 38.62 -30.73
N ALA E 53 -10.76 38.77 -32.07
CA ALA E 53 -9.87 39.64 -32.85
C ALA E 53 -10.03 41.10 -32.43
N PHE E 54 -8.92 41.86 -32.45
CA PHE E 54 -8.88 43.27 -32.04
C PHE E 54 -7.82 44.08 -32.80
N ASP E 55 -7.96 45.42 -32.79
CA ASP E 55 -7.02 46.31 -33.46
C ASP E 55 -5.83 46.63 -32.53
N PRO E 56 -4.57 46.28 -32.92
CA PRO E 56 -3.43 46.55 -32.02
C PRO E 56 -2.99 48.02 -31.93
N VAL E 57 -3.34 48.83 -32.96
CA VAL E 57 -3.02 50.27 -33.05
C VAL E 57 -3.90 51.06 -32.06
N ARG E 58 -5.23 50.92 -32.19
CA ARG E 58 -6.24 51.61 -31.39
C ARG E 58 -6.23 51.17 -29.91
N SER E 59 -6.20 49.86 -29.66
CA SER E 59 -6.19 49.29 -28.30
C SER E 59 -4.88 49.60 -27.57
N GLY E 60 -3.80 49.83 -28.32
CA GLY E 60 -2.48 50.11 -27.77
C GLY E 60 -1.82 48.89 -27.17
N VAL E 61 -2.60 47.78 -27.02
CA VAL E 61 -2.16 46.49 -26.49
C VAL E 61 -1.95 45.47 -27.61
N ARG E 62 -0.86 44.69 -27.49
CA ARG E 62 -0.46 43.64 -28.43
C ARG E 62 -1.22 42.36 -28.10
N VAL E 63 -1.33 42.04 -26.79
CA VAL E 63 -1.95 40.82 -26.29
C VAL E 63 -2.98 41.08 -25.18
N LYS E 64 -4.11 40.35 -25.22
CA LYS E 64 -5.20 40.39 -24.24
C LYS E 64 -5.25 39.07 -23.46
N THR E 65 -5.19 39.15 -22.12
CA THR E 65 -5.22 37.99 -21.22
C THR E 65 -6.64 37.78 -20.70
N TYR E 66 -7.15 36.54 -20.77
CA TYR E 66 -8.50 36.16 -20.32
C TYR E 66 -8.47 35.07 -19.27
N GLU E 67 -9.61 34.91 -18.57
CA GLU E 67 -9.86 33.86 -17.58
C GLU E 67 -10.54 32.69 -18.34
N PRO E 68 -10.26 31.41 -17.98
CA PRO E 68 -10.87 30.28 -18.71
C PRO E 68 -12.38 30.36 -18.92
N GLU E 69 -13.11 30.84 -17.90
CA GLU E 69 -14.57 31.01 -17.91
C GLU E 69 -15.03 32.07 -18.92
N ALA E 70 -14.21 33.12 -19.12
CA ALA E 70 -14.52 34.24 -20.03
C ALA E 70 -14.62 33.87 -21.50
N ILE E 71 -13.74 32.97 -21.99
CA ILE E 71 -13.71 32.58 -23.41
C ILE E 71 -13.99 31.08 -23.65
N TRP E 72 -14.25 30.72 -24.93
CA TRP E 72 -14.50 29.35 -25.33
C TRP E 72 -13.19 28.59 -25.37
N ILE E 73 -13.14 27.43 -24.68
CA ILE E 73 -11.97 26.55 -24.62
C ILE E 73 -12.33 25.12 -25.05
N PRO E 74 -11.57 24.52 -26.00
CA PRO E 74 -11.87 23.15 -26.45
C PRO E 74 -11.65 22.09 -25.36
N GLU E 75 -12.62 21.16 -25.23
CA GLU E 75 -12.59 20.07 -24.26
C GLU E 75 -11.61 18.97 -24.71
N ILE E 76 -10.33 19.17 -24.32
CA ILE E 76 -9.24 18.25 -24.61
C ILE E 76 -9.08 17.25 -23.47
N ARG E 77 -9.03 15.96 -23.82
CA ARG E 77 -8.88 14.92 -22.82
C ARG E 77 -7.75 13.99 -23.17
N PHE E 78 -7.38 13.14 -22.22
CA PHE E 78 -6.38 12.12 -22.42
C PHE E 78 -7.13 10.82 -22.50
N VAL E 79 -6.76 9.96 -23.45
CA VAL E 79 -7.45 8.68 -23.59
C VAL E 79 -7.06 7.73 -22.47
N ASN E 80 -5.75 7.42 -22.38
CA ASN E 80 -5.17 6.44 -21.50
C ASN E 80 -4.78 6.94 -20.10
N VAL E 81 -5.71 7.64 -19.45
CA VAL E 81 -5.51 8.07 -18.06
C VAL E 81 -6.40 7.28 -17.11
N GLU E 82 -5.95 7.11 -15.85
CA GLU E 82 -6.73 6.41 -14.83
C GLU E 82 -7.96 7.29 -14.45
N ASN E 83 -7.70 8.50 -13.97
CA ASN E 83 -8.72 9.48 -13.64
C ASN E 83 -8.41 10.74 -14.46
N ALA E 84 -9.32 11.74 -14.42
CA ALA E 84 -9.13 13.00 -15.15
C ALA E 84 -7.92 13.75 -14.59
N ARG E 85 -7.09 14.31 -15.49
CA ARG E 85 -5.87 15.07 -15.16
C ARG E 85 -6.11 16.21 -14.17
N ASP E 86 -5.21 16.31 -13.18
CA ASP E 86 -5.21 17.37 -12.20
C ASP E 86 -4.55 18.52 -12.97
N ALA E 87 -5.34 19.52 -13.37
CA ALA E 87 -4.86 20.63 -14.19
C ALA E 87 -5.08 22.00 -13.56
N ASP E 88 -4.11 22.90 -13.77
CA ASP E 88 -4.14 24.28 -13.30
C ASP E 88 -3.69 25.15 -14.45
N VAL E 89 -4.60 26.02 -14.92
CA VAL E 89 -4.36 26.93 -16.03
C VAL E 89 -3.26 27.91 -15.62
N VAL E 90 -2.24 28.01 -16.47
CA VAL E 90 -1.07 28.87 -16.30
C VAL E 90 -1.34 30.21 -16.99
N ASP E 91 -1.70 30.20 -18.29
CA ASP E 91 -1.95 31.42 -19.06
C ASP E 91 -2.83 31.23 -20.28
N ILE E 92 -3.58 32.29 -20.62
CA ILE E 92 -4.43 32.42 -21.80
C ILE E 92 -4.07 33.80 -22.38
N SER E 93 -3.61 33.82 -23.62
CA SER E 93 -3.19 35.05 -24.29
C SER E 93 -3.76 35.10 -25.70
N VAL E 94 -4.46 36.20 -26.04
CA VAL E 94 -5.06 36.37 -27.36
C VAL E 94 -4.28 37.38 -28.19
N SER E 95 -3.97 37.02 -29.44
CA SER E 95 -3.25 37.86 -30.40
C SER E 95 -4.28 38.73 -31.17
N PRO E 96 -3.86 39.86 -31.81
CA PRO E 96 -4.82 40.73 -32.51
C PRO E 96 -5.71 40.02 -33.52
N ASP E 97 -5.22 38.95 -34.16
CA ASP E 97 -6.00 38.18 -35.14
C ASP E 97 -6.97 37.18 -34.48
N GLY E 98 -6.84 37.01 -33.16
CA GLY E 98 -7.70 36.13 -32.38
C GLY E 98 -7.12 34.77 -32.10
N THR E 99 -5.78 34.59 -32.24
CA THR E 99 -5.17 33.30 -31.95
C THR E 99 -4.92 33.21 -30.44
N VAL E 100 -5.63 32.26 -29.81
CA VAL E 100 -5.57 32.01 -28.38
C VAL E 100 -4.40 31.08 -28.07
N GLN E 101 -3.57 31.46 -27.10
CA GLN E 101 -2.44 30.67 -26.64
C GLN E 101 -2.64 30.29 -25.20
N TYR E 102 -3.29 29.13 -25.03
CA TYR E 102 -3.62 28.49 -23.77
C TYR E 102 -2.44 27.67 -23.28
N LEU E 103 -2.25 27.65 -21.95
CA LEU E 103 -1.21 26.87 -21.26
C LEU E 103 -1.71 26.45 -19.91
N GLU E 104 -1.51 25.18 -19.58
CA GLU E 104 -1.91 24.59 -18.31
C GLU E 104 -0.85 23.61 -17.87
N ARG E 105 -0.71 23.44 -16.55
CA ARG E 105 0.21 22.46 -16.00
C ARG E 105 -0.62 21.32 -15.43
N PHE E 106 -0.28 20.08 -15.79
CA PHE E 106 -1.04 18.94 -15.34
C PHE E 106 -0.18 17.83 -14.76
N SER E 107 -0.84 16.92 -14.07
CA SER E 107 -0.30 15.70 -13.52
C SER E 107 -1.32 14.61 -13.83
N ALA E 108 -0.83 13.45 -14.30
CA ALA E 108 -1.69 12.32 -14.66
C ALA E 108 -0.99 10.97 -14.45
N ARG E 109 -1.80 9.93 -14.19
CA ARG E 109 -1.33 8.54 -14.09
C ARG E 109 -1.84 7.93 -15.40
N VAL E 110 -0.89 7.62 -16.25
CA VAL E 110 -1.12 7.13 -17.59
C VAL E 110 -0.97 5.60 -17.63
N LEU E 111 -1.87 4.91 -18.35
CA LEU E 111 -1.81 3.46 -18.55
C LEU E 111 -1.20 3.24 -19.93
N SER E 112 -0.03 2.65 -19.98
CA SER E 112 0.59 2.32 -21.25
C SER E 112 1.16 0.89 -21.11
N PRO E 113 0.67 -0.09 -21.93
CA PRO E 113 1.17 -1.46 -21.84
C PRO E 113 2.67 -1.58 -22.10
N LEU E 114 3.30 -2.57 -21.44
CA LEU E 114 4.73 -2.82 -21.53
C LEU E 114 5.03 -4.20 -22.07
N ASP E 115 6.12 -4.32 -22.89
CA ASP E 115 6.56 -5.59 -23.48
C ASP E 115 7.77 -6.17 -22.70
N PHE E 116 7.49 -7.15 -21.82
CA PHE E 116 8.50 -7.75 -20.97
C PHE E 116 9.33 -8.88 -21.58
N ARG E 117 9.10 -9.23 -22.88
CA ARG E 117 9.80 -10.29 -23.61
C ARG E 117 11.34 -10.25 -23.45
N ARG E 118 11.96 -9.06 -23.50
CA ARG E 118 13.42 -8.95 -23.37
C ARG E 118 13.91 -8.52 -21.96
N TYR E 119 13.03 -8.52 -20.94
CA TYR E 119 13.35 -8.13 -19.56
C TYR E 119 14.57 -8.89 -18.97
N PRO E 120 15.50 -8.23 -18.21
CA PRO E 120 15.54 -6.80 -17.86
C PRO E 120 16.29 -5.94 -18.90
N PHE E 121 16.47 -6.46 -20.14
CA PHE E 121 17.18 -5.76 -21.23
C PHE E 121 16.20 -5.19 -22.25
N ASP E 122 14.99 -4.87 -21.81
CA ASP E 122 13.90 -4.36 -22.63
C ASP E 122 13.87 -2.84 -22.71
N SER E 123 13.28 -2.34 -23.81
CA SER E 123 13.04 -0.94 -24.07
C SER E 123 11.55 -0.81 -24.29
N GLN E 124 10.98 0.33 -23.88
CA GLN E 124 9.55 0.60 -24.00
C GLN E 124 9.27 1.88 -24.76
N THR E 125 8.00 2.06 -25.15
CA THR E 125 7.47 3.26 -25.80
C THR E 125 6.20 3.61 -25.03
N LEU E 126 6.31 4.58 -24.15
CA LEU E 126 5.16 5.04 -23.37
C LEU E 126 4.33 5.97 -24.26
N HIS E 127 3.00 5.93 -24.10
CA HIS E 127 2.11 6.73 -24.91
C HIS E 127 1.24 7.64 -24.07
N ILE E 128 0.91 8.80 -24.65
CA ILE E 128 -0.02 9.78 -24.09
C ILE E 128 -0.88 10.18 -25.27
N TYR E 129 -2.15 9.76 -25.20
CA TYR E 129 -3.10 10.04 -26.25
C TYR E 129 -3.95 11.21 -25.90
N LEU E 130 -3.83 12.27 -26.71
CA LEU E 130 -4.62 13.48 -26.60
C LEU E 130 -5.82 13.30 -27.51
N ILE E 131 -7.00 13.64 -27.02
CA ILE E 131 -8.23 13.48 -27.80
C ILE E 131 -9.17 14.68 -27.65
N VAL E 132 -9.89 15.02 -28.73
CA VAL E 132 -10.91 16.07 -28.77
C VAL E 132 -12.20 15.54 -29.42
N ARG E 133 -13.34 15.67 -28.72
CA ARG E 133 -14.59 15.23 -29.34
C ARG E 133 -15.20 16.42 -30.07
N SER E 134 -15.48 16.23 -31.37
CA SER E 134 -16.09 17.26 -32.22
C SER E 134 -17.49 17.60 -31.72
N VAL E 135 -17.86 18.89 -31.82
CA VAL E 135 -19.17 19.40 -31.41
C VAL E 135 -20.16 19.35 -32.59
N ASP E 136 -21.48 19.50 -32.33
CA ASP E 136 -22.49 19.44 -33.38
C ASP E 136 -22.41 20.57 -34.42
N THR E 137 -22.02 21.78 -33.95
CA THR E 137 -21.89 22.97 -34.81
C THR E 137 -20.69 22.85 -35.78
N ARG E 138 -19.48 22.46 -35.28
CA ARG E 138 -18.33 22.27 -36.17
C ARG E 138 -17.34 21.21 -35.64
N ASN E 139 -16.64 20.54 -36.57
CA ASN E 139 -15.67 19.49 -36.29
C ASN E 139 -14.35 20.05 -35.80
N ILE E 140 -13.76 19.38 -34.79
CA ILE E 140 -12.49 19.79 -34.20
C ILE E 140 -11.43 18.73 -34.52
N VAL E 141 -10.26 19.19 -34.99
CA VAL E 141 -9.11 18.38 -35.42
C VAL E 141 -7.86 18.85 -34.65
N LEU E 142 -7.06 17.90 -34.15
CA LEU E 142 -5.83 18.18 -33.41
C LEU E 142 -4.60 18.24 -34.32
N ALA E 143 -3.64 19.09 -33.94
CA ALA E 143 -2.38 19.30 -34.63
C ALA E 143 -1.28 19.37 -33.58
N VAL E 144 -0.03 19.17 -34.02
CA VAL E 144 1.14 19.20 -33.15
C VAL E 144 1.99 20.42 -33.50
N ASP E 145 2.29 21.27 -32.50
CA ASP E 145 3.20 22.39 -32.67
C ASP E 145 4.50 21.86 -32.06
N LEU E 146 5.43 21.39 -32.92
CA LEU E 146 6.69 20.79 -32.49
C LEU E 146 7.56 21.73 -31.65
N GLU E 147 7.38 23.04 -31.84
CA GLU E 147 8.08 24.09 -31.08
C GLU E 147 7.65 24.08 -29.59
N LYS E 148 6.50 23.44 -29.30
CA LYS E 148 5.92 23.38 -27.98
C LYS E 148 5.82 21.94 -27.40
N VAL E 149 6.55 20.99 -28.02
CA VAL E 149 6.66 19.59 -27.59
C VAL E 149 8.11 19.38 -27.13
N GLY E 150 8.29 19.00 -25.88
CA GLY E 150 9.61 18.76 -25.34
C GLY E 150 9.63 18.14 -23.96
N LYS E 151 10.79 18.24 -23.27
CA LYS E 151 11.02 17.70 -21.93
C LYS E 151 12.18 18.39 -21.20
N ASN E 152 12.06 18.52 -19.87
CA ASN E 152 13.09 19.08 -18.99
C ASN E 152 14.33 18.18 -19.05
N ASP E 153 15.52 18.82 -19.02
CA ASP E 153 16.82 18.13 -19.08
C ASP E 153 17.05 17.28 -17.81
N ASP E 154 16.47 17.73 -16.68
CA ASP E 154 16.52 17.08 -15.37
C ASP E 154 15.54 15.90 -15.24
N VAL E 155 14.59 15.71 -16.22
CA VAL E 155 13.61 14.61 -16.19
C VAL E 155 14.33 13.26 -16.04
N PHE E 156 14.04 12.59 -14.92
CA PHE E 156 14.63 11.31 -14.62
C PHE E 156 13.56 10.32 -14.20
N LEU E 157 13.60 9.13 -14.78
CA LEU E 157 12.68 8.05 -14.46
C LEU E 157 13.59 6.97 -13.87
N THR E 158 13.47 6.72 -12.55
CA THR E 158 14.28 5.79 -11.77
C THR E 158 14.31 4.40 -12.42
N GLY E 159 15.53 3.89 -12.63
CA GLY E 159 15.78 2.58 -13.23
C GLY E 159 15.55 2.53 -14.73
N TRP E 160 15.41 3.71 -15.37
CA TRP E 160 15.16 3.85 -16.79
C TRP E 160 15.96 4.98 -17.40
N ASP E 161 16.30 4.81 -18.68
CA ASP E 161 16.99 5.81 -19.49
C ASP E 161 15.95 6.37 -20.43
N ILE E 162 15.79 7.71 -20.45
CA ILE E 162 14.81 8.36 -21.31
C ILE E 162 15.48 8.68 -22.64
N GLU E 163 15.03 8.04 -23.73
CA GLU E 163 15.61 8.25 -25.04
C GLU E 163 15.05 9.48 -25.76
N SER E 164 13.76 9.42 -26.12
CA SER E 164 13.09 10.48 -26.87
C SER E 164 11.67 10.74 -26.36
N PHE E 165 11.13 11.92 -26.75
CA PHE E 165 9.76 12.34 -26.50
C PHE E 165 9.33 13.06 -27.73
N THR E 166 8.53 12.39 -28.55
CA THR E 166 8.05 12.94 -29.81
C THR E 166 6.55 12.73 -29.94
N ALA E 167 5.95 13.39 -30.93
CA ALA E 167 4.53 13.25 -31.21
C ALA E 167 4.33 12.87 -32.66
N VAL E 168 3.40 11.93 -32.90
CA VAL E 168 3.02 11.49 -34.24
C VAL E 168 2.09 12.61 -34.74
N VAL E 169 2.67 13.51 -35.56
CA VAL E 169 2.10 14.74 -36.11
C VAL E 169 0.74 14.56 -36.81
N LYS E 170 0.51 13.39 -37.48
CA LYS E 170 -0.76 13.09 -38.16
C LYS E 170 -1.75 12.49 -37.14
N PRO E 171 -2.88 13.20 -36.86
CA PRO E 171 -3.84 12.69 -35.89
C PRO E 171 -4.69 11.54 -36.43
N ALA E 172 -5.15 10.67 -35.53
CA ALA E 172 -6.03 9.56 -35.87
C ALA E 172 -7.46 10.07 -35.75
N ASN E 173 -8.05 10.49 -36.89
CA ASN E 173 -9.42 11.01 -36.97
C ASN E 173 -10.35 9.88 -37.31
N PHE E 174 -11.36 9.68 -36.45
CA PHE E 174 -12.29 8.56 -36.52
C PHE E 174 -13.63 8.89 -35.90
N ALA E 175 -14.66 8.15 -36.35
CA ALA E 175 -16.03 8.22 -35.86
C ALA E 175 -16.13 7.45 -34.55
N LEU E 176 -16.79 8.05 -33.56
CA LEU E 176 -17.04 7.45 -32.25
C LEU E 176 -18.38 7.94 -31.74
N GLU E 177 -19.35 7.01 -31.55
CA GLU E 177 -20.71 7.27 -31.10
C GLU E 177 -21.36 8.43 -31.88
N ASP E 178 -21.40 8.25 -33.22
CA ASP E 178 -21.99 9.15 -34.22
C ASP E 178 -21.35 10.57 -34.28
N ARG E 179 -20.22 10.82 -33.57
CA ARG E 179 -19.49 12.10 -33.60
C ARG E 179 -18.02 11.86 -33.92
N LEU E 180 -17.38 12.85 -34.54
CA LEU E 180 -15.97 12.78 -34.93
C LEU E 180 -15.05 12.93 -33.71
N GLU E 181 -13.88 12.26 -33.79
CA GLU E 181 -12.86 12.25 -32.74
C GLU E 181 -11.46 12.34 -33.36
N SER E 182 -10.62 13.28 -32.85
CA SER E 182 -9.25 13.49 -33.30
C SER E 182 -8.28 13.10 -32.17
N LYS E 183 -7.46 12.04 -32.39
CA LYS E 183 -6.50 11.50 -31.42
C LYS E 183 -5.05 11.81 -31.82
N LEU E 184 -4.18 12.11 -30.84
CA LEU E 184 -2.76 12.38 -31.06
C LEU E 184 -1.90 11.47 -30.18
N ASP E 185 -0.81 10.95 -30.75
CA ASP E 185 0.07 10.03 -30.04
C ASP E 185 1.39 10.64 -29.61
N TYR E 186 1.51 10.95 -28.30
CA TYR E 186 2.75 11.44 -27.72
C TYR E 186 3.52 10.22 -27.21
N GLN E 187 4.68 9.95 -27.81
CA GLN E 187 5.50 8.80 -27.49
C GLN E 187 6.79 9.12 -26.75
N LEU E 188 6.96 8.45 -25.59
CA LEU E 188 8.15 8.56 -24.75
C LEU E 188 8.92 7.23 -24.76
N ARG E 189 10.02 7.19 -25.56
CA ARG E 189 10.87 6.02 -25.71
C ARG E 189 11.88 5.96 -24.57
N ILE E 190 11.87 4.83 -23.86
CA ILE E 190 12.72 4.59 -22.71
C ILE E 190 13.38 3.21 -22.80
N SER E 191 14.50 3.02 -22.09
CA SER E 191 15.21 1.74 -22.04
C SER E 191 15.62 1.46 -20.61
N ARG E 192 15.37 0.23 -20.16
CA ARG E 192 15.65 -0.18 -18.80
C ARG E 192 17.14 -0.22 -18.49
N GLN E 193 17.50 0.25 -17.28
CA GLN E 193 18.86 0.21 -16.75
C GLN E 193 19.02 -1.18 -16.09
N TYR E 194 19.54 -2.12 -16.88
CA TYR E 194 19.73 -3.52 -16.50
C TYR E 194 20.92 -3.80 -15.56
N PHE E 195 21.81 -2.81 -15.31
CA PHE E 195 23.01 -2.95 -14.47
C PHE E 195 22.81 -3.72 -13.16
N SER E 196 21.95 -3.21 -12.27
CA SER E 196 21.67 -3.76 -10.95
C SER E 196 21.29 -5.25 -10.97
N TYR E 197 20.55 -5.68 -12.02
CA TYR E 197 20.11 -7.06 -12.19
C TYR E 197 21.24 -8.09 -12.18
N ILE E 198 22.41 -7.69 -12.74
CA ILE E 198 23.61 -8.52 -12.85
C ILE E 198 24.16 -8.90 -11.45
N PRO E 199 24.60 -7.95 -10.57
CA PRO E 199 25.11 -8.37 -9.25
C PRO E 199 24.03 -8.79 -8.23
N ASN E 200 22.75 -8.44 -8.48
CA ASN E 200 21.68 -8.72 -7.54
C ASN E 200 20.91 -10.00 -7.76
N ILE E 201 20.69 -10.37 -9.04
CA ILE E 201 19.89 -11.55 -9.40
C ILE E 201 20.65 -12.53 -10.29
N ILE E 202 21.12 -12.09 -11.48
CA ILE E 202 21.80 -12.92 -12.48
C ILE E 202 23.03 -13.67 -11.89
N LEU E 203 24.10 -12.95 -11.51
CA LEU E 203 25.31 -13.59 -10.98
C LEU E 203 25.03 -14.45 -9.73
N PRO E 204 24.32 -13.94 -8.66
CA PRO E 204 24.04 -14.83 -7.51
C PRO E 204 23.41 -16.15 -7.95
N MET E 205 22.39 -16.07 -8.81
CA MET E 205 21.68 -17.21 -9.37
C MET E 205 22.58 -18.18 -10.15
N LEU E 206 23.61 -17.67 -10.84
CA LEU E 206 24.54 -18.49 -11.63
C LEU E 206 25.49 -19.23 -10.71
N PHE E 207 26.04 -18.51 -9.68
CA PHE E 207 26.96 -19.05 -8.66
CA PHE E 207 26.99 -19.15 -8.79
C PHE E 207 26.32 -20.23 -7.93
N ILE E 208 25.03 -20.07 -7.54
CA ILE E 208 24.33 -21.14 -6.79
C ILE E 208 24.12 -22.36 -7.71
N LEU E 209 23.87 -22.12 -9.02
CA LEU E 209 23.75 -23.21 -10.00
C LEU E 209 25.10 -23.95 -10.14
N PHE E 210 26.20 -23.19 -10.16
CA PHE E 210 27.55 -23.76 -10.27
C PHE E 210 27.92 -24.54 -9.03
N ILE E 211 27.42 -24.12 -7.84
CA ILE E 211 27.64 -24.82 -6.57
C ILE E 211 27.02 -26.20 -6.67
N SER E 212 25.82 -26.29 -7.27
CA SER E 212 25.12 -27.57 -7.48
C SER E 212 26.01 -28.56 -8.27
N TRP E 213 26.75 -28.06 -9.27
CA TRP E 213 27.62 -28.86 -10.12
C TRP E 213 28.89 -29.40 -9.43
N THR E 214 29.16 -29.01 -8.17
CA THR E 214 30.31 -29.55 -7.44
C THR E 214 30.02 -31.00 -7.02
N ALA E 215 28.73 -31.43 -7.12
CA ALA E 215 28.29 -32.80 -6.83
C ALA E 215 28.83 -33.78 -7.87
N PHE E 216 29.35 -33.25 -9.02
CA PHE E 216 29.97 -34.06 -10.08
C PHE E 216 31.41 -34.44 -9.68
N TRP E 217 31.94 -33.80 -8.62
CA TRP E 217 33.26 -34.11 -8.07
C TRP E 217 33.16 -34.83 -6.72
N SER E 218 31.92 -35.26 -6.33
CA SER E 218 31.64 -35.98 -5.09
C SER E 218 30.90 -37.29 -5.33
N THR E 219 31.19 -38.30 -4.50
CA THR E 219 30.56 -39.64 -4.53
C THR E 219 29.64 -39.82 -3.30
N SER E 220 29.66 -38.83 -2.39
CA SER E 220 28.89 -38.79 -1.16
C SER E 220 27.44 -38.40 -1.44
N TYR E 221 26.58 -39.39 -1.66
CA TYR E 221 25.14 -39.20 -1.95
C TYR E 221 24.52 -38.21 -1.00
N GLU E 222 24.76 -38.41 0.29
CA GLU E 222 24.28 -37.59 1.37
C GLU E 222 24.62 -36.10 1.13
N ALA E 223 25.91 -35.81 0.84
CA ALA E 223 26.45 -34.48 0.54
C ALA E 223 25.86 -33.91 -0.76
N ASN E 224 25.78 -34.75 -1.80
CA ASN E 224 25.21 -34.39 -3.09
C ASN E 224 23.74 -33.95 -2.95
N VAL E 225 22.91 -34.77 -2.27
CA VAL E 225 21.50 -34.46 -2.00
C VAL E 225 21.43 -33.05 -1.39
N THR E 226 22.25 -32.79 -0.34
CA THR E 226 22.31 -31.52 0.36
C THR E 226 22.66 -30.41 -0.62
N LEU E 227 23.69 -30.58 -1.46
CA LEU E 227 24.05 -29.55 -2.45
C LEU E 227 22.87 -29.15 -3.36
N VAL E 228 22.37 -30.11 -4.17
CA VAL E 228 21.31 -29.91 -5.18
C VAL E 228 20.00 -29.36 -4.59
N VAL E 229 19.55 -29.93 -3.46
CA VAL E 229 18.34 -29.49 -2.79
C VAL E 229 18.46 -28.01 -2.31
N SER E 230 19.56 -27.68 -1.61
CA SER E 230 19.84 -26.35 -1.06
C SER E 230 19.86 -25.27 -2.11
N THR E 231 20.74 -25.49 -3.12
CA THR E 231 20.94 -24.59 -4.25
C THR E 231 19.60 -24.45 -4.97
N LEU E 232 18.80 -25.57 -5.10
CA LEU E 232 17.47 -25.52 -5.69
C LEU E 232 16.55 -24.60 -4.88
N ILE E 233 16.51 -24.74 -3.54
CA ILE E 233 15.72 -23.85 -2.69
C ILE E 233 16.13 -22.37 -2.92
N ALA E 234 17.47 -22.08 -3.01
CA ALA E 234 17.97 -20.73 -3.29
C ALA E 234 17.43 -20.21 -4.64
N HIS E 235 17.39 -21.08 -5.66
CA HIS E 235 16.89 -20.75 -6.98
C HIS E 235 15.39 -20.42 -6.93
N ILE E 236 14.61 -21.21 -6.14
CA ILE E 236 13.17 -20.95 -5.97
C ILE E 236 13.00 -19.53 -5.41
N ALA E 237 13.75 -19.19 -4.33
CA ALA E 237 13.75 -17.86 -3.69
C ALA E 237 14.00 -16.74 -4.72
N PHE E 238 14.98 -16.95 -5.63
CA PHE E 238 15.28 -15.99 -6.69
C PHE E 238 14.14 -15.89 -7.69
N ASN E 239 13.61 -17.06 -8.14
CA ASN E 239 12.47 -17.13 -9.07
C ASN E 239 11.28 -16.37 -8.50
N ILE E 240 10.96 -16.52 -7.19
CA ILE E 240 9.87 -15.81 -6.54
C ILE E 240 10.15 -14.32 -6.53
N LEU E 241 11.33 -13.90 -6.00
CA LEU E 241 11.76 -12.49 -5.94
C LEU E 241 11.60 -11.83 -7.30
N VAL E 242 12.01 -12.55 -8.37
CA VAL E 242 11.89 -12.04 -9.74
C VAL E 242 10.41 -11.88 -10.15
N GLU E 243 9.60 -12.98 -10.01
CA GLU E 243 8.20 -12.96 -10.42
C GLU E 243 7.37 -11.91 -9.64
N THR E 244 7.80 -11.48 -8.40
CA THR E 244 7.11 -10.42 -7.64
C THR E 244 7.23 -9.04 -8.32
N ASN E 245 8.39 -8.73 -8.93
CA ASN E 245 8.66 -7.44 -9.61
C ASN E 245 8.15 -7.36 -11.05
N LEU E 246 7.35 -8.35 -11.51
CA LEU E 246 6.86 -8.44 -12.88
C LEU E 246 5.40 -8.87 -12.98
N PRO E 247 4.64 -8.38 -13.97
CA PRO E 247 3.27 -8.87 -14.13
C PRO E 247 3.25 -10.22 -14.86
N LYS E 248 2.10 -10.89 -14.76
CA LYS E 248 1.83 -12.17 -15.37
C LYS E 248 1.51 -11.94 -16.85
N THR E 249 2.53 -12.18 -17.67
CA THR E 249 2.47 -12.04 -19.13
C THR E 249 1.95 -13.34 -19.79
N PRO E 250 1.14 -13.24 -20.87
CA PRO E 250 0.67 -14.46 -21.55
C PRO E 250 1.72 -15.02 -22.52
N TYR E 251 2.97 -14.59 -22.35
CA TYR E 251 4.11 -14.96 -23.16
C TYR E 251 5.33 -15.20 -22.28
N MET E 252 6.36 -15.85 -22.85
CA MET E 252 7.61 -16.12 -22.14
C MET E 252 8.50 -14.89 -22.24
N THR E 253 9.13 -14.54 -21.11
CA THR E 253 10.08 -13.44 -21.00
C THR E 253 11.47 -14.07 -20.96
N TYR E 254 12.51 -13.30 -21.31
CA TYR E 254 13.88 -13.79 -21.36
C TYR E 254 14.35 -14.38 -20.01
N THR E 255 14.18 -13.59 -18.92
CA THR E 255 14.50 -13.95 -17.53
C THR E 255 13.69 -15.20 -17.12
N GLY E 256 12.42 -15.20 -17.49
CA GLY E 256 11.52 -16.31 -17.21
C GLY E 256 11.96 -17.60 -17.82
N ALA E 257 12.33 -17.53 -19.14
CA ALA E 257 12.87 -18.64 -19.94
C ALA E 257 14.11 -19.23 -19.27
N ILE E 258 15.13 -18.35 -18.98
CA ILE E 258 16.38 -18.71 -18.31
C ILE E 258 16.09 -19.43 -17.01
N ILE E 259 15.31 -18.78 -16.10
CA ILE E 259 14.90 -19.31 -14.81
C ILE E 259 14.28 -20.70 -14.97
N PHE E 260 13.31 -20.84 -15.93
CA PHE E 260 12.64 -22.12 -16.19
C PHE E 260 13.64 -23.20 -16.60
N MET E 261 14.52 -22.87 -17.57
CA MET E 261 15.55 -23.75 -18.09
C MET E 261 16.42 -24.27 -16.92
N ILE E 262 16.84 -23.37 -15.99
CA ILE E 262 17.67 -23.71 -14.85
C ILE E 262 17.02 -24.79 -13.98
N TYR E 263 15.68 -24.75 -13.86
CA TYR E 263 14.92 -25.76 -13.11
C TYR E 263 15.17 -27.15 -13.72
N LEU E 264 15.30 -27.23 -15.06
CA LEU E 264 15.54 -28.53 -15.73
C LEU E 264 16.95 -29.05 -15.44
N PHE E 265 17.93 -28.13 -15.32
CA PHE E 265 19.31 -28.48 -14.96
C PHE E 265 19.37 -29.07 -13.56
N TYR E 266 18.53 -28.53 -12.65
CA TYR E 266 18.43 -29.02 -11.27
C TYR E 266 17.81 -30.42 -11.25
N PHE E 267 16.78 -30.63 -12.09
CA PHE E 267 16.12 -31.92 -12.21
C PHE E 267 17.10 -33.02 -12.66
N VAL E 268 17.82 -32.74 -13.75
CA VAL E 268 18.80 -33.66 -14.32
C VAL E 268 19.99 -33.91 -13.34
N ALA E 269 20.38 -32.88 -12.53
CA ALA E 269 21.41 -33.05 -11.52
C ALA E 269 20.92 -34.07 -10.47
N VAL E 270 19.67 -33.91 -9.98
CA VAL E 270 19.01 -34.85 -9.05
C VAL E 270 19.04 -36.27 -9.65
N ILE E 271 18.62 -36.42 -10.93
CA ILE E 271 18.65 -37.71 -11.62
C ILE E 271 20.08 -38.28 -11.61
N GLU E 272 21.10 -37.46 -12.00
CA GLU E 272 22.52 -37.88 -12.03
C GLU E 272 22.94 -38.38 -10.67
N VAL E 273 22.75 -37.53 -9.64
CA VAL E 273 23.05 -37.81 -8.24
C VAL E 273 22.39 -39.13 -7.76
N THR E 274 21.12 -39.35 -8.17
CA THR E 274 20.34 -40.55 -7.87
C THR E 274 20.94 -41.79 -8.54
N VAL E 275 21.15 -41.72 -9.88
CA VAL E 275 21.68 -42.80 -10.71
C VAL E 275 23.06 -43.22 -10.21
N GLN E 276 23.94 -42.22 -9.95
CA GLN E 276 25.30 -42.44 -9.44
C GLN E 276 25.26 -43.32 -8.18
N HIS E 277 24.45 -42.90 -7.19
CA HIS E 277 24.27 -43.60 -5.92
C HIS E 277 23.71 -44.99 -6.07
N TYR E 278 22.63 -45.14 -6.88
CA TYR E 278 22.01 -46.44 -7.15
C TYR E 278 23.08 -47.43 -7.64
N LEU E 279 23.87 -47.00 -8.66
CA LEU E 279 24.96 -47.76 -9.24
C LEU E 279 26.05 -48.07 -8.23
N LYS E 280 26.43 -47.09 -7.38
CA LYS E 280 27.44 -47.27 -6.32
C LYS E 280 27.02 -48.41 -5.40
N VAL E 281 25.75 -48.38 -4.94
CA VAL E 281 25.12 -49.41 -4.10
C VAL E 281 25.06 -50.76 -4.84
N GLU E 282 24.68 -50.73 -6.14
CA GLU E 282 24.58 -51.89 -7.03
C GLU E 282 25.95 -52.51 -7.34
N SER E 283 27.02 -51.97 -6.69
CA SER E 283 28.43 -52.37 -6.82
C SER E 283 28.90 -52.24 -8.27
N GLN E 284 28.55 -51.09 -8.88
CA GLN E 284 28.93 -50.69 -10.24
C GLN E 284 29.50 -49.26 -10.23
N PRO E 285 30.55 -48.97 -9.41
CA PRO E 285 31.09 -47.60 -9.36
C PRO E 285 31.83 -47.14 -10.62
N ALA E 286 32.35 -48.07 -11.43
CA ALA E 286 33.06 -47.73 -12.65
C ALA E 286 32.11 -47.13 -13.68
N ARG E 287 30.84 -47.61 -13.72
CA ARG E 287 29.81 -47.15 -14.64
C ARG E 287 29.31 -45.79 -14.17
N ALA E 288 29.13 -45.68 -12.83
CA ALA E 288 28.72 -44.46 -12.13
C ALA E 288 29.77 -43.38 -12.44
N ALA E 289 31.08 -43.77 -12.38
CA ALA E 289 32.25 -42.92 -12.66
C ALA E 289 32.18 -42.25 -14.03
N SER E 290 31.84 -43.03 -15.10
CA SER E 290 31.71 -42.55 -16.47
C SER E 290 30.63 -41.48 -16.56
N ILE E 291 29.45 -41.76 -15.96
CA ILE E 291 28.31 -40.84 -15.96
C ILE E 291 28.69 -39.53 -15.27
N THR E 292 29.35 -39.60 -14.10
CA THR E 292 29.75 -38.42 -13.31
C THR E 292 30.77 -37.60 -14.07
N ARG E 293 31.78 -38.28 -14.64
CA ARG E 293 32.82 -37.64 -15.48
C ARG E 293 32.22 -36.93 -16.71
N ALA E 294 31.22 -37.57 -17.37
CA ALA E 294 30.54 -37.01 -18.53
C ALA E 294 29.76 -35.76 -18.13
N SER E 295 29.04 -35.84 -17.01
CA SER E 295 28.23 -34.77 -16.45
C SER E 295 29.04 -33.48 -16.21
N ARG E 296 30.33 -33.65 -15.77
CA ARG E 296 31.26 -32.56 -15.51
C ARG E 296 31.45 -31.67 -16.73
N ILE E 297 31.46 -32.27 -17.94
CA ILE E 297 31.58 -31.57 -19.21
C ILE E 297 30.19 -31.23 -19.80
N ALA E 298 29.27 -32.20 -19.77
CA ALA E 298 27.92 -32.07 -20.33
C ALA E 298 27.12 -30.89 -19.77
N PHE E 299 26.98 -30.80 -18.44
CA PHE E 299 26.22 -29.74 -17.77
C PHE E 299 26.67 -28.31 -18.15
N PRO E 300 27.98 -27.95 -18.06
CA PRO E 300 28.38 -26.59 -18.49
C PRO E 300 28.15 -26.35 -19.98
N VAL E 301 28.58 -27.30 -20.85
CA VAL E 301 28.44 -27.22 -22.30
C VAL E 301 26.99 -27.00 -22.73
N VAL E 302 26.08 -27.92 -22.30
CA VAL E 302 24.64 -27.84 -22.58
C VAL E 302 24.07 -26.53 -22.01
N PHE E 303 24.54 -26.09 -20.81
CA PHE E 303 24.08 -24.83 -20.24
C PHE E 303 24.43 -23.62 -21.10
N LEU E 304 25.70 -23.57 -21.57
CA LEU E 304 26.25 -22.52 -22.43
C LEU E 304 25.51 -22.46 -23.78
N LEU E 305 25.34 -23.62 -24.45
CA LEU E 305 24.65 -23.73 -25.74
C LEU E 305 23.19 -23.34 -25.66
N ALA E 306 22.49 -23.86 -24.61
CA ALA E 306 21.09 -23.54 -24.35
C ALA E 306 20.89 -22.01 -24.22
N ASN E 307 21.83 -21.35 -23.51
CA ASN E 307 21.82 -19.91 -23.29
C ASN E 307 22.05 -19.15 -24.58
N ILE E 308 23.00 -19.63 -25.45
CA ILE E 308 23.27 -19.05 -26.77
C ILE E 308 21.99 -19.15 -27.61
N ILE E 309 21.35 -20.35 -27.65
CA ILE E 309 20.07 -20.55 -28.34
C ILE E 309 19.03 -19.55 -27.83
N LEU E 310 18.79 -19.54 -26.50
CA LEU E 310 17.81 -18.65 -25.85
C LEU E 310 18.02 -17.17 -26.19
N ALA E 311 19.29 -16.67 -26.06
CA ALA E 311 19.68 -15.30 -26.36
C ALA E 311 19.39 -15.00 -27.82
N PHE E 312 19.71 -15.96 -28.71
CA PHE E 312 19.44 -15.81 -30.14
C PHE E 312 17.95 -15.60 -30.40
N LEU E 313 17.10 -16.46 -29.81
CA LEU E 313 15.63 -16.41 -29.95
C LEU E 313 15.05 -15.11 -29.43
N PHE E 314 15.49 -14.66 -28.25
CA PHE E 314 14.98 -13.44 -27.65
C PHE E 314 15.52 -12.15 -28.30
N PHE E 315 16.81 -12.13 -28.72
CA PHE E 315 17.45 -10.96 -29.33
C PHE E 315 18.12 -11.38 -30.64
#